data_3F2V
# 
_entry.id   3F2V 
# 
_audit_conform.dict_name       mmcif_pdbx.dic 
_audit_conform.dict_version    5.378 
_audit_conform.dict_location   http://mmcif.pdb.org/dictionaries/ascii/mmcif_pdbx.dic 
# 
loop_
_database_2.database_id 
_database_2.database_code 
_database_2.pdbx_database_accession 
_database_2.pdbx_DOI 
PDB   3F2V         pdb_00003f2v 10.2210/pdb3f2v/pdb 
RCSB  RCSB050077   ?            ?                   
WWPDB D_1000050077 ?            ?                   
# 
_pdbx_database_related.db_name        TargetDB 
_pdbx_database_related.db_id          TdR58 
_pdbx_database_related.details        . 
_pdbx_database_related.content_type   unspecified 
# 
_pdbx_database_status.status_code                     REL 
_pdbx_database_status.entry_id                        3F2V 
_pdbx_database_status.recvd_initial_deposition_date   2008-10-30 
_pdbx_database_status.deposit_site                    RCSB 
_pdbx_database_status.process_site                    RCSB 
_pdbx_database_status.status_code_sf                  REL 
_pdbx_database_status.status_code_mr                  ? 
_pdbx_database_status.SG_entry                        Y 
_pdbx_database_status.pdb_format_compatible           Y 
_pdbx_database_status.status_code_cs                  ? 
_pdbx_database_status.methods_development_category    ? 
_pdbx_database_status.status_code_nmr_data            ? 
# 
loop_
_audit_author.name 
_audit_author.pdbx_ordinal 
'Forouhar, F.'                                    1  
'Lew, S.'                                         2  
'Seetharaman, J.'                                 3  
'Janjua, H.'                                      4  
'Sahdev, S.'                                      5  
'Xiao, R.'                                        6  
'Ciccosanti, C.'                                  7  
'Foote, E.L.'                                     8  
'Belote, R.L.'                                    9  
'Nair, R.'                                        10 
'Everett, J.K.'                                   11 
'Acton, T.B.'                                     12 
'Rost, B.'                                        13 
'Montelione, G.T.'                                14 
'Tong, L.'                                        15 
'Hunt, J.F.'                                      16 
'Northeast Structural Genomics Consortium (NESG)' 17 
# 
_citation.id                        primary 
_citation.title                     
;Crystal structure of the general stress protein 14 (TDE0354) in complex with FMN from Treponema denticola, Northeast Structural Genomics Consortium Target TdR58.
;
_citation.journal_abbrev            'To be Published' 
_citation.journal_volume            ? 
_citation.page_first                ? 
_citation.page_last                 ? 
_citation.year                      ? 
_citation.journal_id_ASTM           ? 
_citation.country                   ? 
_citation.journal_id_ISSN           ? 
_citation.journal_id_CSD            0353 
_citation.book_publisher            ? 
_citation.pdbx_database_id_PubMed   ? 
_citation.pdbx_database_id_DOI      ? 
# 
loop_
_citation_author.citation_id 
_citation_author.name 
_citation_author.ordinal 
_citation_author.identifier_ORCID 
primary 'Forouhar, F.'     1  ? 
primary 'Lew, S.'          2  ? 
primary 'Seetharaman, J.'  3  ? 
primary 'Janjua, H.'       4  ? 
primary 'Sahdev, S.'       5  ? 
primary 'Xiao, R.'         6  ? 
primary 'Ciccosanti, C.'   7  ? 
primary 'Foote, E.L.'      8  ? 
primary 'Belote, R.L.'     9  ? 
primary 'Nair, R.'         10 ? 
primary 'Everett, J.K.'    11 ? 
primary 'Acton, T.B.'      12 ? 
primary 'Rost, B.'         13 ? 
primary 'Montelione, G.T.' 14 ? 
primary 'Tong, L.'         15 ? 
primary 'Hunt, J.F.'       16 ? 
# 
_cell.entry_id           3F2V 
_cell.length_a           59.058 
_cell.length_b           89.622 
_cell.length_c           69.772 
_cell.angle_alpha        90.00 
_cell.angle_beta         90.00 
_cell.angle_gamma        90.00 
_cell.Z_PDB              8 
_cell.pdbx_unique_axis   ? 
_cell.length_a_esd       ? 
_cell.length_b_esd       ? 
_cell.length_c_esd       ? 
_cell.angle_alpha_esd    ? 
_cell.angle_beta_esd     ? 
_cell.angle_gamma_esd    ? 
# 
_symmetry.entry_id                         3F2V 
_symmetry.space_group_name_H-M             'C 2 2 21' 
_symmetry.pdbx_full_space_group_name_H-M   ? 
_symmetry.cell_setting                     ? 
_symmetry.Int_Tables_number                20 
_symmetry.space_group_name_Hall            ? 
# 
loop_
_entity.id 
_entity.type 
_entity.src_method 
_entity.pdbx_description 
_entity.formula_weight 
_entity.pdbx_number_of_molecules 
_entity.pdbx_ec 
_entity.pdbx_mutation 
_entity.pdbx_fragment 
_entity.details 
1 polymer     man 'General stress protein 14' 21892.721 1   ? ? ? ? 
2 non-polymer syn 'FLAVIN MONONUCLEOTIDE'     456.344   1   ? ? ? ? 
3 water       nat water                       18.015    105 ? ? ? ? 
# 
_entity_poly.entity_id                      1 
_entity_poly.type                           'polypeptide(L)' 
_entity_poly.nstd_linkage                   no 
_entity_poly.nstd_monomer                   no 
_entity_poly.pdbx_seq_one_letter_code       
;MPKTLIILAHPNISQSTVHKHWSDAVRQHTDRFTVHELYAVYPQGKIDVAAEQKLIETHDSLVWQFPIYWFNCPPLLKQW
LDEVLTYGWAYGSKGKALKGRKIALAVSLGAPAADYRADGAVGCSVAEVLRPFELTAKYCNADYRPPFTFHTIDSNAGYS
EAARQEVERSARDYLAWLDALQQTLEHHHHHH
;
_entity_poly.pdbx_seq_one_letter_code_can   
;MPKTLIILAHPNISQSTVHKHWSDAVRQHTDRFTVHELYAVYPQGKIDVAAEQKLIETHDSLVWQFPIYWFNCPPLLKQW
LDEVLTYGWAYGSKGKALKGRKIALAVSLGAPAADYRADGAVGCSVAEVLRPFELTAKYCNADYRPPFTFHTIDSNAGYS
EAARQEVERSARDYLAWLDALQQTLEHHHHHH
;
_entity_poly.pdbx_strand_id                 A 
_entity_poly.pdbx_target_identifier         TdR58 
# 
loop_
_entity_poly_seq.entity_id 
_entity_poly_seq.num 
_entity_poly_seq.mon_id 
_entity_poly_seq.hetero 
1 1   MET n 
1 2   PRO n 
1 3   LYS n 
1 4   THR n 
1 5   LEU n 
1 6   ILE n 
1 7   ILE n 
1 8   LEU n 
1 9   ALA n 
1 10  HIS n 
1 11  PRO n 
1 12  ASN n 
1 13  ILE n 
1 14  SER n 
1 15  GLN n 
1 16  SER n 
1 17  THR n 
1 18  VAL n 
1 19  HIS n 
1 20  LYS n 
1 21  HIS n 
1 22  TRP n 
1 23  SER n 
1 24  ASP n 
1 25  ALA n 
1 26  VAL n 
1 27  ARG n 
1 28  GLN n 
1 29  HIS n 
1 30  THR n 
1 31  ASP n 
1 32  ARG n 
1 33  PHE n 
1 34  THR n 
1 35  VAL n 
1 36  HIS n 
1 37  GLU n 
1 38  LEU n 
1 39  TYR n 
1 40  ALA n 
1 41  VAL n 
1 42  TYR n 
1 43  PRO n 
1 44  GLN n 
1 45  GLY n 
1 46  LYS n 
1 47  ILE n 
1 48  ASP n 
1 49  VAL n 
1 50  ALA n 
1 51  ALA n 
1 52  GLU n 
1 53  GLN n 
1 54  LYS n 
1 55  LEU n 
1 56  ILE n 
1 57  GLU n 
1 58  THR n 
1 59  HIS n 
1 60  ASP n 
1 61  SER n 
1 62  LEU n 
1 63  VAL n 
1 64  TRP n 
1 65  GLN n 
1 66  PHE n 
1 67  PRO n 
1 68  ILE n 
1 69  TYR n 
1 70  TRP n 
1 71  PHE n 
1 72  ASN n 
1 73  CYS n 
1 74  PRO n 
1 75  PRO n 
1 76  LEU n 
1 77  LEU n 
1 78  LYS n 
1 79  GLN n 
1 80  TRP n 
1 81  LEU n 
1 82  ASP n 
1 83  GLU n 
1 84  VAL n 
1 85  LEU n 
1 86  THR n 
1 87  TYR n 
1 88  GLY n 
1 89  TRP n 
1 90  ALA n 
1 91  TYR n 
1 92  GLY n 
1 93  SER n 
1 94  LYS n 
1 95  GLY n 
1 96  LYS n 
1 97  ALA n 
1 98  LEU n 
1 99  LYS n 
1 100 GLY n 
1 101 ARG n 
1 102 LYS n 
1 103 ILE n 
1 104 ALA n 
1 105 LEU n 
1 106 ALA n 
1 107 VAL n 
1 108 SER n 
1 109 LEU n 
1 110 GLY n 
1 111 ALA n 
1 112 PRO n 
1 113 ALA n 
1 114 ALA n 
1 115 ASP n 
1 116 TYR n 
1 117 ARG n 
1 118 ALA n 
1 119 ASP n 
1 120 GLY n 
1 121 ALA n 
1 122 VAL n 
1 123 GLY n 
1 124 CYS n 
1 125 SER n 
1 126 VAL n 
1 127 ALA n 
1 128 GLU n 
1 129 VAL n 
1 130 LEU n 
1 131 ARG n 
1 132 PRO n 
1 133 PHE n 
1 134 GLU n 
1 135 LEU n 
1 136 THR n 
1 137 ALA n 
1 138 LYS n 
1 139 TYR n 
1 140 CYS n 
1 141 ASN n 
1 142 ALA n 
1 143 ASP n 
1 144 TYR n 
1 145 ARG n 
1 146 PRO n 
1 147 PRO n 
1 148 PHE n 
1 149 THR n 
1 150 PHE n 
1 151 HIS n 
1 152 THR n 
1 153 ILE n 
1 154 ASP n 
1 155 SER n 
1 156 ASN n 
1 157 ALA n 
1 158 GLY n 
1 159 TYR n 
1 160 SER n 
1 161 GLU n 
1 162 ALA n 
1 163 ALA n 
1 164 ARG n 
1 165 GLN n 
1 166 GLU n 
1 167 VAL n 
1 168 GLU n 
1 169 ARG n 
1 170 SER n 
1 171 ALA n 
1 172 ARG n 
1 173 ASP n 
1 174 TYR n 
1 175 LEU n 
1 176 ALA n 
1 177 TRP n 
1 178 LEU n 
1 179 ASP n 
1 180 ALA n 
1 181 LEU n 
1 182 GLN n 
1 183 GLN n 
1 184 THR n 
1 185 LEU n 
1 186 GLU n 
1 187 HIS n 
1 188 HIS n 
1 189 HIS n 
1 190 HIS n 
1 191 HIS n 
1 192 HIS n 
# 
_entity_src_gen.entity_id                          1 
_entity_src_gen.pdbx_src_id                        1 
_entity_src_gen.pdbx_alt_source_flag               sample 
_entity_src_gen.pdbx_seq_type                      ? 
_entity_src_gen.pdbx_beg_seq_num                   ? 
_entity_src_gen.pdbx_end_seq_num                   ? 
_entity_src_gen.gene_src_common_name               ? 
_entity_src_gen.gene_src_genus                     ? 
_entity_src_gen.pdbx_gene_src_gene                 'TDE0354, TDE_0354' 
_entity_src_gen.gene_src_species                   ? 
_entity_src_gen.gene_src_strain                    'ATCC 35405' 
_entity_src_gen.gene_src_tissue                    ? 
_entity_src_gen.gene_src_tissue_fraction           ? 
_entity_src_gen.gene_src_details                   ? 
_entity_src_gen.pdbx_gene_src_fragment             ? 
_entity_src_gen.pdbx_gene_src_scientific_name      'Treponema denticola' 
_entity_src_gen.pdbx_gene_src_ncbi_taxonomy_id     158 
_entity_src_gen.pdbx_gene_src_variant              ? 
_entity_src_gen.pdbx_gene_src_cell_line            ? 
_entity_src_gen.pdbx_gene_src_atcc                 ? 
_entity_src_gen.pdbx_gene_src_organ                ? 
_entity_src_gen.pdbx_gene_src_organelle            ? 
_entity_src_gen.pdbx_gene_src_cell                 ? 
_entity_src_gen.pdbx_gene_src_cellular_location    ? 
_entity_src_gen.host_org_common_name               ? 
_entity_src_gen.pdbx_host_org_scientific_name      'Escherichia coli' 
_entity_src_gen.pdbx_host_org_ncbi_taxonomy_id     562 
_entity_src_gen.host_org_genus                     ? 
_entity_src_gen.pdbx_host_org_gene                 ? 
_entity_src_gen.pdbx_host_org_organ                ? 
_entity_src_gen.host_org_species                   ? 
_entity_src_gen.pdbx_host_org_tissue               ? 
_entity_src_gen.pdbx_host_org_tissue_fraction      ? 
_entity_src_gen.pdbx_host_org_strain               'BL21(DE3)+Magic' 
_entity_src_gen.pdbx_host_org_variant              ? 
_entity_src_gen.pdbx_host_org_cell_line            ? 
_entity_src_gen.pdbx_host_org_atcc                 ? 
_entity_src_gen.pdbx_host_org_culture_collection   ? 
_entity_src_gen.pdbx_host_org_cell                 ? 
_entity_src_gen.pdbx_host_org_organelle            ? 
_entity_src_gen.pdbx_host_org_cellular_location    ? 
_entity_src_gen.pdbx_host_org_vector_type          plasmid 
_entity_src_gen.pdbx_host_org_vector               ? 
_entity_src_gen.host_org_details                   ? 
_entity_src_gen.expression_system_id               ? 
_entity_src_gen.plasmid_name                       pET21 
_entity_src_gen.plasmid_details                    ? 
_entity_src_gen.pdbx_description                   ? 
# 
_struct_ref.id                         1 
_struct_ref.db_name                    UNP 
_struct_ref.db_code                    Q73QT9_TREDE 
_struct_ref.pdbx_db_accession          Q73QT9 
_struct_ref.entity_id                  1 
_struct_ref.pdbx_seq_one_letter_code   
;MPKTLIILAHPNISQSTVHKHWSDAVRQHTDRFTVHELYAVYPQGKIDVAAEQKLIETHDSLVWQFPIYWFNCPPLLKQW
LDEVLTYGWAYGSKGKALKGRKIALAVSLGAPAADYRADGAVGCSVAEVLRPFELTAKYCNADYRPPFTFHTIDSNAGYS
EAARQEVERSARDYLAWLDALQQT
;
_struct_ref.pdbx_align_begin           1 
_struct_ref.pdbx_db_isoform            ? 
# 
_struct_ref_seq.align_id                      1 
_struct_ref_seq.ref_id                        1 
_struct_ref_seq.pdbx_PDB_id_code              3F2V 
_struct_ref_seq.pdbx_strand_id                A 
_struct_ref_seq.seq_align_beg                 1 
_struct_ref_seq.pdbx_seq_align_beg_ins_code   ? 
_struct_ref_seq.seq_align_end                 184 
_struct_ref_seq.pdbx_seq_align_end_ins_code   ? 
_struct_ref_seq.pdbx_db_accession             Q73QT9 
_struct_ref_seq.db_align_beg                  1 
_struct_ref_seq.pdbx_db_align_beg_ins_code    ? 
_struct_ref_seq.db_align_end                  184 
_struct_ref_seq.pdbx_db_align_end_ins_code    ? 
_struct_ref_seq.pdbx_auth_seq_align_beg       1 
_struct_ref_seq.pdbx_auth_seq_align_end       184 
# 
loop_
_struct_ref_seq_dif.align_id 
_struct_ref_seq_dif.pdbx_pdb_id_code 
_struct_ref_seq_dif.mon_id 
_struct_ref_seq_dif.pdbx_pdb_strand_id 
_struct_ref_seq_dif.seq_num 
_struct_ref_seq_dif.pdbx_pdb_ins_code 
_struct_ref_seq_dif.pdbx_seq_db_name 
_struct_ref_seq_dif.pdbx_seq_db_accession_code 
_struct_ref_seq_dif.db_mon_id 
_struct_ref_seq_dif.pdbx_seq_db_seq_num 
_struct_ref_seq_dif.details 
_struct_ref_seq_dif.pdbx_auth_seq_num 
_struct_ref_seq_dif.pdbx_ordinal 
1 3F2V LEU A 185 ? UNP Q73QT9 ? ? 'expression tag' 185 1 
1 3F2V GLU A 186 ? UNP Q73QT9 ? ? 'expression tag' 186 2 
1 3F2V HIS A 187 ? UNP Q73QT9 ? ? 'expression tag' 187 3 
1 3F2V HIS A 188 ? UNP Q73QT9 ? ? 'expression tag' 188 4 
1 3F2V HIS A 189 ? UNP Q73QT9 ? ? 'expression tag' 189 5 
1 3F2V HIS A 190 ? UNP Q73QT9 ? ? 'expression tag' 190 6 
1 3F2V HIS A 191 ? UNP Q73QT9 ? ? 'expression tag' 191 7 
1 3F2V HIS A 192 ? UNP Q73QT9 ? ? 'expression tag' 192 8 
# 
loop_
_chem_comp.id 
_chem_comp.type 
_chem_comp.mon_nstd_flag 
_chem_comp.name 
_chem_comp.pdbx_synonyms 
_chem_comp.formula 
_chem_comp.formula_weight 
ALA 'L-peptide linking' y ALANINE                 ?                          'C3 H7 N O2'      89.093  
ARG 'L-peptide linking' y ARGININE                ?                          'C6 H15 N4 O2 1'  175.209 
ASN 'L-peptide linking' y ASPARAGINE              ?                          'C4 H8 N2 O3'     132.118 
ASP 'L-peptide linking' y 'ASPARTIC ACID'         ?                          'C4 H7 N O4'      133.103 
CYS 'L-peptide linking' y CYSTEINE                ?                          'C3 H7 N O2 S'    121.158 
FMN non-polymer         . 'FLAVIN MONONUCLEOTIDE' 'RIBOFLAVIN MONOPHOSPHATE' 'C17 H21 N4 O9 P' 456.344 
GLN 'L-peptide linking' y GLUTAMINE               ?                          'C5 H10 N2 O3'    146.144 
GLU 'L-peptide linking' y 'GLUTAMIC ACID'         ?                          'C5 H9 N O4'      147.129 
GLY 'peptide linking'   y GLYCINE                 ?                          'C2 H5 N O2'      75.067  
HIS 'L-peptide linking' y HISTIDINE               ?                          'C6 H10 N3 O2 1'  156.162 
HOH non-polymer         . WATER                   ?                          'H2 O'            18.015  
ILE 'L-peptide linking' y ISOLEUCINE              ?                          'C6 H13 N O2'     131.173 
LEU 'L-peptide linking' y LEUCINE                 ?                          'C6 H13 N O2'     131.173 
LYS 'L-peptide linking' y LYSINE                  ?                          'C6 H15 N2 O2 1'  147.195 
MET 'L-peptide linking' y METHIONINE              ?                          'C5 H11 N O2 S'   149.211 
PHE 'L-peptide linking' y PHENYLALANINE           ?                          'C9 H11 N O2'     165.189 
PRO 'L-peptide linking' y PROLINE                 ?                          'C5 H9 N O2'      115.130 
SER 'L-peptide linking' y SERINE                  ?                          'C3 H7 N O3'      105.093 
THR 'L-peptide linking' y THREONINE               ?                          'C4 H9 N O3'      119.119 
TRP 'L-peptide linking' y TRYPTOPHAN              ?                          'C11 H12 N2 O2'   204.225 
TYR 'L-peptide linking' y TYROSINE                ?                          'C9 H11 N O3'     181.189 
VAL 'L-peptide linking' y VALINE                  ?                          'C5 H11 N O2'     117.146 
# 
_exptl.entry_id          3F2V 
_exptl.method            'X-RAY DIFFRACTION' 
_exptl.crystals_number   1 
# 
_exptl_crystal.id                    1 
_exptl_crystal.density_meas          ? 
_exptl_crystal.density_Matthews      2.11 
_exptl_crystal.density_percent_sol   41.67 
_exptl_crystal.description           ? 
_exptl_crystal.F_000                 ? 
_exptl_crystal.preparation           ? 
# 
_exptl_crystal_grow.crystal_id      1 
_exptl_crystal_grow.method          'microbatch under oil' 
_exptl_crystal_grow.temp            277 
_exptl_crystal_grow.temp_details    ? 
_exptl_crystal_grow.pH              7 
_exptl_crystal_grow.pdbx_details    
;Protein solution: 10 mM Tris (pH 7.5), 100 mM sodium chloride, and 5 mM DTT. Reservoir solution: 50 mM HEPES (pH 7), 20% PEG 3350, and 1% Tryptone., microbatch under oil, temperature 277K
;
_exptl_crystal_grow.pdbx_pH_range   ? 
# 
_diffrn.id                     1 
_diffrn.ambient_temp           100 
_diffrn.ambient_temp_details   ? 
_diffrn.crystal_id             1 
# 
_diffrn_detector.diffrn_id              1 
_diffrn_detector.detector               'IMAGE PLATE' 
_diffrn_detector.type                   'RIGAKU RAXIS IV' 
_diffrn_detector.pdbx_collection_date   2008-10-21 
_diffrn_detector.details                'VariMax HR' 
# 
_diffrn_radiation.diffrn_id                        1 
_diffrn_radiation.wavelength_id                    1 
_diffrn_radiation.pdbx_monochromatic_or_laue_m_l   M 
_diffrn_radiation.monochromator                    'Osmium filter' 
_diffrn_radiation.pdbx_diffrn_protocol             'SINGLE WAVELENGTH' 
_diffrn_radiation.pdbx_scattering_type             x-ray 
# 
_diffrn_radiation_wavelength.id           1 
_diffrn_radiation_wavelength.wavelength   1.5418 
_diffrn_radiation_wavelength.wt           1.0 
# 
_diffrn_source.diffrn_id                   1 
_diffrn_source.source                      'ROTATING ANODE' 
_diffrn_source.type                        RIGAKU 
_diffrn_source.pdbx_synchrotron_site       ? 
_diffrn_source.pdbx_synchrotron_beamline   ? 
_diffrn_source.pdbx_wavelength             1.5418 
_diffrn_source.pdbx_wavelength_list        ? 
# 
_reflns.entry_id                     3F2V 
_reflns.observed_criterion_sigma_I   0 
_reflns.observed_criterion_sigma_F   0 
_reflns.d_resolution_low             30 
_reflns.d_resolution_high            2.0 
_reflns.number_obs                   24036 
_reflns.number_all                   24229 
_reflns.percent_possible_obs         99.2 
_reflns.pdbx_Rmerge_I_obs            0.042 
_reflns.pdbx_Rsym_value              0.033 
_reflns.pdbx_netI_over_sigmaI        42.2 
_reflns.B_iso_Wilson_estimate        11.6 
_reflns.pdbx_redundancy              7.3 
_reflns.R_free_details               ? 
_reflns.limit_h_max                  ? 
_reflns.limit_h_min                  ? 
_reflns.limit_k_max                  ? 
_reflns.limit_k_min                  ? 
_reflns.limit_l_max                  ? 
_reflns.limit_l_min                  ? 
_reflns.observed_criterion_F_max     ? 
_reflns.observed_criterion_F_min     ? 
_reflns.pdbx_chi_squared             ? 
_reflns.pdbx_scaling_rejects         ? 
_reflns.pdbx_diffrn_id               1 
_reflns.pdbx_ordinal                 1 
# 
_reflns_shell.d_res_high             2.0 
_reflns_shell.d_res_low              2.07 
_reflns_shell.percent_possible_all   92.2 
_reflns_shell.Rmerge_I_obs           0.162 
_reflns_shell.pdbx_Rsym_value        0.161 
_reflns_shell.meanI_over_sigI_obs    8.4 
_reflns_shell.pdbx_redundancy        3.6 
_reflns_shell.percent_possible_obs   ? 
_reflns_shell.number_unique_all      2402 
_reflns_shell.number_measured_all    ? 
_reflns_shell.number_measured_obs    ? 
_reflns_shell.number_unique_obs      ? 
_reflns_shell.pdbx_chi_squared       ? 
_reflns_shell.pdbx_diffrn_id         ? 
_reflns_shell.pdbx_ordinal           1 
# 
_refine.entry_id                                 3F2V 
_refine.ls_number_reflns_obs                     23077 
_refine.ls_number_reflns_all                     24139 
_refine.pdbx_ls_sigma_I                          2.0 
_refine.pdbx_ls_sigma_F                          2.0 
_refine.pdbx_data_cutoff_high_absF               648646.43 
_refine.pdbx_data_cutoff_low_absF                0.000000 
_refine.pdbx_data_cutoff_high_rms_absF           ? 
_refine.ls_d_res_low                             19.23 
_refine.ls_d_res_high                            2.00 
_refine.ls_percent_reflns_obs                    95.6 
_refine.ls_R_factor_obs                          0.204 
_refine.ls_R_factor_all                          0.205 
_refine.ls_R_factor_R_work                       0.204 
_refine.ls_R_factor_R_free                       0.228 
_refine.ls_R_factor_R_free_error                 0.007 
_refine.ls_R_factor_R_free_error_details         ? 
_refine.ls_percent_reflns_R_free                 4.8 
_refine.ls_number_reflns_R_free                  1114 
_refine.ls_number_parameters                     ? 
_refine.ls_number_restraints                     ? 
_refine.occupancy_min                            ? 
_refine.occupancy_max                            ? 
_refine.correlation_coeff_Fo_to_Fc               ? 
_refine.correlation_coeff_Fo_to_Fc_free          ? 
_refine.B_iso_mean                               19.4 
_refine.aniso_B[1][1]                            -0.48 
_refine.aniso_B[2][2]                            2.86 
_refine.aniso_B[3][3]                            -2.38 
_refine.aniso_B[1][2]                            0.00 
_refine.aniso_B[1][3]                            0.00 
_refine.aniso_B[2][3]                            0.00 
_refine.solvent_model_details                    'FLAT MODEL' 
_refine.solvent_model_param_ksol                 0.4 
_refine.solvent_model_param_bsol                 43.1809 
_refine.pdbx_solvent_vdw_probe_radii             ? 
_refine.pdbx_solvent_ion_probe_radii             ? 
_refine.pdbx_solvent_shrinkage_radii             ? 
_refine.pdbx_ls_cross_valid_method               THROUGHOUT 
_refine.details                                  ? 
_refine.pdbx_starting_model                      1QR2 
_refine.pdbx_method_to_determine_struct          'MOLECULAR REPLACEMENT' 
_refine.pdbx_isotropic_thermal_model             RESTRAINED 
_refine.pdbx_stereochemistry_target_values       'Engh & Huber' 
_refine.pdbx_stereochem_target_val_spec_case     ? 
_refine.pdbx_R_Free_selection_details            RANDOM 
_refine.pdbx_overall_ESU_R                       ? 
_refine.pdbx_overall_ESU_R_Free                  ? 
_refine.overall_SU_ML                            ? 
_refine.overall_SU_B                             ? 
_refine.ls_redundancy_reflns_obs                 ? 
_refine.B_iso_min                                ? 
_refine.B_iso_max                                ? 
_refine.overall_SU_R_Cruickshank_DPI             ? 
_refine.overall_SU_R_free                        ? 
_refine.ls_wR_factor_R_free                      ? 
_refine.ls_wR_factor_R_work                      ? 
_refine.overall_FOM_free_R_set                   ? 
_refine.overall_FOM_work_R_set                   ? 
_refine.pdbx_overall_phase_error                 ? 
_refine.pdbx_refine_id                           'X-RAY DIFFRACTION' 
_refine.pdbx_diffrn_id                           1 
_refine.pdbx_TLS_residual_ADP_flag               ? 
_refine.pdbx_overall_SU_R_free_Cruickshank_DPI   ? 
_refine.pdbx_overall_SU_R_Blow_DPI               ? 
_refine.pdbx_overall_SU_R_free_Blow_DPI          ? 
# 
_refine_analyze.entry_id                        3F2V 
_refine_analyze.Luzzati_coordinate_error_obs    0.22 
_refine_analyze.Luzzati_sigma_a_obs             0.09 
_refine_analyze.Luzzati_d_res_low_obs           5.00 
_refine_analyze.Luzzati_coordinate_error_free   0.27 
_refine_analyze.Luzzati_sigma_a_free            0.20 
_refine_analyze.Luzzati_d_res_low_free          ? 
_refine_analyze.number_disordered_residues      ? 
_refine_analyze.occupancy_sum_hydrogen          ? 
_refine_analyze.occupancy_sum_non_hydrogen      ? 
_refine_analyze.pdbx_Luzzati_d_res_high_obs     ? 
_refine_analyze.pdbx_refine_id                  'X-RAY DIFFRACTION' 
# 
_refine_hist.pdbx_refine_id                   'X-RAY DIFFRACTION' 
_refine_hist.cycle_id                         LAST 
_refine_hist.pdbx_number_atoms_protein        1397 
_refine_hist.pdbx_number_atoms_nucleic_acid   0 
_refine_hist.pdbx_number_atoms_ligand         31 
_refine_hist.number_atoms_solvent             105 
_refine_hist.number_atoms_total               1533 
_refine_hist.d_res_high                       2.00 
_refine_hist.d_res_low                        19.23 
# 
loop_
_refine_ls_restr.type 
_refine_ls_restr.dev_ideal 
_refine_ls_restr.dev_ideal_target 
_refine_ls_restr.weight 
_refine_ls_restr.number 
_refine_ls_restr.pdbx_refine_id 
_refine_ls_restr.pdbx_restraint_function 
c_bond_d           0.012 ? ? ? 'X-RAY DIFFRACTION' ? 
c_angle_deg        1.2   ? ? ? 'X-RAY DIFFRACTION' ? 
c_dihedral_angle_d 21.6  ? ? ? 'X-RAY DIFFRACTION' ? 
c_improper_angle_d 1.01  ? ? ? 'X-RAY DIFFRACTION' ? 
# 
_refine_ls_shell.pdbx_total_number_of_bins_used   10 
_refine_ls_shell.d_res_high                       2.00 
_refine_ls_shell.d_res_low                        2.07 
_refine_ls_shell.number_reflns_R_work             1851 
_refine_ls_shell.R_factor_R_work                  0.221 
_refine_ls_shell.percent_reflns_obs               81.6 
_refine_ls_shell.R_factor_R_free                  0.274 
_refine_ls_shell.R_factor_R_free_error            0.027 
_refine_ls_shell.percent_reflns_R_free            5.4 
_refine_ls_shell.number_reflns_R_free             105 
_refine_ls_shell.number_reflns_all                ? 
_refine_ls_shell.R_factor_all                     ? 
_refine_ls_shell.number_reflns_obs                1851 
_refine_ls_shell.redundancy_reflns_obs            ? 
_refine_ls_shell.pdbx_refine_id                   'X-RAY DIFFRACTION' 
# 
_struct.entry_id                  3F2V 
_struct.title                     
;Crystal structure of the general stress protein 14 (TDE0354) in complex with FMN from Treponema denticola, Northeast Structural Genomics Consortium Target TdR58.
;
_struct.pdbx_model_details        ? 
_struct.pdbx_CASP_flag            ? 
_struct.pdbx_model_type_details   ? 
# 
_struct_keywords.entry_id        3F2V 
_struct_keywords.pdbx_keywords   'structural genomics, unknown function' 
_struct_keywords.text            
;alpha-beta protein., Structural Genomics, PSI-2, Protein Structure Initiative, Northeast Structural Genomics Consortium, NESG, unknown function
;
# 
loop_
_struct_asym.id 
_struct_asym.pdbx_blank_PDB_chainid_flag 
_struct_asym.pdbx_modified 
_struct_asym.entity_id 
_struct_asym.details 
A N N 1 ? 
B N N 2 ? 
C N N 3 ? 
# 
loop_
_struct_conf.conf_type_id 
_struct_conf.id 
_struct_conf.pdbx_PDB_helix_id 
_struct_conf.beg_label_comp_id 
_struct_conf.beg_label_asym_id 
_struct_conf.beg_label_seq_id 
_struct_conf.pdbx_beg_PDB_ins_code 
_struct_conf.end_label_comp_id 
_struct_conf.end_label_asym_id 
_struct_conf.end_label_seq_id 
_struct_conf.pdbx_end_PDB_ins_code 
_struct_conf.beg_auth_comp_id 
_struct_conf.beg_auth_asym_id 
_struct_conf.beg_auth_seq_id 
_struct_conf.end_auth_comp_id 
_struct_conf.end_auth_asym_id 
_struct_conf.end_auth_seq_id 
_struct_conf.pdbx_PDB_helix_class 
_struct_conf.details 
_struct_conf.pdbx_PDB_helix_length 
HELX_P HELX_P1 1 ASN A 12  ? SER A 16  ? ASN A 12  SER A 16  5 ? 5  
HELX_P HELX_P2 2 THR A 17  ? ARG A 27  ? THR A 17  ARG A 27  1 ? 11 
HELX_P HELX_P3 3 LEU A 38  ? TYR A 42  ? LEU A 38  TYR A 42  1 ? 5  
HELX_P HELX_P4 4 ASP A 48  ? THR A 58  ? ASP A 48  THR A 58  1 ? 11 
HELX_P HELX_P5 5 PRO A 74  ? LEU A 85  ? PRO A 74  LEU A 85  1 ? 12 
HELX_P HELX_P6 6 PRO A 112 ? TYR A 116 ? PRO A 112 TYR A 116 5 ? 5  
HELX_P HELX_P7 7 SER A 125 ? CYS A 140 ? SER A 125 CYS A 140 1 ? 16 
HELX_P HELX_P8 8 SER A 160 ? GLN A 182 ? SER A 160 GLN A 182 1 ? 23 
# 
_struct_conf_type.id          HELX_P 
_struct_conf_type.criteria    ? 
_struct_conf_type.reference   ? 
# 
loop_
_struct_sheet.id 
_struct_sheet.type 
_struct_sheet.number_strands 
_struct_sheet.details 
A ? 5 ? 
B ? 5 ? 
# 
loop_
_struct_sheet_order.sheet_id 
_struct_sheet_order.range_id_1 
_struct_sheet_order.range_id_2 
_struct_sheet_order.offset 
_struct_sheet_order.sense 
A 1 2 ? parallel 
A 2 3 ? parallel 
A 3 4 ? parallel 
A 4 5 ? parallel 
B 1 2 ? parallel 
B 2 3 ? parallel 
B 3 4 ? parallel 
B 4 5 ? parallel 
# 
loop_
_struct_sheet_range.sheet_id 
_struct_sheet_range.id 
_struct_sheet_range.beg_label_comp_id 
_struct_sheet_range.beg_label_asym_id 
_struct_sheet_range.beg_label_seq_id 
_struct_sheet_range.pdbx_beg_PDB_ins_code 
_struct_sheet_range.end_label_comp_id 
_struct_sheet_range.end_label_asym_id 
_struct_sheet_range.end_label_seq_id 
_struct_sheet_range.pdbx_end_PDB_ins_code 
_struct_sheet_range.beg_auth_comp_id 
_struct_sheet_range.beg_auth_asym_id 
_struct_sheet_range.beg_auth_seq_id 
_struct_sheet_range.end_auth_comp_id 
_struct_sheet_range.end_auth_asym_id 
_struct_sheet_range.end_auth_seq_id 
A 1 PHE A 33  ? GLU A 37  ? PHE A 33  GLU A 37  
A 2 THR A 4   ? LEU A 8   ? THR A 4   LEU A 8   
A 3 LEU A 62  ? PRO A 67  ? LEU A 62  PRO A 67  
A 4 LYS A 102 ? LEU A 109 ? LYS A 102 LEU A 109 
A 5 ASP A 143 ? TYR A 144 ? ASP A 143 TYR A 144 
B 1 PHE A 33  ? GLU A 37  ? PHE A 33  GLU A 37  
B 2 THR A 4   ? LEU A 8   ? THR A 4   LEU A 8   
B 3 LEU A 62  ? PRO A 67  ? LEU A 62  PRO A 67  
B 4 LYS A 102 ? LEU A 109 ? LYS A 102 LEU A 109 
B 5 PHE A 148 ? HIS A 151 ? PHE A 148 HIS A 151 
# 
loop_
_pdbx_struct_sheet_hbond.sheet_id 
_pdbx_struct_sheet_hbond.range_id_1 
_pdbx_struct_sheet_hbond.range_id_2 
_pdbx_struct_sheet_hbond.range_1_label_atom_id 
_pdbx_struct_sheet_hbond.range_1_label_comp_id 
_pdbx_struct_sheet_hbond.range_1_label_asym_id 
_pdbx_struct_sheet_hbond.range_1_label_seq_id 
_pdbx_struct_sheet_hbond.range_1_PDB_ins_code 
_pdbx_struct_sheet_hbond.range_1_auth_atom_id 
_pdbx_struct_sheet_hbond.range_1_auth_comp_id 
_pdbx_struct_sheet_hbond.range_1_auth_asym_id 
_pdbx_struct_sheet_hbond.range_1_auth_seq_id 
_pdbx_struct_sheet_hbond.range_2_label_atom_id 
_pdbx_struct_sheet_hbond.range_2_label_comp_id 
_pdbx_struct_sheet_hbond.range_2_label_asym_id 
_pdbx_struct_sheet_hbond.range_2_label_seq_id 
_pdbx_struct_sheet_hbond.range_2_PDB_ins_code 
_pdbx_struct_sheet_hbond.range_2_auth_atom_id 
_pdbx_struct_sheet_hbond.range_2_auth_comp_id 
_pdbx_struct_sheet_hbond.range_2_auth_asym_id 
_pdbx_struct_sheet_hbond.range_2_auth_seq_id 
A 1 2 O HIS A 36  ? O HIS A 36  N ILE A 6   ? N ILE A 6   
A 2 3 N ILE A 7   ? N ILE A 7   O VAL A 63  ? O VAL A 63  
A 3 4 N LEU A 62  ? N LEU A 62  O LYS A 102 ? O LYS A 102 
A 4 5 N ILE A 103 ? N ILE A 103 O ASP A 143 ? O ASP A 143 
B 1 2 O HIS A 36  ? O HIS A 36  N ILE A 6   ? N ILE A 6   
B 2 3 N ILE A 7   ? N ILE A 7   O VAL A 63  ? O VAL A 63  
B 3 4 N LEU A 62  ? N LEU A 62  O LYS A 102 ? O LYS A 102 
B 4 5 N LEU A 105 ? N LEU A 105 O PHE A 148 ? O PHE A 148 
# 
_struct_site.id                   AC1 
_struct_site.pdbx_evidence_code   Software 
_struct_site.pdbx_auth_asym_id    A 
_struct_site.pdbx_auth_comp_id    FMN 
_struct_site.pdbx_auth_seq_id     201 
_struct_site.pdbx_auth_ins_code   ? 
_struct_site.pdbx_num_residues    15 
_struct_site.details              'BINDING SITE FOR RESIDUE FMN A 201' 
# 
loop_
_struct_site_gen.id 
_struct_site_gen.site_id 
_struct_site_gen.pdbx_num_res 
_struct_site_gen.label_comp_id 
_struct_site_gen.label_asym_id 
_struct_site_gen.label_seq_id 
_struct_site_gen.pdbx_auth_ins_code 
_struct_site_gen.auth_comp_id 
_struct_site_gen.auth_asym_id 
_struct_site_gen.auth_seq_id 
_struct_site_gen.label_atom_id 
_struct_site_gen.label_alt_id 
_struct_site_gen.symmetry 
_struct_site_gen.details 
1  AC1 15 HIS A 10  ? HIS A 10  . ? 1_555 ? 
2  AC1 15 SER A 16  ? SER A 16  . ? 1_555 ? 
3  AC1 15 THR A 17  ? THR A 17  . ? 1_555 ? 
4  AC1 15 VAL A 18  ? VAL A 18  . ? 1_555 ? 
5  AC1 15 HIS A 19  ? HIS A 19  . ? 1_555 ? 
6  AC1 15 ILE A 68  ? ILE A 68  . ? 1_555 ? 
7  AC1 15 TYR A 69  ? TYR A 69  . ? 1_555 ? 
8  AC1 15 TRP A 70  ? TRP A 70  . ? 1_555 ? 
9  AC1 15 PHE A 71  ? PHE A 71  . ? 1_555 ? 
10 AC1 15 ASP A 82  ? ASP A 82  . ? 4_556 ? 
11 AC1 15 SER A 108 ? SER A 108 . ? 1_555 ? 
12 AC1 15 LEU A 109 ? LEU A 109 . ? 1_555 ? 
13 AC1 15 GLY A 110 ? GLY A 110 . ? 1_555 ? 
14 AC1 15 TYR A 116 ? TYR A 116 . ? 1_555 ? 
15 AC1 15 HOH C .   ? HOH A 196 . ? 4_556 ? 
# 
_atom_sites.entry_id                    3F2V 
_atom_sites.fract_transf_matrix[1][1]   -0.00065518 
_atom_sites.fract_transf_matrix[1][2]   -0.00876620 
_atom_sites.fract_transf_matrix[1][3]   0.01447242 
_atom_sites.fract_transf_matrix[2][1]   -0.00646124 
_atom_sites.fract_transf_matrix[2][2]   -0.00764825 
_atom_sites.fract_transf_matrix[2][3]   -0.00492519 
_atom_sites.fract_transf_matrix[3][1]   0.01167141 
_atom_sites.fract_transf_matrix[3][2]   -0.00733800 
_atom_sites.fract_transf_matrix[3][3]   -0.00391638 
_atom_sites.fract_transf_vector[1]      0.242404 
_atom_sites.fract_transf_vector[2]      0.063359 
_atom_sites.fract_transf_vector[3]      0.332344 
# 
loop_
_atom_type.symbol 
C 
N 
O 
P 
S 
# 
loop_
_atom_site.group_PDB 
_atom_site.id 
_atom_site.type_symbol 
_atom_site.label_atom_id 
_atom_site.label_alt_id 
_atom_site.label_comp_id 
_atom_site.label_asym_id 
_atom_site.label_entity_id 
_atom_site.label_seq_id 
_atom_site.pdbx_PDB_ins_code 
_atom_site.Cartn_x 
_atom_site.Cartn_y 
_atom_site.Cartn_z 
_atom_site.occupancy 
_atom_site.B_iso_or_equiv 
_atom_site.pdbx_formal_charge 
_atom_site.auth_seq_id 
_atom_site.auth_comp_id 
_atom_site.auth_asym_id 
_atom_site.auth_atom_id 
_atom_site.pdbx_PDB_model_num 
ATOM   1    N N     . PRO A 1 2   ? -15.979 -9.302  -4.293  1.00 35.16 ? 2   PRO A N     1 
ATOM   2    C CA    . PRO A 1 2   ? -15.459 -9.132  -2.915  1.00 34.54 ? 2   PRO A CA    1 
ATOM   3    C C     . PRO A 1 2   ? -14.949 -7.707  -2.678  1.00 33.33 ? 2   PRO A C     1 
ATOM   4    O O     . PRO A 1 2   ? -14.971 -6.872  -3.581  1.00 33.52 ? 2   PRO A O     1 
ATOM   5    C CB    . PRO A 1 2   ? -14.336 -10.151 -2.736  1.00 35.48 ? 2   PRO A CB    1 
ATOM   6    C CG    . PRO A 1 2   ? -13.879 -10.355 -4.179  1.00 36.57 ? 2   PRO A CG    1 
ATOM   7    C CD    . PRO A 1 2   ? -15.173 -10.305 -5.013  1.00 35.65 ? 2   PRO A CD    1 
ATOM   8    N N     . LYS A 1 3   ? -14.488 -7.432  -1.463  1.00 30.17 ? 3   LYS A N     1 
ATOM   9    C CA    . LYS A 1 3   ? -13.990 -6.101  -1.139  1.00 26.76 ? 3   LYS A CA    1 
ATOM   10   C C     . LYS A 1 3   ? -12.494 -5.929  -1.381  1.00 23.35 ? 3   LYS A C     1 
ATOM   11   O O     . LYS A 1 3   ? -11.814 -6.857  -1.822  1.00 21.10 ? 3   LYS A O     1 
ATOM   12   C CB    . LYS A 1 3   ? -14.337 -5.762  0.308   1.00 28.87 ? 3   LYS A CB    1 
ATOM   13   C CG    . LYS A 1 3   ? -14.325 -6.943  1.250   1.00 30.45 ? 3   LYS A CG    1 
ATOM   14   C CD    . LYS A 1 3   ? -15.067 -6.601  2.530   1.00 30.54 ? 3   LYS A CD    1 
ATOM   15   C CE    . LYS A 1 3   ? -15.139 -7.794  3.453   1.00 31.63 ? 3   LYS A CE    1 
ATOM   16   N NZ    . LYS A 1 3   ? -15.835 -7.438  4.716   1.00 30.29 ? 3   LYS A NZ    1 
ATOM   17   N N     . THR A 1 4   ? -11.992 -4.730  -1.097  1.00 19.91 ? 4   THR A N     1 
ATOM   18   C CA    . THR A 1 4   ? -10.583 -4.411  -1.296  1.00 17.89 ? 4   THR A CA    1 
ATOM   19   C C     . THR A 1 4   ? -9.755  -4.716  -0.055  1.00 15.99 ? 4   THR A C     1 
ATOM   20   O O     . THR A 1 4   ? -10.111 -4.324  1.061   1.00 14.49 ? 4   THR A O     1 
ATOM   21   C CB    . THR A 1 4   ? -10.390 -2.916  -1.658  1.00 17.54 ? 4   THR A CB    1 
ATOM   22   O OG1   . THR A 1 4   ? -11.077 -2.627  -2.878  1.00 17.32 ? 4   THR A OG1   1 
ATOM   23   C CG2   . THR A 1 4   ? -8.910  -2.587  -1.824  1.00 18.74 ? 4   THR A CG2   1 
ATOM   24   N N     . LEU A 1 5   ? -8.643  -5.415  -0.265  1.00 12.60 ? 5   LEU A N     1 
ATOM   25   C CA    . LEU A 1 5   ? -7.749  -5.778  0.822   1.00 12.46 ? 5   LEU A CA    1 
ATOM   26   C C     . LEU A 1 5   ? -6.622  -4.759  0.913   1.00 11.17 ? 5   LEU A C     1 
ATOM   27   O O     . LEU A 1 5   ? -5.904  -4.529  -0.058  1.00 11.59 ? 5   LEU A O     1 
ATOM   28   C CB    . LEU A 1 5   ? -7.169  -7.176  0.585   1.00 12.11 ? 5   LEU A CB    1 
ATOM   29   C CG    . LEU A 1 5   ? -6.076  -7.632  1.559   1.00 12.61 ? 5   LEU A CG    1 
ATOM   30   C CD1   . LEU A 1 5   ? -6.652  -7.708  2.968   1.00 12.21 ? 5   LEU A CD1   1 
ATOM   31   C CD2   . LEU A 1 5   ? -5.529  -8.991  1.122   1.00 10.53 ? 5   LEU A CD2   1 
ATOM   32   N N     . ILE A 1 6   ? -6.471  -4.152  2.083   1.00 10.59 ? 6   ILE A N     1 
ATOM   33   C CA    . ILE A 1 6   ? -5.427  -3.155  2.290   1.00 10.76 ? 6   ILE A CA    1 
ATOM   34   C C     . ILE A 1 6   ? -4.315  -3.734  3.160   1.00 11.34 ? 6   ILE A C     1 
ATOM   35   O O     . ILE A 1 6   ? -4.517  -4.045  4.334   1.00 10.77 ? 6   ILE A O     1 
ATOM   36   C CB    . ILE A 1 6   ? -5.970  -1.874  2.981   1.00 11.47 ? 6   ILE A CB    1 
ATOM   37   C CG1   . ILE A 1 6   ? -7.031  -1.190  2.109   1.00 13.63 ? 6   ILE A CG1   1 
ATOM   38   C CG2   . ILE A 1 6   ? -4.834  -0.876  3.197   1.00 9.57  ? 6   ILE A CG2   1 
ATOM   39   C CD1   . ILE A 1 6   ? -8.312  -1.992  1.914   1.00 21.14 ? 6   ILE A CD1   1 
ATOM   40   N N     . ILE A 1 7   ? -3.144  -3.898  2.563   1.00 10.28 ? 7   ILE A N     1 
ATOM   41   C CA    . ILE A 1 7   ? -2.000  -4.410  3.288   1.00 10.76 ? 7   ILE A CA    1 
ATOM   42   C C     . ILE A 1 7   ? -1.323  -3.145  3.825   1.00 11.29 ? 7   ILE A C     1 
ATOM   43   O O     . ILE A 1 7   ? -0.635  -2.439  3.085   1.00 10.28 ? 7   ILE A O     1 
ATOM   44   C CB    . ILE A 1 7   ? -1.037  -5.165  2.347   1.00 9.84  ? 7   ILE A CB    1 
ATOM   45   C CG1   . ILE A 1 7   ? -1.778  -6.302  1.630   1.00 8.91  ? 7   ILE A CG1   1 
ATOM   46   C CG2   . ILE A 1 7   ? 0.150   -5.708  3.150   1.00 10.29 ? 7   ILE A CG2   1 
ATOM   47   C CD1   . ILE A 1 7   ? -2.267  -7.421  2.545   1.00 9.45  ? 7   ILE A CD1   1 
ATOM   48   N N     . LEU A 1 8   ? -1.557  -2.846  5.098   1.00 10.60 ? 8   LEU A N     1 
ATOM   49   C CA    . LEU A 1 8   ? -0.977  -1.659  5.721   1.00 13.20 ? 8   LEU A CA    1 
ATOM   50   C C     . LEU A 1 8   ? 0.291   -2.038  6.470   1.00 12.91 ? 8   LEU A C     1 
ATOM   51   O O     . LEU A 1 8   ? 0.264   -2.839  7.411   1.00 12.70 ? 8   LEU A O     1 
ATOM   52   C CB    . LEU A 1 8   ? -1.992  -1.004  6.674   1.00 13.14 ? 8   LEU A CB    1 
ATOM   53   C CG    . LEU A 1 8   ? -1.514  0.098   7.639   1.00 18.64 ? 8   LEU A CG    1 
ATOM   54   C CD1   . LEU A 1 8   ? -0.689  1.132   6.910   1.00 20.44 ? 8   LEU A CD1   1 
ATOM   55   C CD2   . LEU A 1 8   ? -2.734  0.758   8.303   1.00 19.08 ? 8   LEU A CD2   1 
ATOM   56   N N     . ALA A 1 9   ? 1.405   -1.469  6.021   1.00 12.53 ? 9   ALA A N     1 
ATOM   57   C CA    . ALA A 1 9   ? 2.705   -1.730  6.622   1.00 12.76 ? 9   ALA A CA    1 
ATOM   58   C C     . ALA A 1 9   ? 3.318   -0.451  7.188   1.00 12.62 ? 9   ALA A C     1 
ATOM   59   O O     . ALA A 1 9   ? 3.818   0.396   6.445   1.00 11.07 ? 9   ALA A O     1 
ATOM   60   C CB    . ALA A 1 9   ? 3.638   -2.346  5.588   1.00 10.76 ? 9   ALA A CB    1 
ATOM   61   N N     . HIS A 1 10  ? 3.261   -0.322  8.511   1.00 11.31 ? 10  HIS A N     1 
ATOM   62   C CA    . HIS A 1 10  ? 3.823   0.824   9.215   1.00 12.01 ? 10  HIS A CA    1 
ATOM   63   C C     . HIS A 1 10  ? 4.405   0.283   10.520  1.00 12.40 ? 10  HIS A C     1 
ATOM   64   O O     . HIS A 1 10  ? 3.676   -0.248  11.356  1.00 14.07 ? 10  HIS A O     1 
ATOM   65   C CB    . HIS A 1 10  ? 2.743   1.867   9.517   1.00 11.03 ? 10  HIS A CB    1 
ATOM   66   C CG    . HIS A 1 10  ? 3.299   3.201   9.904   1.00 12.31 ? 10  HIS A CG    1 
ATOM   67   N ND1   . HIS A 1 10  ? 4.159   3.372   10.970  1.00 11.70 ? 10  HIS A ND1   1 
ATOM   68   C CD2   . HIS A 1 10  ? 3.170   4.421   9.330   1.00 12.68 ? 10  HIS A CD2   1 
ATOM   69   C CE1   . HIS A 1 10  ? 4.540   4.634   11.030  1.00 14.00 ? 10  HIS A CE1   1 
ATOM   70   N NE2   . HIS A 1 10  ? 3.954   5.294   10.045  1.00 13.35 ? 10  HIS A NE2   1 
ATOM   71   N N     . PRO A 1 11  ? 5.728   0.408   10.703  1.00 12.30 ? 11  PRO A N     1 
ATOM   72   C CA    . PRO A 1 11  ? 6.434   -0.070  11.896  1.00 13.91 ? 11  PRO A CA    1 
ATOM   73   C C     . PRO A 1 11  ? 5.994   0.534   13.233  1.00 15.99 ? 11  PRO A C     1 
ATOM   74   O O     . PRO A 1 11  ? 6.224   -0.061  14.284  1.00 15.64 ? 11  PRO A O     1 
ATOM   75   C CB    . PRO A 1 11  ? 7.900   0.210   11.563  1.00 13.07 ? 11  PRO A CB    1 
ATOM   76   C CG    . PRO A 1 11  ? 7.826   1.405   10.683  1.00 15.81 ? 11  PRO A CG    1 
ATOM   77   C CD    . PRO A 1 11  ? 6.646   1.122   9.795   1.00 10.84 ? 11  PRO A CD    1 
ATOM   78   N N     . ASN A 1 12  ? 5.358   1.701   13.196  1.00 17.63 ? 12  ASN A N     1 
ATOM   79   C CA    . ASN A 1 12  ? 4.893   2.342   14.427  1.00 20.36 ? 12  ASN A CA    1 
ATOM   80   C C     . ASN A 1 12  ? 3.709   3.246   14.116  1.00 20.24 ? 12  ASN A C     1 
ATOM   81   O O     . ASN A 1 12  ? 3.824   4.472   14.143  1.00 19.71 ? 12  ASN A O     1 
ATOM   82   C CB    . ASN A 1 12  ? 6.017   3.170   15.048  1.00 24.14 ? 12  ASN A CB    1 
ATOM   83   C CG    . ASN A 1 12  ? 5.724   3.557   16.487  1.00 29.71 ? 12  ASN A CG    1 
ATOM   84   O OD1   . ASN A 1 12  ? 6.461   4.340   17.094  1.00 33.06 ? 12  ASN A OD1   1 
ATOM   85   N ND2   . ASN A 1 12  ? 4.648   3.000   17.045  1.00 29.01 ? 12  ASN A ND2   1 
ATOM   86   N N     . ILE A 1 13  ? 2.562   2.644   13.841  1.00 19.51 ? 13  ILE A N     1 
ATOM   87   C CA    . ILE A 1 13  ? 1.394   3.425   13.483  1.00 22.76 ? 13  ILE A CA    1 
ATOM   88   C C     . ILE A 1 13  ? 0.831   4.294   14.616  1.00 24.70 ? 13  ILE A C     1 
ATOM   89   O O     . ILE A 1 13  ? 0.088   5.241   14.365  1.00 24.99 ? 13  ILE A O     1 
ATOM   90   C CB    . ILE A 1 13  ? 0.298   2.501   12.889  1.00 22.71 ? 13  ILE A CB    1 
ATOM   91   C CG1   . ILE A 1 13  ? -0.686  3.332   12.070  1.00 21.57 ? 13  ILE A CG1   1 
ATOM   92   C CG2   . ILE A 1 13  ? -0.377  1.707   13.995  1.00 21.76 ? 13  ILE A CG2   1 
ATOM   93   C CD1   . ILE A 1 13  ? -1.620  2.503   11.224  1.00 24.02 ? 13  ILE A CD1   1 
ATOM   94   N N     . SER A 1 14  ? 1.204   3.996   15.856  1.00 27.17 ? 14  SER A N     1 
ATOM   95   C CA    . SER A 1 14  ? 0.724   4.784   16.990  1.00 29.52 ? 14  SER A CA    1 
ATOM   96   C C     . SER A 1 14  ? 1.309   6.196   16.938  1.00 29.96 ? 14  SER A C     1 
ATOM   97   O O     . SER A 1 14  ? 0.624   7.172   17.242  1.00 30.59 ? 14  SER A O     1 
ATOM   98   C CB    . SER A 1 14  ? 1.119   4.128   18.314  1.00 28.64 ? 14  SER A CB    1 
ATOM   99   O OG    . SER A 1 14  ? 2.502   4.289   18.567  1.00 30.52 ? 14  SER A OG    1 
ATOM   100  N N     . GLN A 1 15  ? 2.578   6.299   16.557  1.00 29.92 ? 15  GLN A N     1 
ATOM   101  C CA    . GLN A 1 15  ? 3.245   7.593   16.468  1.00 31.44 ? 15  GLN A CA    1 
ATOM   102  C C     . GLN A 1 15  ? 2.962   8.206   15.107  1.00 30.91 ? 15  GLN A C     1 
ATOM   103  O O     . GLN A 1 15  ? 3.470   9.272   14.759  1.00 28.80 ? 15  GLN A O     1 
ATOM   104  C CB    . GLN A 1 15  ? 4.755   7.427   16.664  1.00 33.79 ? 15  GLN A CB    1 
ATOM   105  C CG    . GLN A 1 15  ? 5.137   6.759   17.981  1.00 38.53 ? 15  GLN A CG    1 
ATOM   106  C CD    . GLN A 1 15  ? 4.490   7.422   19.186  1.00 41.87 ? 15  GLN A CD    1 
ATOM   107  O OE1   . GLN A 1 15  ? 4.588   8.642   19.368  1.00 44.29 ? 15  GLN A OE1   1 
ATOM   108  N NE2   . GLN A 1 15  ? 3.831   6.622   20.020  1.00 43.53 ? 15  GLN A NE2   1 
ATOM   109  N N     . SER A 1 16  ? 2.136   7.509   14.339  1.00 30.78 ? 16  SER A N     1 
ATOM   110  C CA    . SER A 1 16  ? 1.760   7.945   13.009  1.00 30.55 ? 16  SER A CA    1 
ATOM   111  C C     . SER A 1 16  ? 0.615   8.945   13.064  1.00 29.95 ? 16  SER A C     1 
ATOM   112  O O     . SER A 1 16  ? -0.230  8.903   13.962  1.00 30.69 ? 16  SER A O     1 
ATOM   113  C CB    . SER A 1 16  ? 1.340   6.730   12.176  1.00 31.32 ? 16  SER A CB    1 
ATOM   114  O OG    . SER A 1 16  ? 0.497   7.114   11.107  1.00 32.77 ? 16  SER A OG    1 
ATOM   115  N N     . THR A 1 17  ? 0.598   9.853   12.099  1.00 28.42 ? 17  THR A N     1 
ATOM   116  C CA    . THR A 1 17  ? -0.462  10.837  12.020  1.00 27.16 ? 17  THR A CA    1 
ATOM   117  C C     . THR A 1 17  ? -1.241  10.623  10.728  1.00 24.21 ? 17  THR A C     1 
ATOM   118  O O     . THR A 1 17  ? -2.465  10.540  10.748  1.00 22.24 ? 17  THR A O     1 
ATOM   119  C CB    . THR A 1 17  ? 0.090   12.275  12.049  1.00 30.80 ? 17  THR A CB    1 
ATOM   120  O OG1   . THR A 1 17  ? -0.964  13.195  11.730  1.00 33.91 ? 17  THR A OG1   1 
ATOM   121  C CG2   . THR A 1 17  ? 1.222   12.434  11.047  1.00 32.96 ? 17  THR A CG2   1 
ATOM   122  N N     . VAL A 1 18  ? -0.529  10.504  9.611   1.00 20.00 ? 18  VAL A N     1 
ATOM   123  C CA    . VAL A 1 18  ? -1.183  10.296  8.328   1.00 18.75 ? 18  VAL A CA    1 
ATOM   124  C C     . VAL A 1 18  ? -1.783  8.894   8.198   1.00 17.71 ? 18  VAL A C     1 
ATOM   125  O O     . VAL A 1 18  ? -2.983  8.752   7.980   1.00 16.91 ? 18  VAL A O     1 
ATOM   126  C CB    . VAL A 1 18  ? -0.208  10.541  7.141   1.00 20.92 ? 18  VAL A CB    1 
ATOM   127  C CG1   . VAL A 1 18  ? -0.881  10.174  5.820   1.00 17.69 ? 18  VAL A CG1   1 
ATOM   128  C CG2   . VAL A 1 18  ? 0.227   12.010  7.112   1.00 18.94 ? 18  VAL A CG2   1 
ATOM   129  N N     . HIS A 1 19  ? -0.961  7.860   8.340   1.00 15.64 ? 19  HIS A N     1 
ATOM   130  C CA    . HIS A 1 19  ? -1.460  6.497   8.202   1.00 15.88 ? 19  HIS A CA    1 
ATOM   131  C C     . HIS A 1 19  ? -2.475  6.103   9.271   1.00 16.25 ? 19  HIS A C     1 
ATOM   132  O O     . HIS A 1 19  ? -3.372  5.297   9.015   1.00 15.25 ? 19  HIS A O     1 
ATOM   133  C CB    . HIS A 1 19  ? -0.287  5.514   8.149   1.00 15.15 ? 19  HIS A CB    1 
ATOM   134  C CG    . HIS A 1 19  ? 0.394   5.487   6.815   1.00 13.51 ? 19  HIS A CG    1 
ATOM   135  N ND1   . HIS A 1 19  ? 1.433   6.332   6.488   1.00 13.35 ? 19  HIS A ND1   1 
ATOM   136  C CD2   . HIS A 1 19  ? 0.099   4.798   5.689   1.00 11.40 ? 19  HIS A CD2   1 
ATOM   137  C CE1   . HIS A 1 19  ? 1.746   6.166   5.214   1.00 11.69 ? 19  HIS A CE1   1 
ATOM   138  N NE2   . HIS A 1 19  ? 0.950   5.243   4.706   1.00 15.61 ? 19  HIS A NE2   1 
ATOM   139  N N     . LYS A 1 20  ? -2.339  6.681   10.462  1.00 15.46 ? 20  LYS A N     1 
ATOM   140  C CA    . LYS A 1 20  ? -3.275  6.407   11.544  1.00 17.30 ? 20  LYS A CA    1 
ATOM   141  C C     . LYS A 1 20  ? -4.633  6.993   11.150  1.00 17.65 ? 20  LYS A C     1 
ATOM   142  O O     . LYS A 1 20  ? -5.675  6.362   11.349  1.00 16.26 ? 20  LYS A O     1 
ATOM   143  C CB    . LYS A 1 20  ? -2.784  7.044   12.848  1.00 20.67 ? 20  LYS A CB    1 
ATOM   144  C CG    . LYS A 1 20  ? -3.622  6.687   14.065  1.00 25.95 ? 20  LYS A CG    1 
ATOM   145  C CD    . LYS A 1 20  ? -3.020  7.263   15.347  1.00 32.45 ? 20  LYS A CD    1 
ATOM   146  C CE    . LYS A 1 20  ? -2.984  8.789   15.316  1.00 34.86 ? 20  LYS A CE    1 
ATOM   147  N NZ    . LYS A 1 20  ? -2.336  9.346   16.535  1.00 38.19 ? 20  LYS A NZ    1 
ATOM   148  N N     . HIS A 1 21  ? -4.625  8.200   10.585  1.00 18.12 ? 21  HIS A N     1 
ATOM   149  C CA    . HIS A 1 21  ? -5.877  8.819   10.155  1.00 19.74 ? 21  HIS A CA    1 
ATOM   150  C C     . HIS A 1 21  ? -6.473  8.046   8.985   1.00 18.65 ? 21  HIS A C     1 
ATOM   151  O O     . HIS A 1 21  ? -7.687  7.836   8.925   1.00 16.24 ? 21  HIS A O     1 
ATOM   152  C CB    . HIS A 1 21  ? -5.669  10.278  9.746   1.00 25.04 ? 21  HIS A CB    1 
ATOM   153  C CG    . HIS A 1 21  ? -5.526  11.214  10.906  1.00 31.71 ? 21  HIS A CG    1 
ATOM   154  N ND1   . HIS A 1 21  ? -5.788  12.564  10.809  1.00 35.54 ? 21  HIS A ND1   1 
ATOM   155  C CD2   . HIS A 1 21  ? -5.142  10.997  12.188  1.00 34.34 ? 21  HIS A CD2   1 
ATOM   156  C CE1   . HIS A 1 21  ? -5.572  13.139  11.979  1.00 35.95 ? 21  HIS A CE1   1 
ATOM   157  N NE2   . HIS A 1 21  ? -5.179  12.212  12.833  1.00 36.34 ? 21  HIS A NE2   1 
ATOM   158  N N     . TRP A 1 22  ? -5.610  7.622   8.061   1.00 14.60 ? 22  TRP A N     1 
ATOM   159  C CA    . TRP A 1 22  ? -6.053  6.866   6.895   1.00 13.80 ? 22  TRP A CA    1 
ATOM   160  C C     . TRP A 1 22  ? -6.703  5.551   7.330   1.00 12.39 ? 22  TRP A C     1 
ATOM   161  O O     . TRP A 1 22  ? -7.794  5.200   6.870   1.00 12.63 ? 22  TRP A O     1 
ATOM   162  C CB    . TRP A 1 22  ? -4.865  6.581   5.970   1.00 13.02 ? 22  TRP A CB    1 
ATOM   163  C CG    . TRP A 1 22  ? -4.390  7.776   5.185   1.00 13.71 ? 22  TRP A CG    1 
ATOM   164  C CD1   . TRP A 1 22  ? -4.823  9.075   5.300   1.00 14.22 ? 22  TRP A CD1   1 
ATOM   165  C CD2   . TRP A 1 22  ? -3.390  7.780   4.160   1.00 12.81 ? 22  TRP A CD2   1 
ATOM   166  N NE1   . TRP A 1 22  ? -4.156  9.880   4.409   1.00 12.29 ? 22  TRP A NE1   1 
ATOM   167  C CE2   . TRP A 1 22  ? -3.269  9.113   3.696   1.00 13.65 ? 22  TRP A CE2   1 
ATOM   168  C CE3   . TRP A 1 22  ? -2.583  6.786   3.583   1.00 13.41 ? 22  TRP A CE3   1 
ATOM   169  C CZ2   . TRP A 1 22  ? -2.374  9.479   2.686   1.00 12.05 ? 22  TRP A CZ2   1 
ATOM   170  C CZ3   . TRP A 1 22  ? -1.688  7.152   2.572   1.00 12.09 ? 22  TRP A CZ3   1 
ATOM   171  C CH2   . TRP A 1 22  ? -1.593  8.487   2.138   1.00 14.72 ? 22  TRP A CH2   1 
ATOM   172  N N     . SER A 1 23  ? -6.023  4.837   8.226   1.00 12.68 ? 23  SER A N     1 
ATOM   173  C CA    . SER A 1 23  ? -6.497  3.563   8.755   1.00 12.89 ? 23  SER A CA    1 
ATOM   174  C C     . SER A 1 23  ? -7.850  3.714   9.445   1.00 12.53 ? 23  SER A C     1 
ATOM   175  O O     . SER A 1 23  ? -8.759  2.915   9.214   1.00 11.90 ? 23  SER A O     1 
ATOM   176  C CB    . SER A 1 23  ? -5.467  3.003   9.742   1.00 15.36 ? 23  SER A CB    1 
ATOM   177  O OG    . SER A 1 23  ? -5.883  1.752   10.279  1.00 22.29 ? 23  SER A OG    1 
ATOM   178  N N     . ASP A 1 24  ? -7.976  4.734   10.295  1.00 12.56 ? 24  ASP A N     1 
ATOM   179  C CA    . ASP A 1 24  ? -9.231  4.991   11.010  1.00 13.78 ? 24  ASP A CA    1 
ATOM   180  C C     . ASP A 1 24  ? -10.377 5.230   10.023  1.00 13.66 ? 24  ASP A C     1 
ATOM   181  O O     . ASP A 1 24  ? -11.473 4.691   10.191  1.00 11.89 ? 24  ASP A O     1 
ATOM   182  C CB    . ASP A 1 24  ? -9.111  6.221   11.921  1.00 14.57 ? 24  ASP A CB    1 
ATOM   183  C CG    . ASP A 1 24  ? -8.247  5.973   13.155  1.00 14.42 ? 24  ASP A CG    1 
ATOM   184  O OD1   . ASP A 1 24  ? -8.031  6.933   13.911  1.00 18.90 ? 24  ASP A OD1   1 
ATOM   185  O OD2   . ASP A 1 24  ? -7.787  4.839   13.379  1.00 17.01 ? 24  ASP A OD2   1 
ATOM   186  N N     . ALA A 1 25  ? -10.124 6.048   9.002   1.00 13.67 ? 25  ALA A N     1 
ATOM   187  C CA    . ALA A 1 25  ? -11.145 6.358   8.002   1.00 13.98 ? 25  ALA A CA    1 
ATOM   188  C C     . ALA A 1 25  ? -11.637 5.109   7.267   1.00 12.73 ? 25  ALA A C     1 
ATOM   189  O O     . ALA A 1 25  ? -12.841 4.940   7.052   1.00 14.19 ? 25  ALA A O     1 
ATOM   190  C CB    . ALA A 1 25  ? -10.603 7.383   6.992   1.00 13.31 ? 25  ALA A CB    1 
ATOM   191  N N     . VAL A 1 26  ? -10.709 4.235   6.891   1.00 12.24 ? 26  VAL A N     1 
ATOM   192  C CA    . VAL A 1 26  ? -11.059 3.009   6.175   1.00 13.12 ? 26  VAL A CA    1 
ATOM   193  C C     . VAL A 1 26  ? -11.821 2.006   7.049   1.00 13.74 ? 26  VAL A C     1 
ATOM   194  O O     . VAL A 1 26  ? -12.729 1.325   6.571   1.00 12.63 ? 26  VAL A O     1 
ATOM   195  C CB    . VAL A 1 26  ? -9.795  2.318   5.598   1.00 13.13 ? 26  VAL A CB    1 
ATOM   196  C CG1   . VAL A 1 26  ? -10.176 1.013   4.899   1.00 11.38 ? 26  VAL A CG1   1 
ATOM   197  C CG2   . VAL A 1 26  ? -9.101  3.255   4.611   1.00 12.29 ? 26  VAL A CG2   1 
ATOM   198  N N     . ARG A 1 27  ? -11.452 1.912   8.325   1.00 11.84 ? 27  ARG A N     1 
ATOM   199  C CA    . ARG A 1 27  ? -12.121 0.988   9.235   1.00 13.67 ? 27  ARG A CA    1 
ATOM   200  C C     . ARG A 1 27  ? -13.571 1.393   9.506   1.00 15.41 ? 27  ARG A C     1 
ATOM   201  O O     . ARG A 1 27  ? -14.286 0.715   10.246  1.00 15.24 ? 27  ARG A O     1 
ATOM   202  C CB    . ARG A 1 27  ? -11.354 0.887   10.564  1.00 10.25 ? 27  ARG A CB    1 
ATOM   203  C CG    . ARG A 1 27  ? -10.027 0.130   10.455  1.00 11.48 ? 27  ARG A CG    1 
ATOM   204  C CD    . ARG A 1 27  ? -9.319  0.054   11.800  1.00 10.74 ? 27  ARG A CD    1 
ATOM   205  N NE    . ARG A 1 27  ? -8.022  -0.620  11.730  1.00 12.23 ? 27  ARG A NE    1 
ATOM   206  C CZ    . ARG A 1 27  ? -7.844  -1.932  11.841  1.00 12.76 ? 27  ARG A CZ    1 
ATOM   207  N NH1   . ARG A 1 27  ? -8.879  -2.737  12.029  1.00 13.42 ? 27  ARG A NH1   1 
ATOM   208  N NH2   . ARG A 1 27  ? -6.622  -2.444  11.777  1.00 13.83 ? 27  ARG A NH2   1 
ATOM   209  N N     . GLN A 1 28  ? -13.999 2.504   8.916   1.00 16.33 ? 28  GLN A N     1 
ATOM   210  C CA    . GLN A 1 28  ? -15.366 2.968   9.091   1.00 20.03 ? 28  GLN A CA    1 
ATOM   211  C C     . GLN A 1 28  ? -16.281 2.263   8.098   1.00 20.67 ? 28  GLN A C     1 
ATOM   212  O O     . GLN A 1 28  ? -17.506 2.354   8.196   1.00 21.18 ? 28  GLN A O     1 
ATOM   213  C CB    . GLN A 1 28  ? -15.458 4.477   8.862   1.00 22.54 ? 28  GLN A CB    1 
ATOM   214  C CG    . GLN A 1 28  ? -14.640 5.309   9.828   1.00 26.84 ? 28  GLN A CG    1 
ATOM   215  C CD    . GLN A 1 28  ? -15.026 6.774   9.781   1.00 30.63 ? 28  GLN A CD    1 
ATOM   216  O OE1   . GLN A 1 28  ? -15.073 7.381   8.710   1.00 31.58 ? 28  GLN A OE1   1 
ATOM   217  N NE2   . GLN A 1 28  ? -15.304 7.351   10.947  1.00 33.87 ? 28  GLN A NE2   1 
ATOM   218  N N     . HIS A 1 29  ? -15.671 1.559   7.147   1.00 19.62 ? 29  HIS A N     1 
ATOM   219  C CA    . HIS A 1 29  ? -16.406 0.843   6.105   1.00 20.69 ? 29  HIS A CA    1 
ATOM   220  C C     . HIS A 1 29  ? -15.794 -0.544  5.926   1.00 21.37 ? 29  HIS A C     1 
ATOM   221  O O     . HIS A 1 29  ? -15.205 -0.845  4.888   1.00 20.63 ? 29  HIS A O     1 
ATOM   222  C CB    . HIS A 1 29  ? -16.307 1.613   4.788   1.00 21.65 ? 29  HIS A CB    1 
ATOM   223  C CG    . HIS A 1 29  ? -16.621 3.072   4.915   1.00 23.00 ? 29  HIS A CG    1 
ATOM   224  N ND1   . HIS A 1 29  ? -17.909 3.560   4.915   1.00 23.67 ? 29  HIS A ND1   1 
ATOM   225  C CD2   . HIS A 1 29  ? -15.809 4.149   5.048   1.00 23.37 ? 29  HIS A CD2   1 
ATOM   226  C CE1   . HIS A 1 29  ? -17.878 4.877   5.039   1.00 23.12 ? 29  HIS A CE1   1 
ATOM   227  N NE2   . HIS A 1 29  ? -16.616 5.258   5.121   1.00 23.10 ? 29  HIS A NE2   1 
ATOM   228  N N     . THR A 1 30  ? -15.948 -1.387  6.939   1.00 20.97 ? 30  THR A N     1 
ATOM   229  C CA    . THR A 1 30  ? -15.388 -2.727  6.904   1.00 22.11 ? 30  THR A CA    1 
ATOM   230  C C     . THR A 1 30  ? -16.082 -3.641  5.894   1.00 22.77 ? 30  THR A C     1 
ATOM   231  O O     . THR A 1 30  ? -15.581 -4.715  5.555   1.00 21.75 ? 30  THR A O     1 
ATOM   232  C CB    . THR A 1 30  ? -15.472 -3.369  8.288   1.00 23.95 ? 30  THR A CB    1 
ATOM   233  O OG1   . THR A 1 30  ? -14.707 -4.582  8.303   1.00 30.28 ? 30  THR A OG1   1 
ATOM   234  C CG2   . THR A 1 30  ? -16.922 -3.679  8.626   1.00 19.34 ? 30  THR A CG2   1 
ATOM   235  N N     . ASP A 1 31  ? -17.243 -3.219  5.418   1.00 22.38 ? 31  ASP A N     1 
ATOM   236  C CA    . ASP A 1 31  ? -17.981 -4.018  4.451   1.00 23.39 ? 31  ASP A CA    1 
ATOM   237  C C     . ASP A 1 31  ? -17.486 -3.739  3.034   1.00 21.32 ? 31  ASP A C     1 
ATOM   238  O O     . ASP A 1 31  ? -17.936 -4.367  2.082   1.00 21.45 ? 31  ASP A O     1 
ATOM   239  C CB    . ASP A 1 31  ? -19.478 -3.711  4.563   1.00 26.38 ? 31  ASP A CB    1 
ATOM   240  C CG    . ASP A 1 31  ? -19.800 -2.264  4.251   1.00 28.86 ? 31  ASP A CG    1 
ATOM   241  O OD1   . ASP A 1 31  ? -19.013 -1.372  4.652   1.00 31.44 ? 31  ASP A OD1   1 
ATOM   242  O OD2   . ASP A 1 31  ? -20.848 -2.011  3.622   1.00 31.86 ? 31  ASP A OD2   1 
ATOM   243  N N     . ARG A 1 32  ? -16.549 -2.803  2.908   1.00 18.24 ? 32  ARG A N     1 
ATOM   244  C CA    . ARG A 1 32  ? -15.994 -2.430  1.610   1.00 18.70 ? 32  ARG A CA    1 
ATOM   245  C C     . ARG A 1 32  ? -14.482 -2.632  1.556   1.00 17.49 ? 32  ARG A C     1 
ATOM   246  O O     . ARG A 1 32  ? -13.915 -2.892  0.493   1.00 15.22 ? 32  ARG A O     1 
ATOM   247  C CB    . ARG A 1 32  ? -16.319 -0.963  1.321   1.00 20.45 ? 32  ARG A CB    1 
ATOM   248  C CG    . ARG A 1 32  ? -17.804 -0.693  1.215   1.00 27.38 ? 32  ARG A CG    1 
ATOM   249  C CD    . ARG A 1 32  ? -18.177 0.714   1.660   1.00 31.33 ? 32  ARG A CD    1 
ATOM   250  N NE    . ARG A 1 32  ? -17.542 1.747   0.848   1.00 36.55 ? 32  ARG A NE    1 
ATOM   251  C CZ    . ARG A 1 32  ? -17.750 3.050   1.009   1.00 38.15 ? 32  ARG A CZ    1 
ATOM   252  N NH1   . ARG A 1 32  ? -18.581 3.477   1.954   1.00 39.70 ? 32  ARG A NH1   1 
ATOM   253  N NH2   . ARG A 1 32  ? -17.127 3.925   0.229   1.00 37.76 ? 32  ARG A NH2   1 
ATOM   254  N N     . PHE A 1 33  ? -13.830 -2.501  2.705   1.00 15.58 ? 33  PHE A N     1 
ATOM   255  C CA    . PHE A 1 33  ? -12.388 -2.653  2.774   1.00 14.73 ? 33  PHE A CA    1 
ATOM   256  C C     . PHE A 1 33  ? -11.985 -3.463  4.001   1.00 16.14 ? 33  PHE A C     1 
ATOM   257  O O     . PHE A 1 33  ? -12.721 -3.532  4.992   1.00 15.83 ? 33  PHE A O     1 
ATOM   258  C CB    . PHE A 1 33  ? -11.711 -1.277  2.857   1.00 14.75 ? 33  PHE A CB    1 
ATOM   259  C CG    . PHE A 1 33  ? -12.401 -0.194  2.067   1.00 15.41 ? 33  PHE A CG    1 
ATOM   260  C CD1   . PHE A 1 33  ? -13.010 0.877   2.719   1.00 17.48 ? 33  PHE A CD1   1 
ATOM   261  C CD2   . PHE A 1 33  ? -12.427 -0.228  0.676   1.00 16.40 ? 33  PHE A CD2   1 
ATOM   262  C CE1   . PHE A 1 33  ? -13.632 1.902   1.998   1.00 17.12 ? 33  PHE A CE1   1 
ATOM   263  C CE2   . PHE A 1 33  ? -13.046 0.790   -0.055  1.00 17.07 ? 33  PHE A CE2   1 
ATOM   264  C CZ    . PHE A 1 33  ? -13.651 1.857   0.610   1.00 17.40 ? 33  PHE A CZ    1 
ATOM   265  N N     . THR A 1 34  ? -10.806 -4.072  3.929   1.00 15.06 ? 34  THR A N     1 
ATOM   266  C CA    . THR A 1 34  ? -10.261 -4.845  5.039   1.00 14.61 ? 34  THR A CA    1 
ATOM   267  C C     . THR A 1 34  ? -8.854  -4.317  5.318   1.00 13.64 ? 34  THR A C     1 
ATOM   268  O O     . THR A 1 34  ? -7.947  -4.505  4.508   1.00 12.57 ? 34  THR A O     1 
ATOM   269  C CB    . THR A 1 34  ? -10.150 -6.352  4.707   1.00 13.47 ? 34  THR A CB    1 
ATOM   270  O OG1   . THR A 1 34  ? -11.455 -6.897  4.465   1.00 16.73 ? 34  THR A OG1   1 
ATOM   271  C CG2   . THR A 1 34  ? -9.509  -7.101  5.873   1.00 15.95 ? 34  THR A CG2   1 
ATOM   272  N N     . VAL A 1 35  ? -8.677  -3.640  6.447   1.00 12.88 ? 35  VAL A N     1 
ATOM   273  C CA    . VAL A 1 35  ? -7.358  -3.120  6.809   1.00 13.58 ? 35  VAL A CA    1 
ATOM   274  C C     . VAL A 1 35  ? -6.570  -4.247  7.465   1.00 13.29 ? 35  VAL A C     1 
ATOM   275  O O     . VAL A 1 35  ? -6.942  -4.726  8.531   1.00 14.53 ? 35  VAL A O     1 
ATOM   276  C CB    . VAL A 1 35  ? -7.455  -1.945  7.808   1.00 12.04 ? 35  VAL A CB    1 
ATOM   277  C CG1   . VAL A 1 35  ? -6.055  -1.429  8.142   1.00 12.87 ? 35  VAL A CG1   1 
ATOM   278  C CG2   . VAL A 1 35  ? -8.302  -0.827  7.219   1.00 13.83 ? 35  VAL A CG2   1 
ATOM   279  N N     . HIS A 1 36  ? -5.488  -4.679  6.823   1.00 13.35 ? 36  HIS A N     1 
ATOM   280  C CA    . HIS A 1 36  ? -4.659  -5.764  7.355   1.00 11.43 ? 36  HIS A CA    1 
ATOM   281  C C     . HIS A 1 36  ? -3.301  -5.158  7.749   1.00 11.72 ? 36  HIS A C     1 
ATOM   282  O O     . HIS A 1 36  ? -2.440  -4.926  6.895   1.00 10.04 ? 36  HIS A O     1 
ATOM   283  C CB    . HIS A 1 36  ? -4.500  -6.854  6.281   1.00 9.55  ? 36  HIS A CB    1 
ATOM   284  C CG    . HIS A 1 36  ? -3.990  -8.165  6.804   1.00 10.35 ? 36  HIS A CG    1 
ATOM   285  N ND1   . HIS A 1 36  ? -4.581  -8.834  7.852   1.00 10.43 ? 36  HIS A ND1   1 
ATOM   286  C CD2   . HIS A 1 36  ? -2.950  -8.936  6.404   1.00 12.56 ? 36  HIS A CD2   1 
ATOM   287  C CE1   . HIS A 1 36  ? -3.929  -9.962  8.079   1.00 12.79 ? 36  HIS A CE1   1 
ATOM   288  N NE2   . HIS A 1 36  ? -2.935  -10.049 7.215   1.00 13.35 ? 36  HIS A NE2   1 
ATOM   289  N N     . GLU A 1 37  ? -3.135  -4.882  9.042   1.00 10.36 ? 37  GLU A N     1 
ATOM   290  C CA    . GLU A 1 37  ? -1.903  -4.285  9.566   1.00 12.51 ? 37  GLU A CA    1 
ATOM   291  C C     . GLU A 1 37  ? -0.817  -5.306  9.854   1.00 12.92 ? 37  GLU A C     1 
ATOM   292  O O     . GLU A 1 37  ? -0.798  -5.931  10.922  1.00 12.28 ? 37  GLU A O     1 
ATOM   293  C CB    . GLU A 1 37  ? -2.190  -3.506  10.850  1.00 16.15 ? 37  GLU A CB    1 
ATOM   294  C CG    . GLU A 1 37  ? -2.871  -2.181  10.644  1.00 19.62 ? 37  GLU A CG    1 
ATOM   295  C CD    . GLU A 1 37  ? -3.086  -1.440  11.949  1.00 22.20 ? 37  GLU A CD    1 
ATOM   296  O OE1   . GLU A 1 37  ? -2.109  -1.293  12.715  1.00 21.45 ? 37  GLU A OE1   1 
ATOM   297  O OE2   . GLU A 1 37  ? -4.228  -1.004  12.197  1.00 24.44 ? 37  GLU A OE2   1 
ATOM   298  N N     . LEU A 1 38  ? 0.108   -5.450  8.913   1.00 10.61 ? 38  LEU A N     1 
ATOM   299  C CA    . LEU A 1 38  ? 1.198   -6.416  9.048   1.00 9.82  ? 38  LEU A CA    1 
ATOM   300  C C     . LEU A 1 38  ? 1.963   -6.390  10.373  1.00 9.70  ? 38  LEU A C     1 
ATOM   301  O O     . LEU A 1 38  ? 2.181   -7.438  10.973  1.00 6.77  ? 38  LEU A O     1 
ATOM   302  C CB    . LEU A 1 38  ? 2.178   -6.248  7.885   1.00 11.82 ? 38  LEU A CB    1 
ATOM   303  C CG    . LEU A 1 38  ? 2.088   -7.227  6.709   1.00 15.31 ? 38  LEU A CG    1 
ATOM   304  C CD1   . LEU A 1 38  ? 0.660   -7.672  6.440   1.00 13.35 ? 38  LEU A CD1   1 
ATOM   305  C CD2   . LEU A 1 38  ? 2.702   -6.563  5.497   1.00 10.20 ? 38  LEU A CD2   1 
ATOM   306  N N     . TYR A 1 39  ? 2.382   -5.214  10.830  1.00 8.16  ? 39  TYR A N     1 
ATOM   307  C CA    . TYR A 1 39  ? 3.128   -5.151  12.084  1.00 10.73 ? 39  TYR A CA    1 
ATOM   308  C C     . TYR A 1 39  ? 2.309   -5.540  13.311  1.00 10.81 ? 39  TYR A C     1 
ATOM   309  O O     . TYR A 1 39  ? 2.851   -6.030  14.299  1.00 12.80 ? 39  TYR A O     1 
ATOM   310  C CB    . TYR A 1 39  ? 3.749   -3.764  12.277  1.00 10.12 ? 39  TYR A CB    1 
ATOM   311  C CG    . TYR A 1 39  ? 5.005   -3.556  11.449  1.00 11.01 ? 39  TYR A CG    1 
ATOM   312  C CD1   . TYR A 1 39  ? 4.937   -3.081  10.136  1.00 9.25  ? 39  TYR A CD1   1 
ATOM   313  C CD2   . TYR A 1 39  ? 6.266   -3.853  11.979  1.00 10.98 ? 39  TYR A CD2   1 
ATOM   314  C CE1   . TYR A 1 39  ? 6.095   -2.905  9.370   1.00 11.18 ? 39  TYR A CE1   1 
ATOM   315  C CE2   . TYR A 1 39  ? 7.429   -3.681  11.222  1.00 11.74 ? 39  TYR A CE2   1 
ATOM   316  C CZ    . TYR A 1 39  ? 7.334   -3.207  9.922   1.00 10.39 ? 39  TYR A CZ    1 
ATOM   317  O OH    . TYR A 1 39  ? 8.480   -3.040  9.176   1.00 9.65  ? 39  TYR A OH    1 
ATOM   318  N N     . ALA A 1 40  ? 1.002   -5.327  13.248  1.00 11.37 ? 40  ALA A N     1 
ATOM   319  C CA    . ALA A 1 40  ? 0.129   -5.683  14.361  1.00 10.95 ? 40  ALA A CA    1 
ATOM   320  C C     . ALA A 1 40  ? -0.152  -7.184  14.333  1.00 12.36 ? 40  ALA A C     1 
ATOM   321  O O     . ALA A 1 40  ? -0.159  -7.846  15.371  1.00 12.94 ? 40  ALA A O     1 
ATOM   322  C CB    . ALA A 1 40  ? -1.187  -4.901  14.266  1.00 11.69 ? 40  ALA A CB    1 
ATOM   323  N N     . VAL A 1 41  ? -0.385  -7.720  13.138  1.00 10.81 ? 41  VAL A N     1 
ATOM   324  C CA    . VAL A 1 41  ? -0.681  -9.140  12.984  1.00 10.40 ? 41  VAL A CA    1 
ATOM   325  C C     . VAL A 1 41  ? 0.548   -10.034 13.158  1.00 11.84 ? 41  VAL A C     1 
ATOM   326  O O     . VAL A 1 41  ? 0.449   -11.141 13.695  1.00 10.64 ? 41  VAL A O     1 
ATOM   327  C CB    . VAL A 1 41  ? -1.320  -9.407  11.603  1.00 10.74 ? 41  VAL A CB    1 
ATOM   328  C CG1   . VAL A 1 41  ? -1.623  -10.892 11.436  1.00 14.87 ? 41  VAL A CG1   1 
ATOM   329  C CG2   . VAL A 1 41  ? -2.604  -8.596  11.469  1.00 11.27 ? 41  VAL A CG2   1 
ATOM   330  N N     . TYR A 1 42  ? 1.703   -9.540  12.717  1.00 11.13 ? 42  TYR A N     1 
ATOM   331  C CA    . TYR A 1 42  ? 2.957   -10.287 12.797  1.00 12.50 ? 42  TYR A CA    1 
ATOM   332  C C     . TYR A 1 42  ? 4.036   -9.493  13.542  1.00 12.67 ? 42  TYR A C     1 
ATOM   333  O O     . TYR A 1 42  ? 5.042   -9.108  12.955  1.00 12.52 ? 42  TYR A O     1 
ATOM   334  C CB    . TYR A 1 42  ? 3.445   -10.612 11.379  1.00 12.14 ? 42  TYR A CB    1 
ATOM   335  C CG    . TYR A 1 42  ? 2.458   -11.425 10.566  1.00 13.97 ? 42  TYR A CG    1 
ATOM   336  C CD1   . TYR A 1 42  ? 2.107   -12.722 10.958  1.00 14.53 ? 42  TYR A CD1   1 
ATOM   337  C CD2   . TYR A 1 42  ? 1.879   -10.903 9.404   1.00 13.68 ? 42  TYR A CD2   1 
ATOM   338  C CE1   . TYR A 1 42  ? 1.204   -13.481 10.212  1.00 13.91 ? 42  TYR A CE1   1 
ATOM   339  C CE2   . TYR A 1 42  ? 0.975   -11.654 8.649   1.00 13.29 ? 42  TYR A CE2   1 
ATOM   340  C CZ    . TYR A 1 42  ? 0.645   -12.944 9.062   1.00 13.76 ? 42  TYR A CZ    1 
ATOM   341  O OH    . TYR A 1 42  ? -0.243  -13.694 8.325   1.00 16.92 ? 42  TYR A OH    1 
ATOM   342  N N     . PRO A 1 43  ? 3.840   -9.243  14.846  1.00 13.98 ? 43  PRO A N     1 
ATOM   343  C CA    . PRO A 1 43  ? 4.813   -8.487  15.645  1.00 16.64 ? 43  PRO A CA    1 
ATOM   344  C C     . PRO A 1 43  ? 6.196   -9.135  15.753  1.00 19.88 ? 43  PRO A C     1 
ATOM   345  O O     . PRO A 1 43  ? 7.166   -8.471  16.120  1.00 21.78 ? 43  PRO A O     1 
ATOM   346  C CB    . PRO A 1 43  ? 4.118   -8.359  17.003  1.00 15.53 ? 43  PRO A CB    1 
ATOM   347  C CG    . PRO A 1 43  ? 3.325   -9.619  17.085  1.00 16.68 ? 43  PRO A CG    1 
ATOM   348  C CD    . PRO A 1 43  ? 2.730   -9.720  15.688  1.00 15.14 ? 43  PRO A CD    1 
ATOM   349  N N     . GLN A 1 44  ? 6.284   -10.424 15.440  1.00 20.92 ? 44  GLN A N     1 
ATOM   350  C CA    . GLN A 1 44  ? 7.556   -11.142 15.486  1.00 23.98 ? 44  GLN A CA    1 
ATOM   351  C C     . GLN A 1 44  ? 8.075   -11.440 14.078  1.00 22.00 ? 44  GLN A C     1 
ATOM   352  O O     . GLN A 1 44  ? 9.090   -12.110 13.917  1.00 20.01 ? 44  GLN A O     1 
ATOM   353  C CB    . GLN A 1 44  ? 7.407   -12.462 16.253  1.00 27.80 ? 44  GLN A CB    1 
ATOM   354  C CG    . GLN A 1 44  ? 7.636   -12.375 17.761  1.00 33.38 ? 44  GLN A CG    1 
ATOM   355  C CD    . GLN A 1 44  ? 6.794   -11.311 18.431  1.00 36.57 ? 44  GLN A CD    1 
ATOM   356  O OE1   . GLN A 1 44  ? 7.144   -10.128 18.423  1.00 38.82 ? 44  GLN A OE1   1 
ATOM   357  N NE2   . GLN A 1 44  ? 5.667   -11.726 19.005  1.00 38.67 ? 44  GLN A NE2   1 
ATOM   358  N N     . GLY A 1 45  ? 7.369   -10.951 13.066  1.00 21.13 ? 45  GLY A N     1 
ATOM   359  C CA    . GLY A 1 45  ? 7.792   -11.179 11.696  1.00 21.46 ? 45  GLY A CA    1 
ATOM   360  C C     . GLY A 1 45  ? 7.601   -12.591 11.170  1.00 21.54 ? 45  GLY A C     1 
ATOM   361  O O     . GLY A 1 45  ? 8.257   -12.983 10.206  1.00 23.69 ? 45  GLY A O     1 
ATOM   362  N N     . LYS A 1 46  ? 6.713   -13.361 11.793  1.00 20.22 ? 46  LYS A N     1 
ATOM   363  C CA    . LYS A 1 46  ? 6.448   -14.730 11.351  1.00 22.07 ? 46  LYS A CA    1 
ATOM   364  C C     . LYS A 1 46  ? 5.211   -14.777 10.464  1.00 20.87 ? 46  LYS A C     1 
ATOM   365  O O     . LYS A 1 46  ? 4.145   -15.227 10.892  1.00 19.67 ? 46  LYS A O     1 
ATOM   366  C CB    . LYS A 1 46  ? 6.245   -15.655 12.559  1.00 25.17 ? 46  LYS A CB    1 
ATOM   367  C CG    . LYS A 1 46  ? 7.515   -16.322 13.052  1.00 30.03 ? 46  LYS A CG    1 
ATOM   368  C CD    . LYS A 1 46  ? 8.560   -15.306 13.454  1.00 33.40 ? 46  LYS A CD    1 
ATOM   369  C CE    . LYS A 1 46  ? 9.878   -15.989 13.772  1.00 36.86 ? 46  LYS A CE    1 
ATOM   370  N NZ    . LYS A 1 46  ? 10.932  -14.999 14.126  1.00 39.24 ? 46  LYS A NZ    1 
ATOM   371  N N     . ILE A 1 47  ? 5.362   -14.325 9.223   1.00 18.91 ? 47  ILE A N     1 
ATOM   372  C CA    . ILE A 1 47  ? 4.252   -14.291 8.275   1.00 16.21 ? 47  ILE A CA    1 
ATOM   373  C C     . ILE A 1 47  ? 3.660   -15.669 7.991   1.00 14.90 ? 47  ILE A C     1 
ATOM   374  O O     . ILE A 1 47  ? 4.383   -16.633 7.755   1.00 14.76 ? 47  ILE A O     1 
ATOM   375  C CB    . ILE A 1 47  ? 4.693   -13.640 6.936   1.00 15.70 ? 47  ILE A CB    1 
ATOM   376  C CG1   . ILE A 1 47  ? 5.228   -12.234 7.206   1.00 14.19 ? 47  ILE A CG1   1 
ATOM   377  C CG2   . ILE A 1 47  ? 3.513   -13.556 5.969   1.00 12.94 ? 47  ILE A CG2   1 
ATOM   378  C CD1   . ILE A 1 47  ? 5.856   -11.575 5.995   1.00 13.47 ? 47  ILE A CD1   1 
ATOM   379  N N     . ASP A 1 48  ? 2.335   -15.748 8.036   1.00 14.99 ? 48  ASP A N     1 
ATOM   380  C CA    . ASP A 1 48  ? 1.620   -16.988 7.753   1.00 15.47 ? 48  ASP A CA    1 
ATOM   381  C C     . ASP A 1 48  ? 1.249   -16.888 6.274   1.00 15.72 ? 48  ASP A C     1 
ATOM   382  O O     . ASP A 1 48  ? 0.227   -16.301 5.914   1.00 14.23 ? 48  ASP A O     1 
ATOM   383  C CB    . ASP A 1 48  ? 0.366   -17.077 8.636   1.00 16.11 ? 48  ASP A CB    1 
ATOM   384  C CG    . ASP A 1 48  ? -0.452  -18.335 8.381   1.00 17.42 ? 48  ASP A CG    1 
ATOM   385  O OD1   . ASP A 1 48  ? -1.351  -18.633 9.200   1.00 18.71 ? 48  ASP A OD1   1 
ATOM   386  O OD2   . ASP A 1 48  ? -0.213  -19.021 7.363   1.00 20.65 ? 48  ASP A OD2   1 
ATOM   387  N N     . VAL A 1 49  ? 2.107   -17.448 5.423   1.00 15.83 ? 49  VAL A N     1 
ATOM   388  C CA    . VAL A 1 49  ? 1.918   -17.404 3.977   1.00 15.58 ? 49  VAL A CA    1 
ATOM   389  C C     . VAL A 1 49  ? 0.535   -17.874 3.542   1.00 14.68 ? 49  VAL A C     1 
ATOM   390  O O     . VAL A 1 49  ? -0.168  -17.164 2.818   1.00 15.16 ? 49  VAL A O     1 
ATOM   391  C CB    . VAL A 1 49  ? 2.992   -18.256 3.243   1.00 16.88 ? 49  VAL A CB    1 
ATOM   392  C CG1   . VAL A 1 49  ? 2.805   -18.149 1.739   1.00 15.10 ? 49  VAL A CG1   1 
ATOM   393  C CG2   . VAL A 1 49  ? 4.394   -17.788 3.634   1.00 16.19 ? 49  VAL A CG2   1 
ATOM   394  N N     . ALA A 1 50  ? 0.142   -19.065 3.984   1.00 14.51 ? 50  ALA A N     1 
ATOM   395  C CA    . ALA A 1 50  ? -1.169  -19.606 3.624   1.00 14.71 ? 50  ALA A CA    1 
ATOM   396  C C     . ALA A 1 50  ? -2.268  -18.603 3.959   1.00 14.22 ? 50  ALA A C     1 
ATOM   397  O O     . ALA A 1 50  ? -3.131  -18.308 3.130   1.00 15.79 ? 50  ALA A O     1 
ATOM   398  C CB    . ALA A 1 50  ? -1.416  -20.926 4.361   1.00 15.85 ? 50  ALA A CB    1 
ATOM   399  N N     . ALA A 1 51  ? -2.232  -18.073 5.178   1.00 14.18 ? 51  ALA A N     1 
ATOM   400  C CA    . ALA A 1 51  ? -3.230  -17.096 5.608   1.00 13.76 ? 51  ALA A CA    1 
ATOM   401  C C     . ALA A 1 51  ? -3.252  -15.864 4.708   1.00 13.50 ? 51  ALA A C     1 
ATOM   402  O O     . ALA A 1 51  ? -4.323  -15.377 4.333   1.00 13.39 ? 51  ALA A O     1 
ATOM   403  C CB    . ALA A 1 51  ? -2.958  -16.674 7.044   1.00 14.40 ? 51  ALA A CB    1 
ATOM   404  N N     . GLU A 1 52  ? -2.070  -15.356 4.367   1.00 12.47 ? 52  GLU A N     1 
ATOM   405  C CA    . GLU A 1 52  ? -1.974  -14.161 3.532   1.00 11.74 ? 52  GLU A CA    1 
ATOM   406  C C     . GLU A 1 52  ? -2.532  -14.390 2.133   1.00 11.36 ? 52  GLU A C     1 
ATOM   407  O O     . GLU A 1 52  ? -3.283  -13.567 1.611   1.00 11.05 ? 52  GLU A O     1 
ATOM   408  C CB    . GLU A 1 52  ? -0.515  -13.701 3.439   1.00 11.97 ? 52  GLU A CB    1 
ATOM   409  C CG    . GLU A 1 52  ? 0.053   -13.199 4.761   1.00 11.70 ? 52  GLU A CG    1 
ATOM   410  C CD    . GLU A 1 52  ? -0.789  -12.087 5.375   1.00 13.12 ? 52  GLU A CD    1 
ATOM   411  O OE1   . GLU A 1 52  ? -0.962  -11.031 4.719   1.00 11.77 ? 52  GLU A OE1   1 
ATOM   412  O OE2   . GLU A 1 52  ? -1.286  -12.273 6.515   1.00 14.48 ? 52  GLU A OE2   1 
ATOM   413  N N     . GLN A 1 53  ? -2.154  -15.510 1.529   1.00 11.03 ? 53  GLN A N     1 
ATOM   414  C CA    . GLN A 1 53  ? -2.619  -15.843 0.196   1.00 13.57 ? 53  GLN A CA    1 
ATOM   415  C C     . GLN A 1 53  ? -4.131  -16.021 0.162   1.00 15.26 ? 53  GLN A C     1 
ATOM   416  O O     . GLN A 1 53  ? -4.801  -15.504 -0.728  1.00 17.02 ? 53  GLN A O     1 
ATOM   417  C CB    . GLN A 1 53  ? -1.899  -17.095 -0.297  1.00 11.79 ? 53  GLN A CB    1 
ATOM   418  C CG    . GLN A 1 53  ? -0.429  -16.807 -0.553  1.00 13.38 ? 53  GLN A CG    1 
ATOM   419  C CD    . GLN A 1 53  ? 0.363   -18.010 -0.995  1.00 14.93 ? 53  GLN A CD    1 
ATOM   420  O OE1   . GLN A 1 53  ? 1.530   -17.884 -1.386  1.00 15.72 ? 53  GLN A OE1   1 
ATOM   421  N NE2   . GLN A 1 53  ? -0.252  -19.186 -0.932  1.00 10.90 ? 53  GLN A NE2   1 
ATOM   422  N N     . LYS A 1 54  ? -4.675  -16.729 1.142   1.00 16.59 ? 54  LYS A N     1 
ATOM   423  C CA    . LYS A 1 54  ? -6.112  -16.927 1.191   1.00 17.10 ? 54  LYS A CA    1 
ATOM   424  C C     . LYS A 1 54  ? -6.838  -15.605 1.368   1.00 15.36 ? 54  LYS A C     1 
ATOM   425  O O     . LYS A 1 54  ? -7.917  -15.409 0.816   1.00 13.91 ? 54  LYS A O     1 
ATOM   426  C CB    . LYS A 1 54  ? -6.474  -17.888 2.322   1.00 20.68 ? 54  LYS A CB    1 
ATOM   427  C CG    . LYS A 1 54  ? -6.050  -19.317 2.024   1.00 27.27 ? 54  LYS A CG    1 
ATOM   428  C CD    . LYS A 1 54  ? -6.338  -20.262 3.175   1.00 31.59 ? 54  LYS A CD    1 
ATOM   429  C CE    . LYS A 1 54  ? -6.074  -21.702 2.750   1.00 34.50 ? 54  LYS A CE    1 
ATOM   430  N NZ    . LYS A 1 54  ? -4.728  -21.851 2.117   1.00 37.87 ? 54  LYS A NZ    1 
ATOM   431  N N     . LEU A 1 55  ? -6.237  -14.689 2.121   1.00 14.61 ? 55  LEU A N     1 
ATOM   432  C CA    . LEU A 1 55  ? -6.855  -13.391 2.356   1.00 15.90 ? 55  LEU A CA    1 
ATOM   433  C C     . LEU A 1 55  ? -6.988  -12.651 1.028   1.00 15.25 ? 55  LEU A C     1 
ATOM   434  O O     . LEU A 1 55  ? -8.020  -12.052 0.738   1.00 16.17 ? 55  LEU A O     1 
ATOM   435  C CB    . LEU A 1 55  ? -6.013  -12.573 3.346   1.00 16.29 ? 55  LEU A CB    1 
ATOM   436  C CG    . LEU A 1 55  ? -6.678  -11.372 4.026   1.00 18.99 ? 55  LEU A CG    1 
ATOM   437  C CD1   . LEU A 1 55  ? -7.769  -11.838 4.986   1.00 17.25 ? 55  LEU A CD1   1 
ATOM   438  C CD2   . LEU A 1 55  ? -5.624  -10.582 4.788   1.00 20.14 ? 55  LEU A CD2   1 
ATOM   439  N N     . ILE A 1 56  ? -5.938  -12.705 0.218   1.00 15.58 ? 56  ILE A N     1 
ATOM   440  C CA    . ILE A 1 56  ? -5.942  -12.047 -1.080  1.00 15.72 ? 56  ILE A CA    1 
ATOM   441  C C     . ILE A 1 56  ? -6.973  -12.689 -2.014  1.00 15.89 ? 56  ILE A C     1 
ATOM   442  O O     . ILE A 1 56  ? -7.705  -11.993 -2.722  1.00 15.53 ? 56  ILE A O     1 
ATOM   443  C CB    . ILE A 1 56  ? -4.540  -12.111 -1.718  1.00 13.68 ? 56  ILE A CB    1 
ATOM   444  C CG1   . ILE A 1 56  ? -3.596  -11.176 -0.948  1.00 14.81 ? 56  ILE A CG1   1 
ATOM   445  C CG2   . ILE A 1 56  ? -4.610  -11.731 -3.201  1.00 14.91 ? 56  ILE A CG2   1 
ATOM   446  C CD1   . ILE A 1 56  ? -2.130  -11.457 -1.172  1.00 14.13 ? 56  ILE A CD1   1 
ATOM   447  N N     . GLU A 1 57  ? -7.032  -14.016 -2.010  1.00 16.66 ? 57  GLU A N     1 
ATOM   448  C CA    . GLU A 1 57  ? -7.984  -14.734 -2.859  1.00 19.05 ? 57  GLU A CA    1 
ATOM   449  C C     . GLU A 1 57  ? -9.435  -14.398 -2.497  1.00 19.88 ? 57  GLU A C     1 
ATOM   450  O O     . GLU A 1 57  ? -10.297 -14.360 -3.373  1.00 20.67 ? 57  GLU A O     1 
ATOM   451  C CB    . GLU A 1 57  ? -7.773  -16.250 -2.738  1.00 20.30 ? 57  GLU A CB    1 
ATOM   452  C CG    . GLU A 1 57  ? -6.340  -16.704 -2.981  1.00 21.90 ? 57  GLU A CG    1 
ATOM   453  C CD    . GLU A 1 57  ? -6.151  -18.209 -2.801  1.00 24.51 ? 57  GLU A CD    1 
ATOM   454  O OE1   . GLU A 1 57  ? -6.713  -18.774 -1.834  1.00 23.33 ? 57  GLU A OE1   1 
ATOM   455  O OE2   . GLU A 1 57  ? -5.425  -18.816 -3.615  1.00 24.06 ? 57  GLU A OE2   1 
ATOM   456  N N     . THR A 1 58  ? -9.700  -14.152 -1.215  1.00 19.38 ? 58  THR A N     1 
ATOM   457  C CA    . THR A 1 58  ? -11.056 -13.840 -0.767  1.00 19.25 ? 58  THR A CA    1 
ATOM   458  C C     . THR A 1 58  ? -11.460 -12.388 -0.996  1.00 18.95 ? 58  THR A C     1 
ATOM   459  O O     . THR A 1 58  ? -12.603 -12.007 -0.747  1.00 17.60 ? 58  THR A O     1 
ATOM   460  C CB    . THR A 1 58  ? -11.243 -14.181 0.728   1.00 20.88 ? 58  THR A CB    1 
ATOM   461  O OG1   . THR A 1 58  ? -10.223 -13.535 1.502   1.00 19.39 ? 58  THR A OG1   1 
ATOM   462  C CG2   . THR A 1 58  ? -11.154 -15.693 0.939   1.00 22.68 ? 58  THR A CG2   1 
ATOM   463  N N     . HIS A 1 59  ? -10.514 -11.585 -1.473  1.00 17.79 ? 59  HIS A N     1 
ATOM   464  C CA    . HIS A 1 59  ? -10.761 -10.182 -1.753  1.00 17.10 ? 59  HIS A CA    1 
ATOM   465  C C     . HIS A 1 59  ? -10.618 -9.907  -3.248  1.00 17.88 ? 59  HIS A C     1 
ATOM   466  O O     . HIS A 1 59  ? -10.296 -10.807 -4.025  1.00 18.17 ? 59  HIS A O     1 
ATOM   467  C CB    . HIS A 1 59  ? -9.789  -9.299  -0.957  1.00 15.67 ? 59  HIS A CB    1 
ATOM   468  C CG    . HIS A 1 59  ? -10.103 -9.219  0.505   1.00 13.78 ? 59  HIS A CG    1 
ATOM   469  N ND1   . HIS A 1 59  ? -9.823  -10.240 1.390   1.00 12.55 ? 59  HIS A ND1   1 
ATOM   470  C CD2   . HIS A 1 59  ? -10.701 -8.246  1.234   1.00 12.03 ? 59  HIS A CD2   1 
ATOM   471  C CE1   . HIS A 1 59  ? -10.234 -9.899  2.598   1.00 12.29 ? 59  HIS A CE1   1 
ATOM   472  N NE2   . HIS A 1 59  ? -10.770 -8.694  2.532   1.00 11.01 ? 59  HIS A NE2   1 
ATOM   473  N N     . ASP A 1 60  ? -10.870 -8.666  -3.649  1.00 18.06 ? 60  ASP A N     1 
ATOM   474  C CA    . ASP A 1 60  ? -10.768 -8.273  -5.053  1.00 19.61 ? 60  ASP A CA    1 
ATOM   475  C C     . ASP A 1 60  ? -9.491  -7.454  -5.255  1.00 17.58 ? 60  ASP A C     1 
ATOM   476  O O     . ASP A 1 60  ? -8.400  -8.005  -5.387  1.00 18.68 ? 60  ASP A O     1 
ATOM   477  C CB    . ASP A 1 60  ? -11.996 -7.445  -5.452  1.00 22.95 ? 60  ASP A CB    1 
ATOM   478  C CG    . ASP A 1 60  ? -12.015 -7.096  -6.935  1.00 29.71 ? 60  ASP A CG    1 
ATOM   479  O OD1   . ASP A 1 60  ? -12.851 -6.255  -7.337  1.00 33.03 ? 60  ASP A OD1   1 
ATOM   480  O OD2   . ASP A 1 60  ? -11.202 -7.664  -7.703  1.00 32.84 ? 60  ASP A OD2   1 
ATOM   481  N N     . SER A 1 61  ? -9.624  -6.136  -5.272  1.00 16.43 ? 61  SER A N     1 
ATOM   482  C CA    . SER A 1 61  ? -8.460  -5.281  -5.452  1.00 16.02 ? 61  SER A CA    1 
ATOM   483  C C     . SER A 1 61  ? -7.498  -5.386  -4.275  1.00 16.07 ? 61  SER A C     1 
ATOM   484  O O     . SER A 1 61  ? -7.905  -5.662  -3.145  1.00 14.26 ? 61  SER A O     1 
ATOM   485  C CB    . SER A 1 61  ? -8.895  -3.831  -5.642  1.00 17.01 ? 61  SER A CB    1 
ATOM   486  O OG    . SER A 1 61  ? -9.490  -3.665  -6.916  1.00 19.37 ? 61  SER A OG    1 
ATOM   487  N N     . LEU A 1 62  ? -6.216  -5.171  -4.554  1.00 14.17 ? 62  LEU A N     1 
ATOM   488  C CA    . LEU A 1 62  ? -5.180  -5.243  -3.530  1.00 12.92 ? 62  LEU A CA    1 
ATOM   489  C C     . LEU A 1 62  ? -4.439  -3.915  -3.465  1.00 12.12 ? 62  LEU A C     1 
ATOM   490  O O     . LEU A 1 62  ? -4.027  -3.372  -4.486  1.00 12.77 ? 62  LEU A O     1 
ATOM   491  C CB    . LEU A 1 62  ? -4.204  -6.379  -3.856  1.00 11.09 ? 62  LEU A CB    1 
ATOM   492  C CG    . LEU A 1 62  ? -3.007  -6.630  -2.933  1.00 12.85 ? 62  LEU A CG    1 
ATOM   493  C CD1   . LEU A 1 62  ? -3.464  -7.028  -1.535  1.00 12.38 ? 62  LEU A CD1   1 
ATOM   494  C CD2   . LEU A 1 62  ? -2.161  -7.724  -3.548  1.00 11.88 ? 62  LEU A CD2   1 
ATOM   495  N N     . VAL A 1 63  ? -4.295  -3.392  -2.254  1.00 11.57 ? 63  VAL A N     1 
ATOM   496  C CA    . VAL A 1 63  ? -3.607  -2.122  -2.034  1.00 11.05 ? 63  VAL A CA    1 
ATOM   497  C C     . VAL A 1 63  ? -2.491  -2.291  -1.004  1.00 11.50 ? 63  VAL A C     1 
ATOM   498  O O     . VAL A 1 63  ? -2.658  -2.991  -0.004  1.00 10.27 ? 63  VAL A O     1 
ATOM   499  C CB    . VAL A 1 63  ? -4.594  -1.032  -1.520  1.00 12.00 ? 63  VAL A CB    1 
ATOM   500  C CG1   . VAL A 1 63  ? -3.834  0.228   -1.098  1.00 11.60 ? 63  VAL A CG1   1 
ATOM   501  C CG2   . VAL A 1 63  ? -5.598  -0.675  -2.617  1.00 12.36 ? 63  VAL A CG2   1 
ATOM   502  N N     . TRP A 1 64  ? -1.352  -1.661  -1.269  1.00 11.14 ? 64  TRP A N     1 
ATOM   503  C CA    . TRP A 1 64  ? -0.220  -1.681  -0.353  1.00 11.74 ? 64  TRP A CA    1 
ATOM   504  C C     . TRP A 1 64  ? -0.090  -0.244  0.147   1.00 11.09 ? 64  TRP A C     1 
ATOM   505  O O     . TRP A 1 64  ? 0.261   0.659   -0.615  1.00 11.80 ? 64  TRP A O     1 
ATOM   506  C CB    . TRP A 1 64  ? 1.068   -2.123  -1.071  1.00 10.70 ? 64  TRP A CB    1 
ATOM   507  C CG    . TRP A 1 64  ? 0.986   -3.510  -1.628  1.00 11.51 ? 64  TRP A CG    1 
ATOM   508  C CD1   . TRP A 1 64  ? 0.182   -4.528  -1.180  1.00 12.35 ? 64  TRP A CD1   1 
ATOM   509  C CD2   . TRP A 1 64  ? 1.697   -4.032  -2.758  1.00 11.75 ? 64  TRP A CD2   1 
ATOM   510  N NE1   . TRP A 1 64  ? 0.343   -5.642  -1.967  1.00 11.93 ? 64  TRP A NE1   1 
ATOM   511  C CE2   . TRP A 1 64  ? 1.265   -5.367  -2.943  1.00 13.20 ? 64  TRP A CE2   1 
ATOM   512  C CE3   . TRP A 1 64  ? 2.655   -3.502  -3.635  1.00 13.30 ? 64  TRP A CE3   1 
ATOM   513  C CZ2   . TRP A 1 64  ? 1.758   -6.184  -3.973  1.00 12.42 ? 64  TRP A CZ2   1 
ATOM   514  C CZ3   . TRP A 1 64  ? 3.149   -4.320  -4.665  1.00 12.73 ? 64  TRP A CZ3   1 
ATOM   515  C CH2   . TRP A 1 64  ? 2.695   -5.644  -4.820  1.00 12.97 ? 64  TRP A CH2   1 
ATOM   516  N N     . GLN A 1 65  ? -0.401  -0.049  1.425   1.00 10.57 ? 65  GLN A N     1 
ATOM   517  C CA    . GLN A 1 65  ? -0.358  1.260   2.068   1.00 10.47 ? 65  GLN A CA    1 
ATOM   518  C C     . GLN A 1 65  ? 0.824   1.361   3.019   1.00 9.86  ? 65  GLN A C     1 
ATOM   519  O O     . GLN A 1 65  ? 0.931   0.581   3.967   1.00 9.39  ? 65  GLN A O     1 
ATOM   520  C CB    . GLN A 1 65  ? -1.649  1.499   2.861   1.00 10.10 ? 65  GLN A CB    1 
ATOM   521  C CG    . GLN A 1 65  ? -1.639  2.806   3.646   1.00 11.12 ? 65  GLN A CG    1 
ATOM   522  C CD    . GLN A 1 65  ? -2.852  2.986   4.541   1.00 10.97 ? 65  GLN A CD    1 
ATOM   523  O OE1   . GLN A 1 65  ? -2.833  3.798   5.471   1.00 16.11 ? 65  GLN A OE1   1 
ATOM   524  N NE2   . GLN A 1 65  ? -3.914  2.242   4.262   1.00 10.12 ? 65  GLN A NE2   1 
ATOM   525  N N     . PHE A 1 66  ? 1.703   2.331   2.790   1.00 11.41 ? 66  PHE A N     1 
ATOM   526  C CA    . PHE A 1 66  ? 2.863   2.466   3.655   1.00 11.37 ? 66  PHE A CA    1 
ATOM   527  C C     . PHE A 1 66  ? 3.586   3.802   3.542   1.00 11.60 ? 66  PHE A C     1 
ATOM   528  O O     . PHE A 1 66  ? 3.437   4.534   2.554   1.00 12.80 ? 66  PHE A O     1 
ATOM   529  C CB    . PHE A 1 66  ? 3.865   1.352   3.346   1.00 8.47  ? 66  PHE A CB    1 
ATOM   530  C CG    . PHE A 1 66  ? 4.327   1.328   1.906   1.00 11.56 ? 66  PHE A CG    1 
ATOM   531  C CD1   . PHE A 1 66  ? 3.579   0.670   0.926   1.00 11.51 ? 66  PHE A CD1   1 
ATOM   532  C CD2   . PHE A 1 66  ? 5.509   1.964   1.526   1.00 10.17 ? 66  PHE A CD2   1 
ATOM   533  C CE1   . PHE A 1 66  ? 4.003   0.643   -0.411  1.00 8.75  ? 66  PHE A CE1   1 
ATOM   534  C CE2   . PHE A 1 66  ? 5.943   1.946   0.194   1.00 10.92 ? 66  PHE A CE2   1 
ATOM   535  C CZ    . PHE A 1 66  ? 5.187   1.283   -0.775  1.00 10.09 ? 66  PHE A CZ    1 
ATOM   536  N N     . PRO A 1 67  ? 4.368   4.148   4.575   1.00 9.68  ? 67  PRO A N     1 
ATOM   537  C CA    . PRO A 1 67  ? 5.101   5.409   4.510   1.00 9.97  ? 67  PRO A CA    1 
ATOM   538  C C     . PRO A 1 67  ? 6.357   5.139   3.684   1.00 9.76  ? 67  PRO A C     1 
ATOM   539  O O     . PRO A 1 67  ? 6.891   4.026   3.708   1.00 9.81  ? 67  PRO A O     1 
ATOM   540  C CB    . PRO A 1 67  ? 5.418   5.701   5.970   1.00 9.34  ? 67  PRO A CB    1 
ATOM   541  C CG    . PRO A 1 67  ? 5.632   4.322   6.539   1.00 10.80 ? 67  PRO A CG    1 
ATOM   542  C CD    . PRO A 1 67  ? 4.504   3.517   5.904   1.00 9.10  ? 67  PRO A CD    1 
ATOM   543  N N     . ILE A 1 68  ? 6.820   6.135   2.937   1.00 11.04 ? 68  ILE A N     1 
ATOM   544  C CA    . ILE A 1 68  ? 8.028   5.953   2.143   1.00 10.85 ? 68  ILE A CA    1 
ATOM   545  C C     . ILE A 1 68  ? 9.214   6.206   3.048   1.00 12.35 ? 68  ILE A C     1 
ATOM   546  O O     . ILE A 1 68  ? 9.410   7.329   3.517   1.00 12.32 ? 68  ILE A O     1 
ATOM   547  C CB    . ILE A 1 68  ? 8.108   6.950   0.960   1.00 12.87 ? 68  ILE A CB    1 
ATOM   548  C CG1   . ILE A 1 68  ? 6.931   6.727   0.000   1.00 12.61 ? 68  ILE A CG1   1 
ATOM   549  C CG2   . ILE A 1 68  ? 9.450   6.780   0.220   1.00 9.89  ? 68  ILE A CG2   1 
ATOM   550  C CD1   . ILE A 1 68  ? 6.849   5.332   -0.573  1.00 12.76 ? 68  ILE A CD1   1 
ATOM   551  N N     . TYR A 1 69  ? 9.985   5.155   3.311   1.00 11.08 ? 69  TYR A N     1 
ATOM   552  C CA    . TYR A 1 69  ? 11.183  5.245   4.148   1.00 12.16 ? 69  TYR A CA    1 
ATOM   553  C C     . TYR A 1 69  ? 12.371  4.999   3.234   1.00 11.19 ? 69  TYR A C     1 
ATOM   554  O O     . TYR A 1 69  ? 12.472  3.941   2.618   1.00 10.51 ? 69  TYR A O     1 
ATOM   555  C CB    . TYR A 1 69  ? 11.182  4.178   5.245   1.00 15.31 ? 69  TYR A CB    1 
ATOM   556  C CG    . TYR A 1 69  ? 10.188  4.406   6.354   1.00 18.29 ? 69  TYR A CG    1 
ATOM   557  C CD1   . TYR A 1 69  ? 9.588   5.650   6.530   1.00 18.53 ? 69  TYR A CD1   1 
ATOM   558  C CD2   . TYR A 1 69  ? 9.875   3.387   7.252   1.00 19.00 ? 69  TYR A CD2   1 
ATOM   559  C CE1   . TYR A 1 69  ? 8.698   5.877   7.574   1.00 21.10 ? 69  TYR A CE1   1 
ATOM   560  C CE2   . TYR A 1 69  ? 8.985   3.606   8.305   1.00 20.02 ? 69  TYR A CE2   1 
ATOM   561  C CZ    . TYR A 1 69  ? 8.403   4.852   8.455   1.00 19.97 ? 69  TYR A CZ    1 
ATOM   562  O OH    . TYR A 1 69  ? 7.519   5.090   9.484   1.00 23.01 ? 69  TYR A OH    1 
ATOM   563  N N     . TRP A 1 70  ? 13.264  5.977   3.152   1.00 9.90  ? 70  TRP A N     1 
ATOM   564  C CA    . TRP A 1 70  ? 14.427  5.874   2.288   1.00 11.21 ? 70  TRP A CA    1 
ATOM   565  C C     . TRP A 1 70  ? 14.054  5.482   0.856   1.00 10.91 ? 70  TRP A C     1 
ATOM   566  O O     . TRP A 1 70  ? 14.625  4.553   0.282   1.00 10.84 ? 70  TRP A O     1 
ATOM   567  C CB    . TRP A 1 70  ? 15.439  4.880   2.874   1.00 12.61 ? 70  TRP A CB    1 
ATOM   568  C CG    . TRP A 1 70  ? 16.181  5.438   4.061   1.00 14.24 ? 70  TRP A CG    1 
ATOM   569  C CD1   . TRP A 1 70  ? 16.214  4.928   5.329   1.00 14.26 ? 70  TRP A CD1   1 
ATOM   570  C CD2   . TRP A 1 70  ? 16.967  6.641   4.093   1.00 14.97 ? 70  TRP A CD2   1 
ATOM   571  N NE1   . TRP A 1 70  ? 16.969  5.738   6.148   1.00 17.24 ? 70  TRP A NE1   1 
ATOM   572  C CE2   . TRP A 1 70  ? 17.443  6.796   5.416   1.00 15.69 ? 70  TRP A CE2   1 
ATOM   573  C CE3   . TRP A 1 70  ? 17.313  7.601   3.130   1.00 15.65 ? 70  TRP A CE3   1 
ATOM   574  C CZ2   . TRP A 1 70  ? 18.247  7.874   5.805   1.00 16.06 ? 70  TRP A CZ2   1 
ATOM   575  C CZ3   . TRP A 1 70  ? 18.118  8.680   3.518   1.00 16.73 ? 70  TRP A CZ3   1 
ATOM   576  C CH2   . TRP A 1 70  ? 18.574  8.804   4.845   1.00 16.48 ? 70  TRP A CH2   1 
ATOM   577  N N     . PHE A 1 71  ? 13.073  6.190   0.297   1.00 10.21 ? 71  PHE A N     1 
ATOM   578  C CA    . PHE A 1 71  ? 12.644  5.979   -1.078  1.00 9.73  ? 71  PHE A CA    1 
ATOM   579  C C     . PHE A 1 71  ? 12.261  4.524   -1.336  1.00 9.84  ? 71  PHE A C     1 
ATOM   580  O O     . PHE A 1 71  ? 12.419  4.010   -2.449  1.00 10.25 ? 71  PHE A O     1 
ATOM   581  C CB    . PHE A 1 71  ? 13.792  6.413   -2.001  1.00 11.36 ? 71  PHE A CB    1 
ATOM   582  C CG    . PHE A 1 71  ? 14.335  7.783   -1.671  1.00 11.52 ? 71  PHE A CG    1 
ATOM   583  C CD1   . PHE A 1 71  ? 13.638  8.926   -2.053  1.00 9.42  ? 71  PHE A CD1   1 
ATOM   584  C CD2   . PHE A 1 71  ? 15.504  7.928   -0.921  1.00 9.70  ? 71  PHE A CD2   1 
ATOM   585  C CE1   . PHE A 1 71  ? 14.089  10.200  -1.691  1.00 11.61 ? 71  PHE A CE1   1 
ATOM   586  C CE2   . PHE A 1 71  ? 15.966  9.199   -0.552  1.00 11.58 ? 71  PHE A CE2   1 
ATOM   587  C CZ    . PHE A 1 71  ? 15.252  10.337  -0.938  1.00 10.54 ? 71  PHE A CZ    1 
ATOM   588  N N     . ASN A 1 72  ? 11.721  3.884   -0.305  1.00 9.97  ? 72  ASN A N     1 
ATOM   589  C CA    . ASN A 1 72  ? 11.364  2.472   -0.362  1.00 10.80 ? 72  ASN A CA    1 
ATOM   590  C C     . ASN A 1 72  ? 10.254  2.192   0.659   1.00 10.87 ? 72  ASN A C     1 
ATOM   591  O O     . ASN A 1 72  ? 9.700   3.115   1.258   1.00 11.04 ? 72  ASN A O     1 
ATOM   592  C CB    . ASN A 1 72  ? 12.608  1.647   -0.003  1.00 8.39  ? 72  ASN A CB    1 
ATOM   593  C CG    . ASN A 1 72  ? 12.653  0.301   -0.695  1.00 8.12  ? 72  ASN A CG    1 
ATOM   594  O OD1   . ASN A 1 72  ? 11.648  -0.406  -0.797  1.00 7.17  ? 72  ASN A OD1   1 
ATOM   595  N ND2   . ASN A 1 72  ? 13.839  -0.074  -1.157  1.00 5.59  ? 72  ASN A ND2   1 
ATOM   596  N N     . CYS A 1 73  ? 9.947   0.913   0.862   1.00 10.15 ? 73  CYS A N     1 
ATOM   597  C CA    . CYS A 1 73  ? 8.905   0.516   1.802   1.00 9.47  ? 73  CYS A CA    1 
ATOM   598  C C     . CYS A 1 73  ? 9.490   0.049   3.138   1.00 10.43 ? 73  CYS A C     1 
ATOM   599  O O     . CYS A 1 73  ? 10.710  -0.058  3.299   1.00 9.02  ? 73  CYS A O     1 
ATOM   600  C CB    . CYS A 1 73  ? 8.071   -0.635  1.210   1.00 8.14  ? 73  CYS A CB    1 
ATOM   601  S SG    . CYS A 1 73  ? 8.994   -2.188  0.964   1.00 10.13 ? 73  CYS A SG    1 
ATOM   602  N N     . PRO A 1 74  ? 8.620   -0.170  4.141   1.00 9.81  ? 74  PRO A N     1 
ATOM   603  C CA    . PRO A 1 74  ? 9.127   -0.646  5.431   1.00 9.84  ? 74  PRO A CA    1 
ATOM   604  C C     . PRO A 1 74  ? 9.566   -2.101  5.203   1.00 9.66  ? 74  PRO A C     1 
ATOM   605  O O     . PRO A 1 74  ? 9.045   -2.788  4.315   1.00 7.07  ? 74  PRO A O     1 
ATOM   606  C CB    . PRO A 1 74  ? 7.908   -0.543  6.339   1.00 9.83  ? 74  PRO A CB    1 
ATOM   607  C CG    . PRO A 1 74  ? 7.211   0.670   5.802   1.00 7.69  ? 74  PRO A CG    1 
ATOM   608  C CD    . PRO A 1 74  ? 7.299   0.472   4.304   1.00 8.71  ? 74  PRO A CD    1 
ATOM   609  N N     . PRO A 1 75  ? 10.516  -2.592  6.007   1.00 9.60  ? 75  PRO A N     1 
ATOM   610  C CA    . PRO A 1 75  ? 11.016  -3.967  5.864   1.00 9.50  ? 75  PRO A CA    1 
ATOM   611  C C     . PRO A 1 75  ? 9.998   -5.108  5.877   1.00 10.49 ? 75  PRO A C     1 
ATOM   612  O O     . PRO A 1 75  ? 10.110  -6.055  5.089   1.00 9.15  ? 75  PRO A O     1 
ATOM   613  C CB    . PRO A 1 75  ? 12.055  -4.087  6.982   1.00 10.70 ? 75  PRO A CB    1 
ATOM   614  C CG    . PRO A 1 75  ? 11.701  -3.013  7.946   1.00 12.66 ? 75  PRO A CG    1 
ATOM   615  C CD    . PRO A 1 75  ? 11.182  -1.883  7.112   1.00 10.64 ? 75  PRO A CD    1 
ATOM   616  N N     . LEU A 1 76  ? 9.007   -5.032  6.757   1.00 8.70  ? 76  LEU A N     1 
ATOM   617  C CA    . LEU A 1 76  ? 8.017   -6.096  6.818   1.00 8.56  ? 76  LEU A CA    1 
ATOM   618  C C     . LEU A 1 76  ? 7.222   -6.225  5.517   1.00 9.44  ? 76  LEU A C     1 
ATOM   619  O O     . LEU A 1 76  ? 6.776   -7.325  5.169   1.00 8.49  ? 76  LEU A O     1 
ATOM   620  C CB    . LEU A 1 76  ? 7.073   -5.893  8.007   1.00 7.85  ? 76  LEU A CB    1 
ATOM   621  C CG    . LEU A 1 76  ? 6.113   -7.053  8.285   1.00 7.01  ? 76  LEU A CG    1 
ATOM   622  C CD1   . LEU A 1 76  ? 6.877   -8.360  8.304   1.00 8.54  ? 76  LEU A CD1   1 
ATOM   623  C CD2   . LEU A 1 76  ? 5.409   -6.824  9.627   1.00 8.25  ? 76  LEU A CD2   1 
ATOM   624  N N     . LEU A 1 77  ? 7.039   -5.121  4.790   1.00 9.34  ? 77  LEU A N     1 
ATOM   625  C CA    . LEU A 1 77  ? 6.310   -5.197  3.514   1.00 11.03 ? 77  LEU A CA    1 
ATOM   626  C C     . LEU A 1 77  ? 7.191   -5.916  2.500   1.00 10.54 ? 77  LEU A C     1 
ATOM   627  O O     . LEU A 1 77  ? 6.713   -6.755  1.731   1.00 10.16 ? 77  LEU A O     1 
ATOM   628  C CB    . LEU A 1 77  ? 5.949   -3.801  2.977   1.00 12.09 ? 77  LEU A CB    1 
ATOM   629  C CG    . LEU A 1 77  ? 5.274   -3.783  1.588   1.00 14.16 ? 77  LEU A CG    1 
ATOM   630  C CD1   . LEU A 1 77  ? 3.957   -4.552  1.633   1.00 13.50 ? 77  LEU A CD1   1 
ATOM   631  C CD2   . LEU A 1 77  ? 5.031   -2.353  1.142   1.00 14.23 ? 77  LEU A CD2   1 
ATOM   632  N N     . LYS A 1 78  ? 8.481   -5.581  2.491   1.00 9.40  ? 78  LYS A N     1 
ATOM   633  C CA    . LYS A 1 78  ? 9.416   -6.229  1.571   1.00 9.61  ? 78  LYS A CA    1 
ATOM   634  C C     . LYS A 1 78  ? 9.456   -7.725  1.868   1.00 8.96  ? 78  LYS A C     1 
ATOM   635  O O     . LYS A 1 78  ? 9.520   -8.542  0.953   1.00 9.88  ? 78  LYS A O     1 
ATOM   636  C CB    . LYS A 1 78  ? 10.830  -5.655  1.717   1.00 9.80  ? 78  LYS A CB    1 
ATOM   637  C CG    . LYS A 1 78  ? 11.827  -6.248  0.705   1.00 10.97 ? 78  LYS A CG    1 
ATOM   638  C CD    . LYS A 1 78  ? 11.294  -6.089  -0.721  1.00 11.37 ? 78  LYS A CD    1 
ATOM   639  C CE    . LYS A 1 78  ? 12.166  -6.744  -1.780  1.00 17.27 ? 78  LYS A CE    1 
ATOM   640  N NZ    . LYS A 1 78  ? 12.454  -8.180  -1.584  1.00 14.91 ? 78  LYS A NZ    1 
ATOM   641  N N     . GLN A 1 79  ? 9.422   -8.075  3.153   1.00 8.70  ? 79  GLN A N     1 
ATOM   642  C CA    . GLN A 1 79  ? 9.448   -9.482  3.547   1.00 8.52  ? 79  GLN A CA    1 
ATOM   643  C C     . GLN A 1 79  ? 8.146   -10.137 3.071   1.00 9.37  ? 79  GLN A C     1 
ATOM   644  O O     . GLN A 1 79  ? 8.148   -11.255 2.554   1.00 10.02 ? 79  GLN A O     1 
ATOM   645  C CB    . GLN A 1 79  ? 9.580   -9.617  5.074   1.00 8.40  ? 79  GLN A CB    1 
ATOM   646  C CG    . GLN A 1 79  ? 9.602   -11.074 5.567   1.00 9.62  ? 79  GLN A CG    1 
ATOM   647  C CD    . GLN A 1 79  ? 9.611   -11.214 7.086   1.00 12.41 ? 79  GLN A CD    1 
ATOM   648  O OE1   . GLN A 1 79  ? 9.198   -12.249 7.624   1.00 17.17 ? 79  GLN A OE1   1 
ATOM   649  N NE2   . GLN A 1 79  ? 10.089  -10.186 7.781   1.00 7.86  ? 79  GLN A NE2   1 
ATOM   650  N N     . TRP A 1 80  ? 7.038   -9.423  3.251   1.00 9.99  ? 80  TRP A N     1 
ATOM   651  C CA    . TRP A 1 80  ? 5.721   -9.903  2.836   1.00 10.71 ? 80  TRP A CA    1 
ATOM   652  C C     . TRP A 1 80  ? 5.756   -10.260 1.348   1.00 10.29 ? 80  TRP A C     1 
ATOM   653  O O     . TRP A 1 80  ? 5.306   -11.337 0.942   1.00 9.44  ? 80  TRP A O     1 
ATOM   654  C CB    . TRP A 1 80  ? 4.675   -8.813  3.076   1.00 11.55 ? 80  TRP A CB    1 
ATOM   655  C CG    . TRP A 1 80  ? 3.250   -9.240  2.837   1.00 10.39 ? 80  TRP A CG    1 
ATOM   656  C CD1   . TRP A 1 80  ? 2.404   -9.823  3.739   1.00 11.63 ? 80  TRP A CD1   1 
ATOM   657  C CD2   . TRP A 1 80  ? 2.501   -9.089  1.624   1.00 10.53 ? 80  TRP A CD2   1 
ATOM   658  N NE1   . TRP A 1 80  ? 1.170   -10.039 3.167   1.00 12.44 ? 80  TRP A NE1   1 
ATOM   659  C CE2   . TRP A 1 80  ? 1.201   -9.600  1.871   1.00 11.76 ? 80  TRP A CE2   1 
ATOM   660  C CE3   . TRP A 1 80  ? 2.798   -8.571  0.359   1.00 9.82  ? 80  TRP A CE3   1 
ATOM   661  C CZ2   . TRP A 1 80  ? 0.201   -9.607  0.892   1.00 12.17 ? 80  TRP A CZ2   1 
ATOM   662  C CZ3   . TRP A 1 80  ? 1.803   -8.577  -0.617  1.00 12.75 ? 80  TRP A CZ3   1 
ATOM   663  C CH2   . TRP A 1 80  ? 0.517   -9.094  -0.341  1.00 13.62 ? 80  TRP A CH2   1 
ATOM   664  N N     . LEU A 1 81  ? 6.291   -9.353  0.536   1.00 9.15  ? 81  LEU A N     1 
ATOM   665  C CA    . LEU A 1 81  ? 6.386   -9.589  -0.907  1.00 11.61 ? 81  LEU A CA    1 
ATOM   666  C C     . LEU A 1 81  ? 7.201   -10.840 -1.228  1.00 11.34 ? 81  LEU A C     1 
ATOM   667  O O     . LEU A 1 81  ? 6.799   -11.659 -2.056  1.00 11.98 ? 81  LEU A O     1 
ATOM   668  C CB    . LEU A 1 81  ? 7.028   -8.384  -1.610  1.00 11.68 ? 81  LEU A CB    1 
ATOM   669  C CG    . LEU A 1 81  ? 6.260   -7.065  -1.529  1.00 13.53 ? 81  LEU A CG    1 
ATOM   670  C CD1   . LEU A 1 81  ? 7.127   -5.924  -2.053  1.00 13.39 ? 81  LEU A CD1   1 
ATOM   671  C CD2   . LEU A 1 81  ? 4.973   -7.182  -2.338  1.00 14.90 ? 81  LEU A CD2   1 
ATOM   672  N N     . ASP A 1 82  ? 8.347   -10.985 -0.569  1.00 10.96 ? 82  ASP A N     1 
ATOM   673  C CA    . ASP A 1 82  ? 9.227   -12.126 -0.800  1.00 12.23 ? 82  ASP A CA    1 
ATOM   674  C C     . ASP A 1 82  ? 8.643   -13.459 -0.358  1.00 12.71 ? 82  ASP A C     1 
ATOM   675  O O     . ASP A 1 82  ? 8.874   -14.475 -1.003  1.00 15.65 ? 82  ASP A O     1 
ATOM   676  C CB    . ASP A 1 82  ? 10.565  -11.950 -0.065  1.00 11.44 ? 82  ASP A CB    1 
ATOM   677  C CG    . ASP A 1 82  ? 11.360  -10.751 -0.552  1.00 13.76 ? 82  ASP A CG    1 
ATOM   678  O OD1   . ASP A 1 82  ? 11.080  -10.243 -1.656  1.00 13.24 ? 82  ASP A OD1   1 
ATOM   679  O OD2   . ASP A 1 82  ? 12.286  -10.333 0.176   1.00 13.72 ? 82  ASP A OD2   1 
ATOM   680  N N     . GLU A 1 83  ? 7.892   -13.457 0.739   1.00 12.33 ? 83  GLU A N     1 
ATOM   681  C CA    . GLU A 1 83  ? 7.344   -14.697 1.280   1.00 13.84 ? 83  GLU A CA    1 
ATOM   682  C C     . GLU A 1 83  ? 5.935   -15.070 0.845   1.00 12.79 ? 83  GLU A C     1 
ATOM   683  O O     . GLU A 1 83  ? 5.572   -16.247 0.861   1.00 12.41 ? 83  GLU A O     1 
ATOM   684  C CB    . GLU A 1 83  ? 7.425   -14.652 2.807   1.00 14.23 ? 83  GLU A CB    1 
ATOM   685  C CG    . GLU A 1 83  ? 8.816   -14.298 3.296   1.00 16.63 ? 83  GLU A CG    1 
ATOM   686  C CD    . GLU A 1 83  ? 8.970   -14.416 4.794   1.00 17.18 ? 83  GLU A CD    1 
ATOM   687  O OE1   . GLU A 1 83  ? 8.009   -14.106 5.520   1.00 17.78 ? 83  GLU A OE1   1 
ATOM   688  O OE2   . GLU A 1 83  ? 10.068  -14.802 5.246   1.00 19.44 ? 83  GLU A OE2   1 
ATOM   689  N N     . VAL A 1 84  ? 5.148   -14.071 0.456   1.00 11.95 ? 84  VAL A N     1 
ATOM   690  C CA    . VAL A 1 84  ? 3.772   -14.302 0.032   1.00 12.30 ? 84  VAL A CA    1 
ATOM   691  C C     . VAL A 1 84  ? 3.636   -14.507 -1.478  1.00 13.45 ? 84  VAL A C     1 
ATOM   692  O O     . VAL A 1 84  ? 2.861   -15.354 -1.915  1.00 14.12 ? 84  VAL A O     1 
ATOM   693  C CB    . VAL A 1 84  ? 2.854   -13.129 0.474   1.00 10.89 ? 84  VAL A CB    1 
ATOM   694  C CG1   . VAL A 1 84  ? 1.440   -13.332 -0.059  1.00 10.33 ? 84  VAL A CG1   1 
ATOM   695  C CG2   . VAL A 1 84  ? 2.827   -13.035 1.998   1.00 8.70  ? 84  VAL A CG2   1 
ATOM   696  N N     . LEU A 1 85  ? 4.372   -13.737 -2.276  1.00 14.26 ? 85  LEU A N     1 
ATOM   697  C CA    . LEU A 1 85  ? 4.286   -13.891 -3.729  1.00 15.96 ? 85  LEU A CA    1 
ATOM   698  C C     . LEU A 1 85  ? 5.213   -15.024 -4.166  1.00 17.26 ? 85  LEU A C     1 
ATOM   699  O O     . LEU A 1 85  ? 6.283   -14.795 -4.735  1.00 17.96 ? 85  LEU A O     1 
ATOM   700  C CB    . LEU A 1 85  ? 4.662   -12.583 -4.434  1.00 16.27 ? 85  LEU A CB    1 
ATOM   701  C CG    . LEU A 1 85  ? 3.960   -11.313 -3.929  1.00 15.99 ? 85  LEU A CG    1 
ATOM   702  C CD1   . LEU A 1 85  ? 4.305   -10.131 -4.841  1.00 16.60 ? 85  LEU A CD1   1 
ATOM   703  C CD2   . LEU A 1 85  ? 2.467   -11.524 -3.881  1.00 15.66 ? 85  LEU A CD2   1 
ATOM   704  N N     . THR A 1 86  ? 4.778   -16.253 -3.899  1.00 17.69 ? 86  THR A N     1 
ATOM   705  C CA    . THR A 1 86  ? 5.554   -17.444 -4.216  1.00 18.04 ? 86  THR A CA    1 
ATOM   706  C C     . THR A 1 86  ? 5.339   -17.991 -5.615  1.00 17.66 ? 86  THR A C     1 
ATOM   707  O O     . THR A 1 86  ? 4.307   -17.752 -6.245  1.00 15.01 ? 86  THR A O     1 
ATOM   708  C CB    . THR A 1 86  ? 5.240   -18.563 -3.223  1.00 18.61 ? 86  THR A CB    1 
ATOM   709  O OG1   . THR A 1 86  ? 3.849   -18.900 -3.314  1.00 20.00 ? 86  THR A OG1   1 
ATOM   710  C CG2   . THR A 1 86  ? 5.548   -18.106 -1.807  1.00 19.24 ? 86  THR A CG2   1 
ATOM   711  N N     . TYR A 1 87  ? 6.330   -18.731 -6.093  1.00 18.66 ? 87  TYR A N     1 
ATOM   712  C CA    . TYR A 1 87  ? 6.258   -19.335 -7.412  1.00 21.08 ? 87  TYR A CA    1 
ATOM   713  C C     . TYR A 1 87  ? 5.184   -20.418 -7.393  1.00 19.79 ? 87  TYR A C     1 
ATOM   714  O O     . TYR A 1 87  ? 5.172   -21.281 -6.516  1.00 18.71 ? 87  TYR A O     1 
ATOM   715  C CB    . TYR A 1 87  ? 7.623   -19.925 -7.787  1.00 24.80 ? 87  TYR A CB    1 
ATOM   716  C CG    . TYR A 1 87  ? 7.593   -20.806 -9.008  1.00 29.69 ? 87  TYR A CG    1 
ATOM   717  C CD1   . TYR A 1 87  ? 7.356   -22.175 -8.891  1.00 32.69 ? 87  TYR A CD1   1 
ATOM   718  C CD2   . TYR A 1 87  ? 7.769   -20.271 -10.285 1.00 31.51 ? 87  TYR A CD2   1 
ATOM   719  C CE1   . TYR A 1 87  ? 7.292   -22.992 -10.012 1.00 34.29 ? 87  TYR A CE1   1 
ATOM   720  C CE2   . TYR A 1 87  ? 7.707   -21.080 -11.418 1.00 33.94 ? 87  TYR A CE2   1 
ATOM   721  C CZ    . TYR A 1 87  ? 7.467   -22.441 -11.270 1.00 34.97 ? 87  TYR A CZ    1 
ATOM   722  O OH    . TYR A 1 87  ? 7.394   -23.256 -12.375 1.00 38.51 ? 87  TYR A OH    1 
ATOM   723  N N     . GLY A 1 88  ? 4.277   -20.363 -8.360  1.00 19.88 ? 88  GLY A N     1 
ATOM   724  C CA    . GLY A 1 88  ? 3.213   -21.348 -8.411  1.00 19.45 ? 88  GLY A CA    1 
ATOM   725  C C     . GLY A 1 88  ? 1.918   -20.789 -7.854  1.00 19.27 ? 88  GLY A C     1 
ATOM   726  O O     . GLY A 1 88  ? 0.878   -21.444 -7.922  1.00 18.12 ? 88  GLY A O     1 
ATOM   727  N N     . TRP A 1 89  ? 1.983   -19.583 -7.292  1.00 17.45 ? 89  TRP A N     1 
ATOM   728  C CA    . TRP A 1 89  ? 0.794   -18.932 -6.741  1.00 17.04 ? 89  TRP A CA    1 
ATOM   729  C C     . TRP A 1 89  ? 0.631   -17.525 -7.310  1.00 16.73 ? 89  TRP A C     1 
ATOM   730  O O     . TRP A 1 89  ? -0.405  -17.204 -7.911  1.00 18.39 ? 89  TRP A O     1 
ATOM   731  C CB    . TRP A 1 89  ? 0.860   -18.862 -5.209  1.00 16.73 ? 89  TRP A CB    1 
ATOM   732  C CG    . TRP A 1 89  ? -0.391  -18.288 -4.607  1.00 17.98 ? 89  TRP A CG    1 
ATOM   733  C CD1   . TRP A 1 89  ? -1.569  -18.946 -4.378  1.00 18.42 ? 89  TRP A CD1   1 
ATOM   734  C CD2   . TRP A 1 89  ? -0.624  -16.919 -4.255  1.00 17.76 ? 89  TRP A CD2   1 
ATOM   735  N NE1   . TRP A 1 89  ? -2.518  -18.071 -3.913  1.00 18.97 ? 89  TRP A NE1   1 
ATOM   736  C CE2   . TRP A 1 89  ? -1.968  -16.820 -3.829  1.00 18.07 ? 89  TRP A CE2   1 
ATOM   737  C CE3   . TRP A 1 89  ? 0.170   -15.764 -4.264  1.00 17.95 ? 89  TRP A CE3   1 
ATOM   738  C CZ2   . TRP A 1 89  ? -2.538  -15.610 -3.416  1.00 18.08 ? 89  TRP A CZ2   1 
ATOM   739  C CZ3   . TRP A 1 89  ? -0.398  -14.557 -3.853  1.00 17.24 ? 89  TRP A CZ3   1 
ATOM   740  C CH2   . TRP A 1 89  ? -1.740  -14.492 -3.436  1.00 17.08 ? 89  TRP A CH2   1 
ATOM   741  N N     . ALA A 1 90  ? 1.652   -16.690 -7.121  1.00 15.01 ? 90  ALA A N     1 
ATOM   742  C CA    . ALA A 1 90  ? 1.636   -15.306 -7.608  1.00 15.90 ? 90  ALA A CA    1 
ATOM   743  C C     . ALA A 1 90  ? 2.214   -15.194 -9.019  1.00 16.44 ? 90  ALA A C     1 
ATOM   744  O O     . ALA A 1 90  ? 1.830   -14.312 -9.786  1.00 16.73 ? 90  ALA A O     1 
ATOM   745  C CB    . ALA A 1 90  ? 2.426   -14.402 -6.650  1.00 15.39 ? 90  ALA A CB    1 
ATOM   746  N N     . TYR A 1 91  ? 3.152   -16.078 -9.347  1.00 16.86 ? 91  TYR A N     1 
ATOM   747  C CA    . TYR A 1 91  ? 3.763   -16.090 -10.673 1.00 18.25 ? 91  TYR A CA    1 
ATOM   748  C C     . TYR A 1 91  ? 4.156   -17.509 -11.064 1.00 19.23 ? 91  TYR A C     1 
ATOM   749  O O     . TYR A 1 91  ? 4.113   -18.428 -10.245 1.00 20.12 ? 91  TYR A O     1 
ATOM   750  C CB    . TYR A 1 91  ? 5.001   -15.179 -10.732 1.00 18.69 ? 91  TYR A CB    1 
ATOM   751  C CG    . TYR A 1 91  ? 6.165   -15.631 -9.876  1.00 18.22 ? 91  TYR A CG    1 
ATOM   752  C CD1   . TYR A 1 91  ? 6.145   -15.468 -8.492  1.00 17.52 ? 91  TYR A CD1   1 
ATOM   753  C CD2   . TYR A 1 91  ? 7.292   -16.219 -10.454 1.00 18.81 ? 91  TYR A CD2   1 
ATOM   754  C CE1   . TYR A 1 91  ? 7.221   -15.875 -7.704  1.00 17.94 ? 91  TYR A CE1   1 
ATOM   755  C CE2   . TYR A 1 91  ? 8.368   -16.633 -9.678  1.00 18.18 ? 91  TYR A CE2   1 
ATOM   756  C CZ    . TYR A 1 91  ? 8.327   -16.457 -8.303  1.00 19.22 ? 91  TYR A CZ    1 
ATOM   757  O OH    . TYR A 1 91  ? 9.391   -16.875 -7.534  1.00 19.66 ? 91  TYR A OH    1 
ATOM   758  N N     . GLY A 1 92  ? 4.553   -17.683 -12.320 1.00 21.04 ? 92  GLY A N     1 
ATOM   759  C CA    . GLY A 1 92  ? 4.930   -19.004 -12.789 1.00 21.45 ? 92  GLY A CA    1 
ATOM   760  C C     . GLY A 1 92  ? 3.725   -19.688 -13.408 1.00 22.57 ? 92  GLY A C     1 
ATOM   761  O O     . GLY A 1 92  ? 2.603   -19.176 -13.341 1.00 19.21 ? 92  GLY A O     1 
ATOM   762  N N     . SER A 1 93  ? 3.964   -20.851 -14.006 1.00 24.04 ? 93  SER A N     1 
ATOM   763  C CA    . SER A 1 93  ? 2.923   -21.635 -14.669 1.00 26.76 ? 93  SER A CA    1 
ATOM   764  C C     . SER A 1 93  ? 1.553   -21.657 -13.986 1.00 26.47 ? 93  SER A C     1 
ATOM   765  O O     . SER A 1 93  ? 0.554   -21.236 -14.572 1.00 26.25 ? 93  SER A O     1 
ATOM   766  C CB    . SER A 1 93  ? 3.414   -23.072 -14.862 1.00 27.65 ? 93  SER A CB    1 
ATOM   767  O OG    . SER A 1 93  ? 3.899   -23.604 -13.643 1.00 33.81 ? 93  SER A OG    1 
ATOM   768  N N     . LYS A 1 94  ? 1.504   -22.152 -12.756 1.00 26.40 ? 94  LYS A N     1 
ATOM   769  C CA    . LYS A 1 94  ? 0.242   -22.241 -12.028 1.00 27.38 ? 94  LYS A CA    1 
ATOM   770  C C     . LYS A 1 94  ? -0.116  -20.966 -11.270 1.00 26.75 ? 94  LYS A C     1 
ATOM   771  O O     . LYS A 1 94  ? -1.247  -20.818 -10.806 1.00 25.43 ? 94  LYS A O     1 
ATOM   772  C CB    . LYS A 1 94  ? 0.301   -23.408 -11.040 1.00 29.82 ? 94  LYS A CB    1 
ATOM   773  C CG    . LYS A 1 94  ? 0.549   -24.767 -11.678 1.00 35.29 ? 94  LYS A CG    1 
ATOM   774  C CD    . LYS A 1 94  ? -0.741  -25.430 -12.145 1.00 38.75 ? 94  LYS A CD    1 
ATOM   775  C CE    . LYS A 1 94  ? -1.368  -24.714 -13.336 1.00 41.19 ? 94  LYS A CE    1 
ATOM   776  N NZ    . LYS A 1 94  ? -2.667  -25.344 -13.727 1.00 44.44 ? 94  LYS A NZ    1 
ATOM   777  N N     . GLY A 1 95  ? 0.845   -20.051 -11.157 1.00 25.00 ? 95  GLY A N     1 
ATOM   778  C CA    . GLY A 1 95  ? 0.622   -18.817 -10.423 1.00 24.48 ? 95  GLY A CA    1 
ATOM   779  C C     . GLY A 1 95  ? -0.104  -17.693 -11.134 1.00 24.67 ? 95  GLY A C     1 
ATOM   780  O O     . GLY A 1 95  ? 0.518   -16.883 -11.828 1.00 24.76 ? 95  GLY A O     1 
ATOM   781  N N     . LYS A 1 96  ? -1.419  -17.632 -10.933 1.00 22.49 ? 96  LYS A N     1 
ATOM   782  C CA    . LYS A 1 96  ? -2.264  -16.610 -11.543 1.00 22.83 ? 96  LYS A CA    1 
ATOM   783  C C     . LYS A 1 96  ? -3.138  -15.895 -10.508 1.00 21.99 ? 96  LYS A C     1 
ATOM   784  O O     . LYS A 1 96  ? -4.158  -15.290 -10.852 1.00 22.09 ? 96  LYS A O     1 
ATOM   785  C CB    . LYS A 1 96  ? -3.162  -17.245 -12.616 1.00 25.44 ? 96  LYS A CB    1 
ATOM   786  C CG    . LYS A 1 96  ? -2.605  -17.203 -14.045 1.00 28.21 ? 96  LYS A CG    1 
ATOM   787  C CD    . LYS A 1 96  ? -1.338  -18.025 -14.227 1.00 31.74 ? 96  LYS A CD    1 
ATOM   788  C CE    . LYS A 1 96  ? -0.853  -17.961 -15.677 1.00 33.25 ? 96  LYS A CE    1 
ATOM   789  N NZ    . LYS A 1 96  ? 0.382   -18.762 -15.900 1.00 37.19 ? 96  LYS A NZ    1 
ATOM   790  N N     . ALA A 1 97  ? -2.732  -15.953 -9.244  1.00 20.77 ? 97  ALA A N     1 
ATOM   791  C CA    . ALA A 1 97  ? -3.490  -15.324 -8.165  1.00 20.68 ? 97  ALA A CA    1 
ATOM   792  C C     . ALA A 1 97  ? -3.618  -13.810 -8.308  1.00 19.32 ? 97  ALA A C     1 
ATOM   793  O O     . ALA A 1 97  ? -4.573  -13.218 -7.812  1.00 18.20 ? 97  ALA A O     1 
ATOM   794  C CB    . ALA A 1 97  ? -2.854  -15.663 -6.820  1.00 22.23 ? 97  ALA A CB    1 
ATOM   795  N N     . LEU A 1 98  ? -2.657  -13.179 -8.975  1.00 18.51 ? 98  LEU A N     1 
ATOM   796  C CA    . LEU A 1 98  ? -2.720  -11.730 -9.156  1.00 17.24 ? 98  LEU A CA    1 
ATOM   797  C C     . LEU A 1 98  ? -3.043  -11.351 -10.594 1.00 18.12 ? 98  LEU A C     1 
ATOM   798  O O     . LEU A 1 98  ? -3.206  -10.174 -10.904 1.00 18.84 ? 98  LEU A O     1 
ATOM   799  C CB    . LEU A 1 98  ? -1.398  -11.076 -8.744  1.00 15.45 ? 98  LEU A CB    1 
ATOM   800  C CG    . LEU A 1 98  ? -0.886  -11.334 -7.322  1.00 15.11 ? 98  LEU A CG    1 
ATOM   801  C CD1   . LEU A 1 98  ? 0.347   -10.466 -7.061  1.00 13.66 ? 98  LEU A CD1   1 
ATOM   802  C CD2   . LEU A 1 98  ? -1.971  -11.030 -6.312  1.00 14.74 ? 98  LEU A CD2   1 
ATOM   803  N N     . LYS A 1 99  ? -3.140  -12.345 -11.471 1.00 18.09 ? 99  LYS A N     1 
ATOM   804  C CA    . LYS A 1 99  ? -3.424  -12.080 -12.878 1.00 19.37 ? 99  LYS A CA    1 
ATOM   805  C C     . LYS A 1 99  ? -4.734  -11.322 -13.065 1.00 18.74 ? 99  LYS A C     1 
ATOM   806  O O     . LYS A 1 99  ? -5.810  -11.811 -12.715 1.00 18.91 ? 99  LYS A O     1 
ATOM   807  C CB    . LYS A 1 99  ? -3.442  -13.398 -13.667 1.00 20.90 ? 99  LYS A CB    1 
ATOM   808  C CG    . LYS A 1 99  ? -3.751  -13.260 -15.158 1.00 24.63 ? 99  LYS A CG    1 
ATOM   809  C CD    . LYS A 1 99  ? -5.178  -13.702 -15.480 1.00 30.80 ? 99  LYS A CD    1 
ATOM   810  C CE    . LYS A 1 99  ? -5.413  -15.171 -15.105 1.00 34.91 ? 99  LYS A CE    1 
ATOM   811  N NZ    . LYS A 1 99  ? -6.800  -15.659 -15.403 1.00 36.20 ? 99  LYS A NZ    1 
ATOM   812  N N     . GLY A 1 100 ? -4.620  -10.115 -13.609 1.00 16.91 ? 100 GLY A N     1 
ATOM   813  C CA    . GLY A 1 100 ? -5.788  -9.288  -13.838 1.00 18.52 ? 100 GLY A CA    1 
ATOM   814  C C     . GLY A 1 100 ? -6.305  -8.588  -12.589 1.00 19.13 ? 100 GLY A C     1 
ATOM   815  O O     . GLY A 1 100 ? -7.253  -7.807  -12.664 1.00 18.89 ? 100 GLY A O     1 
ATOM   816  N N     . ARG A 1 101 ? -5.691  -8.856  -11.440 1.00 17.72 ? 101 ARG A N     1 
ATOM   817  C CA    . ARG A 1 101 ? -6.122  -8.233  -10.189 1.00 17.33 ? 101 ARG A CA    1 
ATOM   818  C C     . ARG A 1 101 ? -5.600  -6.797  -10.091 1.00 17.07 ? 101 ARG A C     1 
ATOM   819  O O     . ARG A 1 101 ? -4.446  -6.523  -10.436 1.00 15.45 ? 101 ARG A O     1 
ATOM   820  C CB    . ARG A 1 101 ? -5.611  -9.051  -8.989  1.00 17.34 ? 101 ARG A CB    1 
ATOM   821  C CG    . ARG A 1 101 ? -6.196  -8.644  -7.641  1.00 16.71 ? 101 ARG A CG    1 
ATOM   822  C CD    . ARG A 1 101 ? -5.556  -9.418  -6.487  1.00 16.39 ? 101 ARG A CD    1 
ATOM   823  N NE    . ARG A 1 101 ? -5.752  -10.869 -6.563  1.00 16.78 ? 101 ARG A NE    1 
ATOM   824  C CZ    . ARG A 1 101 ? -6.830  -11.516 -6.127  1.00 18.91 ? 101 ARG A CZ    1 
ATOM   825  N NH1   . ARG A 1 101 ? -6.903  -12.839 -6.241  1.00 15.89 ? 101 ARG A NH1   1 
ATOM   826  N NH2   . ARG A 1 101 ? -7.834  -10.846 -5.570  1.00 17.34 ? 101 ARG A NH2   1 
ATOM   827  N N     . LYS A 1 102 ? -6.442  -5.876  -9.631  1.00 13.84 ? 102 LYS A N     1 
ATOM   828  C CA    . LYS A 1 102 ? -6.004  -4.493  -9.496  1.00 15.42 ? 102 LYS A CA    1 
ATOM   829  C C     . LYS A 1 102 ? -5.087  -4.348  -8.289  1.00 14.57 ? 102 LYS A C     1 
ATOM   830  O O     . LYS A 1 102 ? -5.419  -4.785  -7.186  1.00 13.46 ? 102 LYS A O     1 
ATOM   831  C CB    . LYS A 1 102 ? -7.197  -3.544  -9.340  1.00 18.73 ? 102 LYS A CB    1 
ATOM   832  C CG    . LYS A 1 102 ? -8.004  -3.336  -10.608 1.00 23.82 ? 102 LYS A CG    1 
ATOM   833  C CD    . LYS A 1 102 ? -9.067  -2.274  -10.387 1.00 28.71 ? 102 LYS A CD    1 
ATOM   834  C CE    . LYS A 1 102 ? -9.826  -1.960  -11.665 1.00 30.80 ? 102 LYS A CE    1 
ATOM   835  N NZ    . LYS A 1 102 ? -10.573 -3.145  -12.180 1.00 33.87 ? 102 LYS A NZ    1 
ATOM   836  N N     . ILE A 1 103 ? -3.928  -3.738  -8.514  1.00 14.23 ? 103 ILE A N     1 
ATOM   837  C CA    . ILE A 1 103 ? -2.947  -3.513  -7.456  1.00 13.12 ? 103 ILE A CA    1 
ATOM   838  C C     . ILE A 1 103 ? -2.520  -2.051  -7.514  1.00 13.85 ? 103 ILE A C     1 
ATOM   839  O O     . ILE A 1 103 ? -2.223  -1.525  -8.583  1.00 12.88 ? 103 ILE A O     1 
ATOM   840  C CB    . ILE A 1 103 ? -1.705  -4.434  -7.631  1.00 13.54 ? 103 ILE A CB    1 
ATOM   841  C CG1   . ILE A 1 103 ? -2.111  -5.898  -7.419  1.00 11.79 ? 103 ILE A CG1   1 
ATOM   842  C CG2   . ILE A 1 103 ? -0.599  -4.030  -6.646  1.00 14.48 ? 103 ILE A CG2   1 
ATOM   843  C CD1   . ILE A 1 103 ? -0.961  -6.897  -7.463  1.00 12.19 ? 103 ILE A CD1   1 
ATOM   844  N N     . ALA A 1 104 ? -2.525  -1.386  -6.363  1.00 12.70 ? 104 ALA A N     1 
ATOM   845  C CA    . ALA A 1 104 ? -2.123  0.011   -6.309  1.00 13.37 ? 104 ALA A CA    1 
ATOM   846  C C     . ALA A 1 104 ? -1.504  0.290   -4.958  1.00 13.01 ? 104 ALA A C     1 
ATOM   847  O O     . ALA A 1 104 ? -1.688  -0.475  -4.007  1.00 13.88 ? 104 ALA A O     1 
ATOM   848  C CB    . ALA A 1 104 ? -3.313  0.929   -6.540  1.00 10.86 ? 104 ALA A CB    1 
ATOM   849  N N     . LEU A 1 105 ? -0.769  1.390   -4.878  1.00 11.57 ? 105 LEU A N     1 
ATOM   850  C CA    . LEU A 1 105 ? -0.114  1.763   -3.640  1.00 12.91 ? 105 LEU A CA    1 
ATOM   851  C C     . LEU A 1 105 ? -0.730  3.038   -3.087  1.00 10.74 ? 105 LEU A C     1 
ATOM   852  O O     . LEU A 1 105 ? -1.220  3.875   -3.838  1.00 11.55 ? 105 LEU A O     1 
ATOM   853  C CB    . LEU A 1 105 ? 1.382   1.979   -3.887  1.00 13.03 ? 105 LEU A CB    1 
ATOM   854  C CG    . LEU A 1 105 ? 2.119   1.105   -4.911  1.00 17.34 ? 105 LEU A CG    1 
ATOM   855  C CD1   . LEU A 1 105 ? 3.618   1.412   -4.791  1.00 16.51 ? 105 LEU A CD1   1 
ATOM   856  C CD2   . LEU A 1 105 ? 1.873   -0.368  -4.684  1.00 16.01 ? 105 LEU A CD2   1 
ATOM   857  N N     . ALA A 1 106 ? -0.719  3.161   -1.765  1.00 10.63 ? 106 ALA A N     1 
ATOM   858  C CA    . ALA A 1 106 ? -1.229  4.348   -1.080  1.00 9.44  ? 106 ALA A CA    1 
ATOM   859  C C     . ALA A 1 106 ? -0.070  4.706   -0.167  1.00 9.57  ? 106 ALA A C     1 
ATOM   860  O O     . ALA A 1 106 ? 0.165   4.041   0.844   1.00 8.33  ? 106 ALA A O     1 
ATOM   861  C CB    . ALA A 1 106 ? -2.470  4.009   -0.266  1.00 9.79  ? 106 ALA A CB    1 
ATOM   862  N N     . VAL A 1 107 ? 0.657   5.754   -0.529  1.00 9.32  ? 107 VAL A N     1 
ATOM   863  C CA    . VAL A 1 107 ? 1.833   6.132   0.233   1.00 10.08 ? 107 VAL A CA    1 
ATOM   864  C C     . VAL A 1 107 ? 1.928   7.582   0.667   1.00 10.72 ? 107 VAL A C     1 
ATOM   865  O O     . VAL A 1 107 ? 1.293   8.475   0.098   1.00 10.13 ? 107 VAL A O     1 
ATOM   866  C CB    . VAL A 1 107 ? 3.094   5.789   -0.579  1.00 9.23  ? 107 VAL A CB    1 
ATOM   867  C CG1   . VAL A 1 107 ? 3.090   4.311   -0.914  1.00 8.31  ? 107 VAL A CG1   1 
ATOM   868  C CG2   . VAL A 1 107 ? 3.136   6.626   -1.856  1.00 9.00  ? 107 VAL A CG2   1 
ATOM   869  N N     . SER A 1 108 ? 2.736   7.800   1.699   1.00 11.59 ? 108 SER A N     1 
ATOM   870  C CA    . SER A 1 108 ? 2.962   9.128   2.231   1.00 11.30 ? 108 SER A CA    1 
ATOM   871  C C     . SER A 1 108 ? 4.453   9.390   2.134   1.00 12.01 ? 108 SER A C     1 
ATOM   872  O O     . SER A 1 108 ? 5.277   8.477   2.290   1.00 10.32 ? 108 SER A O     1 
ATOM   873  C CB    . SER A 1 108 ? 2.499   9.228   3.694   1.00 12.50 ? 108 SER A CB    1 
ATOM   874  O OG    . SER A 1 108 ? 3.283   8.403   4.542   1.00 12.11 ? 108 SER A OG    1 
ATOM   875  N N     . LEU A 1 109 ? 4.795   10.644  1.864   1.00 12.51 ? 109 LEU A N     1 
ATOM   876  C CA    . LEU A 1 109 ? 6.186   11.038  1.739   1.00 14.39 ? 109 LEU A CA    1 
ATOM   877  C C     . LEU A 1 109 ? 6.470   12.209  2.671   1.00 16.41 ? 109 LEU A C     1 
ATOM   878  O O     . LEU A 1 109 ? 5.655   13.128  2.796   1.00 16.24 ? 109 LEU A O     1 
ATOM   879  C CB    . LEU A 1 109 ? 6.497   11.411  0.289   1.00 13.79 ? 109 LEU A CB    1 
ATOM   880  C CG    . LEU A 1 109 ? 6.268   10.290  -0.731  1.00 17.15 ? 109 LEU A CG    1 
ATOM   881  C CD1   . LEU A 1 109 ? 4.894   10.444  -1.381  1.00 15.17 ? 109 LEU A CD1   1 
ATOM   882  C CD2   . LEU A 1 109 ? 7.351   10.341  -1.794  1.00 16.49 ? 109 LEU A CD2   1 
ATOM   883  N N     . GLY A 1 110 ? 7.628   12.163  3.325   1.00 16.51 ? 110 GLY A N     1 
ATOM   884  C CA    . GLY A 1 110 ? 8.012   13.203  4.262   1.00 18.04 ? 110 GLY A CA    1 
ATOM   885  C C     . GLY A 1 110 ? 8.782   14.360  3.658   1.00 18.66 ? 110 GLY A C     1 
ATOM   886  O O     . GLY A 1 110 ? 9.554   15.015  4.353   1.00 18.86 ? 110 GLY A O     1 
ATOM   887  N N     . ALA A 1 111 ? 8.587   14.601  2.366   1.00 19.69 ? 111 ALA A N     1 
ATOM   888  C CA    . ALA A 1 111 ? 9.240   15.706  1.667   1.00 19.68 ? 111 ALA A CA    1 
ATOM   889  C C     . ALA A 1 111 ? 8.215   16.297  0.702   1.00 19.47 ? 111 ALA A C     1 
ATOM   890  O O     . ALA A 1 111 ? 7.316   15.599  0.243   1.00 19.54 ? 111 ALA A O     1 
ATOM   891  C CB    . ALA A 1 111 ? 10.468  15.213  0.898   1.00 20.59 ? 111 ALA A CB    1 
ATOM   892  N N     . PRO A 1 112 ? 8.331   17.595  0.393   1.00 19.49 ? 112 PRO A N     1 
ATOM   893  C CA    . PRO A 1 112 ? 7.395   18.259  -0.524  1.00 19.09 ? 112 PRO A CA    1 
ATOM   894  C C     . PRO A 1 112 ? 7.407   17.669  -1.932  1.00 18.49 ? 112 PRO A C     1 
ATOM   895  O O     . PRO A 1 112 ? 8.431   17.169  -2.393  1.00 17.07 ? 112 PRO A O     1 
ATOM   896  C CB    . PRO A 1 112 ? 7.857   19.714  -0.491  1.00 21.12 ? 112 PRO A CB    1 
ATOM   897  C CG    . PRO A 1 112 ? 9.333   19.597  -0.209  1.00 22.78 ? 112 PRO A CG    1 
ATOM   898  C CD    . PRO A 1 112 ? 9.367   18.534  0.862   1.00 19.30 ? 112 PRO A CD    1 
ATOM   899  N N     . ALA A 1 113 ? 6.262   17.722  -2.609  1.00 17.95 ? 113 ALA A N     1 
ATOM   900  C CA    . ALA A 1 113 ? 6.163   17.188  -3.962  1.00 18.33 ? 113 ALA A CA    1 
ATOM   901  C C     . ALA A 1 113 ? 7.140   17.902  -4.892  1.00 17.29 ? 113 ALA A C     1 
ATOM   902  O O     . ALA A 1 113 ? 7.599   17.332  -5.875  1.00 17.86 ? 113 ALA A O     1 
ATOM   903  C CB    . ALA A 1 113 ? 4.732   17.343  -4.488  1.00 17.36 ? 113 ALA A CB    1 
ATOM   904  N N     . ALA A 1 114 ? 7.459   19.151  -4.574  1.00 18.21 ? 114 ALA A N     1 
ATOM   905  C CA    . ALA A 1 114 ? 8.379   19.929  -5.396  1.00 19.98 ? 114 ALA A CA    1 
ATOM   906  C C     . ALA A 1 114 ? 9.770   19.300  -5.434  1.00 20.37 ? 114 ALA A C     1 
ATOM   907  O O     . ALA A 1 114 ? 10.560  19.576  -6.332  1.00 21.74 ? 114 ALA A O     1 
ATOM   908  C CB    . ALA A 1 114 ? 8.461   21.368  -4.874  1.00 20.05 ? 114 ALA A CB    1 
ATOM   909  N N     . ASP A 1 115 ? 10.071  18.453  -4.454  1.00 18.96 ? 115 ASP A N     1 
ATOM   910  C CA    . ASP A 1 115 ? 11.371  17.792  -4.397  1.00 19.33 ? 115 ASP A CA    1 
ATOM   911  C C     . ASP A 1 115 ? 11.518  16.661  -5.408  1.00 18.30 ? 115 ASP A C     1 
ATOM   912  O O     . ASP A 1 115 ? 12.609  16.436  -5.935  1.00 16.99 ? 115 ASP A O     1 
ATOM   913  C CB    . ASP A 1 115 ? 11.612  17.232  -2.998  1.00 20.75 ? 115 ASP A CB    1 
ATOM   914  C CG    . ASP A 1 115 ? 11.970  18.305  -1.997  1.00 21.17 ? 115 ASP A CG    1 
ATOM   915  O OD1   . ASP A 1 115 ? 11.686  19.490  -2.274  1.00 18.10 ? 115 ASP A OD1   1 
ATOM   916  O OD2   . ASP A 1 115 ? 12.521  17.954  -0.934  1.00 20.22 ? 115 ASP A OD2   1 
ATOM   917  N N     . TYR A 1 116 ? 10.420  15.953  -5.666  1.00 17.62 ? 116 TYR A N     1 
ATOM   918  C CA    . TYR A 1 116 ? 10.422  14.821  -6.591  1.00 17.50 ? 116 TYR A CA    1 
ATOM   919  C C     . TYR A 1 116 ? 10.204  15.234  -8.036  1.00 17.97 ? 116 TYR A C     1 
ATOM   920  O O     . TYR A 1 116 ? 9.206   14.879  -8.664  1.00 16.69 ? 116 TYR A O     1 
ATOM   921  C CB    . TYR A 1 116 ? 9.367   13.796  -6.169  1.00 17.11 ? 116 TYR A CB    1 
ATOM   922  C CG    . TYR A 1 116 ? 9.615   13.235  -4.788  1.00 18.67 ? 116 TYR A CG    1 
ATOM   923  C CD1   . TYR A 1 116 ? 9.265   13.956  -3.646  1.00 19.50 ? 116 TYR A CD1   1 
ATOM   924  C CD2   . TYR A 1 116 ? 10.259  12.011  -4.623  1.00 18.37 ? 116 TYR A CD2   1 
ATOM   925  C CE1   . TYR A 1 116 ? 9.556   13.469  -2.368  1.00 20.46 ? 116 TYR A CE1   1 
ATOM   926  C CE2   . TYR A 1 116 ? 10.554  11.516  -3.355  1.00 19.80 ? 116 TYR A CE2   1 
ATOM   927  C CZ    . TYR A 1 116 ? 10.201  12.249  -2.234  1.00 21.17 ? 116 TYR A CZ    1 
ATOM   928  O OH    . TYR A 1 116 ? 10.506  11.768  -0.983  1.00 24.17 ? 116 TYR A OH    1 
ATOM   929  N N     . ARG A 1 117 ? 11.174  15.982  -8.550  1.00 18.69 ? 117 ARG A N     1 
ATOM   930  C CA    . ARG A 1 117 ? 11.150  16.490  -9.914  1.00 19.12 ? 117 ARG A CA    1 
ATOM   931  C C     . ARG A 1 117 ? 12.590  16.662  -10.368 1.00 19.63 ? 117 ARG A C     1 
ATOM   932  O O     . ARG A 1 117 ? 13.504  16.737  -9.541  1.00 19.13 ? 117 ARG A O     1 
ATOM   933  C CB    . ARG A 1 117 ? 10.457  17.851  -9.952  1.00 17.79 ? 117 ARG A CB    1 
ATOM   934  C CG    . ARG A 1 117 ? 8.997   17.835  -9.543  1.00 19.14 ? 117 ARG A CG    1 
ATOM   935  C CD    . ARG A 1 117 ? 8.524   19.241  -9.261  1.00 19.03 ? 117 ARG A CD    1 
ATOM   936  N NE    . ARG A 1 117 ? 8.892   20.173  -10.327 1.00 20.35 ? 117 ARG A NE    1 
ATOM   937  C CZ    . ARG A 1 117 ? 8.010   20.844  -11.061 1.00 20.66 ? 117 ARG A CZ    1 
ATOM   938  N NH1   . ARG A 1 117 ? 6.713   20.680  -10.840 1.00 19.12 ? 117 ARG A NH1   1 
ATOM   939  N NH2   . ARG A 1 117 ? 8.424   21.681  -12.007 1.00 19.22 ? 117 ARG A NH2   1 
ATOM   940  N N     . ALA A 1 118 ? 12.783  16.735  -11.681 1.00 18.80 ? 118 ALA A N     1 
ATOM   941  C CA    . ALA A 1 118 ? 14.114  16.917  -12.247 1.00 20.30 ? 118 ALA A CA    1 
ATOM   942  C C     . ALA A 1 118 ? 14.743  18.187  -11.680 1.00 21.29 ? 118 ALA A C     1 
ATOM   943  O O     . ALA A 1 118 ? 15.958  18.258  -11.482 1.00 22.00 ? 118 ALA A O     1 
ATOM   944  C CB    . ALA A 1 118 ? 14.027  17.006  -13.768 1.00 19.34 ? 118 ALA A CB    1 
ATOM   945  N N     . ASP A 1 119 ? 13.910  19.191  -11.415 1.00 21.49 ? 119 ASP A N     1 
ATOM   946  C CA    . ASP A 1 119 ? 14.397  20.451  -10.862 1.00 21.48 ? 119 ASP A CA    1 
ATOM   947  C C     . ASP A 1 119 ? 14.243  20.509  -9.346  1.00 22.57 ? 119 ASP A C     1 
ATOM   948  O O     . ASP A 1 119 ? 14.321  21.584  -8.748  1.00 23.73 ? 119 ASP A O     1 
ATOM   949  C CB    . ASP A 1 119 ? 13.665  21.641  -11.501 1.00 23.92 ? 119 ASP A CB    1 
ATOM   950  C CG    . ASP A 1 119 ? 12.154  21.519  -11.422 1.00 26.27 ? 119 ASP A CG    1 
ATOM   951  O OD1   . ASP A 1 119 ? 11.653  20.591  -10.753 1.00 25.49 ? 119 ASP A OD1   1 
ATOM   952  O OD2   . ASP A 1 119 ? 11.461  22.365  -12.026 1.00 26.95 ? 119 ASP A OD2   1 
ATOM   953  N N     . GLY A 1 120 ? 14.035  19.349  -8.729  1.00 20.94 ? 120 GLY A N     1 
ATOM   954  C CA    . GLY A 1 120 ? 13.875  19.287  -7.288  1.00 19.81 ? 120 GLY A CA    1 
ATOM   955  C C     . GLY A 1 120 ? 15.046  18.610  -6.598  1.00 19.85 ? 120 GLY A C     1 
ATOM   956  O O     . GLY A 1 120 ? 15.912  18.028  -7.252  1.00 19.72 ? 120 GLY A O     1 
ATOM   957  N N     . ALA A 1 121 ? 15.061  18.671  -5.271  1.00 17.87 ? 121 ALA A N     1 
ATOM   958  C CA    . ALA A 1 121 ? 16.139  18.083  -4.485  1.00 18.39 ? 121 ALA A CA    1 
ATOM   959  C C     . ALA A 1 121 ? 16.359  16.593  -4.738  1.00 17.42 ? 121 ALA A C     1 
ATOM   960  O O     . ALA A 1 121 ? 17.497  16.133  -4.777  1.00 18.56 ? 121 ALA A O     1 
ATOM   961  C CB    . ALA A 1 121 ? 15.887  18.330  -2.996  1.00 18.66 ? 121 ALA A CB    1 
ATOM   962  N N     . VAL A 1 122 ? 15.279  15.838  -4.901  1.00 17.53 ? 122 VAL A N     1 
ATOM   963  C CA    . VAL A 1 122 ? 15.400  14.401  -5.137  1.00 15.75 ? 122 VAL A CA    1 
ATOM   964  C C     . VAL A 1 122 ? 15.878  14.088  -6.552  1.00 16.18 ? 122 VAL A C     1 
ATOM   965  O O     . VAL A 1 122 ? 16.646  13.149  -6.765  1.00 13.87 ? 122 VAL A O     1 
ATOM   966  C CB    . VAL A 1 122 ? 14.063  13.691  -4.876  1.00 15.98 ? 122 VAL A CB    1 
ATOM   967  C CG1   . VAL A 1 122 ? 14.193  12.206  -5.145  1.00 14.53 ? 122 VAL A CG1   1 
ATOM   968  C CG2   . VAL A 1 122 ? 13.632  13.937  -3.437  1.00 18.26 ? 122 VAL A CG2   1 
ATOM   969  N N     . GLY A 1 123 ? 15.421  14.879  -7.518  1.00 16.77 ? 123 GLY A N     1 
ATOM   970  C CA    . GLY A 1 123 ? 15.833  14.666  -8.896  1.00 17.67 ? 123 GLY A CA    1 
ATOM   971  C C     . GLY A 1 123 ? 15.050  13.583  -9.624  1.00 18.86 ? 123 GLY A C     1 
ATOM   972  O O     . GLY A 1 123 ? 15.210  13.409  -10.832 1.00 20.19 ? 123 GLY A O     1 
ATOM   973  N N     . CYS A 1 124 ? 14.206  12.855  -8.892  1.00 17.78 ? 124 CYS A N     1 
ATOM   974  C CA    . CYS A 1 124 ? 13.385  11.780  -9.464  1.00 18.19 ? 124 CYS A CA    1 
ATOM   975  C C     . CYS A 1 124 ? 11.932  11.977  -9.076  1.00 16.33 ? 124 CYS A C     1 
ATOM   976  O O     . CYS A 1 124 ? 11.637  12.578  -8.049  1.00 17.62 ? 124 CYS A O     1 
ATOM   977  C CB    . CYS A 1 124 ? 13.813  10.403  -8.936  1.00 18.68 ? 124 CYS A CB    1 
ATOM   978  S SG    . CYS A 1 124 ? 15.439  9.850   -9.438  1.00 27.41 ? 124 CYS A SG    1 
ATOM   979  N N     . SER A 1 125 ? 11.028  11.437  -9.884  1.00 16.78 ? 125 SER A N     1 
ATOM   980  C CA    . SER A 1 125 ? 9.599   11.538  -9.610  1.00 16.74 ? 125 SER A CA    1 
ATOM   981  C C     . SER A 1 125 ? 9.191   10.442  -8.637  1.00 16.11 ? 125 SER A C     1 
ATOM   982  O O     . SER A 1 125 ? 9.946   9.498   -8.388  1.00 14.26 ? 125 SER A O     1 
ATOM   983  C CB    . SER A 1 125 ? 8.801   11.367  -10.903 1.00 18.87 ? 125 SER A CB    1 
ATOM   984  O OG    . SER A 1 125 ? 8.976   10.057  -11.423 1.00 17.30 ? 125 SER A OG    1 
ATOM   985  N N     . VAL A 1 126 ? 7.988   10.566  -8.090  1.00 16.15 ? 126 VAL A N     1 
ATOM   986  C CA    . VAL A 1 126 ? 7.480   9.561   -7.168  1.00 16.21 ? 126 VAL A CA    1 
ATOM   987  C C     . VAL A 1 126 ? 7.320   8.250   -7.937  1.00 14.69 ? 126 VAL A C     1 
ATOM   988  O O     . VAL A 1 126 ? 7.571   7.173   -7.398  1.00 12.71 ? 126 VAL A O     1 
ATOM   989  C CB    . VAL A 1 126 ? 6.113   9.984   -6.565  1.00 17.24 ? 126 VAL A CB    1 
ATOM   990  C CG1   . VAL A 1 126 ? 5.524   8.844   -5.752  1.00 18.15 ? 126 VAL A CG1   1 
ATOM   991  C CG2   . VAL A 1 126 ? 6.294   11.210  -5.683  1.00 18.11 ? 126 VAL A CG2   1 
ATOM   992  N N     . ALA A 1 127 ? 6.923   8.345   -9.201  1.00 14.33 ? 127 ALA A N     1 
ATOM   993  C CA    . ALA A 1 127 ? 6.742   7.149   -10.018 1.00 14.60 ? 127 ALA A CA    1 
ATOM   994  C C     . ALA A 1 127 ? 8.058   6.380   -10.170 1.00 13.69 ? 127 ALA A C     1 
ATOM   995  O O     . ALA A 1 127 ? 8.075   5.150   -10.118 1.00 12.83 ? 127 ALA A O     1 
ATOM   996  C CB    . ALA A 1 127 ? 6.194   7.525   -11.392 1.00 16.73 ? 127 ALA A CB    1 
ATOM   997  N N     . GLU A 1 128 ? 9.158   7.098   -10.369 1.00 13.67 ? 128 GLU A N     1 
ATOM   998  C CA    . GLU A 1 128 ? 10.459  6.448   -10.514 1.00 16.06 ? 128 GLU A CA    1 
ATOM   999  C C     . GLU A 1 128 ? 10.859  5.786   -9.205  1.00 14.11 ? 128 GLU A C     1 
ATOM   1000 O O     . GLU A 1 128 ? 11.519  4.751   -9.197  1.00 15.63 ? 128 GLU A O     1 
ATOM   1001 C CB    . GLU A 1 128 ? 11.527  7.461   -10.910 1.00 17.11 ? 128 GLU A CB    1 
ATOM   1002 C CG    . GLU A 1 128 ? 11.261  8.139   -12.237 1.00 22.72 ? 128 GLU A CG    1 
ATOM   1003 C CD    . GLU A 1 128 ? 12.377  9.088   -12.618 1.00 24.22 ? 128 GLU A CD    1 
ATOM   1004 O OE1   . GLU A 1 128 ? 13.494  8.604   -12.903 1.00 27.22 ? 128 GLU A OE1   1 
ATOM   1005 O OE2   . GLU A 1 128 ? 12.140  10.310  -12.618 1.00 23.78 ? 128 GLU A OE2   1 
ATOM   1006 N N     . VAL A 1 129 ? 10.449  6.400   -8.100  1.00 14.91 ? 129 VAL A N     1 
ATOM   1007 C CA    . VAL A 1 129 ? 10.753  5.881   -6.774  1.00 14.03 ? 129 VAL A CA    1 
ATOM   1008 C C     . VAL A 1 129 ? 10.012  4.568   -6.510  1.00 14.80 ? 129 VAL A C     1 
ATOM   1009 O O     . VAL A 1 129 ? 10.602  3.603   -6.014  1.00 13.60 ? 129 VAL A O     1 
ATOM   1010 C CB    . VAL A 1 129 ? 10.365  6.904   -5.680  1.00 14.93 ? 129 VAL A CB    1 
ATOM   1011 C CG1   . VAL A 1 129 ? 10.356  6.231   -4.317  1.00 13.96 ? 129 VAL A CG1   1 
ATOM   1012 C CG2   . VAL A 1 129 ? 11.350  8.075   -5.684  1.00 15.82 ? 129 VAL A CG2   1 
ATOM   1013 N N     . LEU A 1 130 ? 8.723   4.542   -6.847  1.00 14.47 ? 130 LEU A N     1 
ATOM   1014 C CA    . LEU A 1 130 ? 7.875   3.367   -6.627  1.00 13.79 ? 130 LEU A CA    1 
ATOM   1015 C C     . LEU A 1 130 ? 8.015   2.269   -7.673  1.00 14.23 ? 130 LEU A C     1 
ATOM   1016 O O     . LEU A 1 130 ? 7.366   1.217   -7.577  1.00 11.90 ? 130 LEU A O     1 
ATOM   1017 C CB    . LEU A 1 130 ? 6.410   3.792   -6.559  1.00 14.77 ? 130 LEU A CB    1 
ATOM   1018 C CG    . LEU A 1 130 ? 6.023   4.806   -5.481  1.00 16.88 ? 130 LEU A CG    1 
ATOM   1019 C CD1   . LEU A 1 130 ? 4.540   5.129   -5.603  1.00 18.41 ? 130 LEU A CD1   1 
ATOM   1020 C CD2   . LEU A 1 130 ? 6.340   4.233   -4.102  1.00 18.40 ? 130 LEU A CD2   1 
ATOM   1021 N N     . ARG A 1 131 ? 8.873   2.504   -8.660  1.00 13.42 ? 131 ARG A N     1 
ATOM   1022 C CA    . ARG A 1 131 ? 9.090   1.555   -9.748  1.00 12.33 ? 131 ARG A CA    1 
ATOM   1023 C C     . ARG A 1 131 ? 9.222   0.088   -9.322  1.00 12.19 ? 131 ARG A C     1 
ATOM   1024 O O     . ARG A 1 131 ? 8.673   -0.806  -9.976  1.00 11.79 ? 131 ARG A O     1 
ATOM   1025 C CB    . ARG A 1 131 ? 10.331  1.960   -10.555 1.00 14.71 ? 131 ARG A CB    1 
ATOM   1026 C CG    . ARG A 1 131 ? 10.343  1.405   -11.973 1.00 16.81 ? 131 ARG A CG    1 
ATOM   1027 C CD    . ARG A 1 131 ? 9.253   2.061   -12.822 1.00 20.33 ? 131 ARG A CD    1 
ATOM   1028 N NE    . ARG A 1 131 ? 9.623   3.413   -13.238 1.00 20.44 ? 131 ARG A NE    1 
ATOM   1029 C CZ    . ARG A 1 131 ? 8.768   4.329   -13.681 1.00 21.06 ? 131 ARG A CZ    1 
ATOM   1030 N NH1   . ARG A 1 131 ? 7.471   4.049   -13.764 1.00 19.73 ? 131 ARG A NH1   1 
ATOM   1031 N NH2   . ARG A 1 131 ? 9.213   5.530   -14.048 1.00 18.93 ? 131 ARG A NH2   1 
ATOM   1032 N N     . PRO A 1 132 ? 9.961   -0.185  -8.228  1.00 11.40 ? 132 PRO A N     1 
ATOM   1033 C CA    . PRO A 1 132 ? 10.127  -1.571  -7.776  1.00 9.25  ? 132 PRO A CA    1 
ATOM   1034 C C     . PRO A 1 132 ? 8.805   -2.306  -7.550  1.00 11.42 ? 132 PRO A C     1 
ATOM   1035 O O     . PRO A 1 132 ? 8.680   -3.493  -7.861  1.00 9.30  ? 132 PRO A O     1 
ATOM   1036 C CB    . PRO A 1 132 ? 10.913  -1.419  -6.479  1.00 10.59 ? 132 PRO A CB    1 
ATOM   1037 C CG    . PRO A 1 132 ? 11.735  -0.199  -6.726  1.00 10.55 ? 132 PRO A CG    1 
ATOM   1038 C CD    . PRO A 1 132 ? 10.750  0.738   -7.390  1.00 9.82  ? 132 PRO A CD    1 
ATOM   1039 N N     . PHE A 1 133 ? 7.820   -1.599  -7.005  1.00 10.62 ? 133 PHE A N     1 
ATOM   1040 C CA    . PHE A 1 133 ? 6.518   -2.197  -6.713  1.00 11.93 ? 133 PHE A CA    1 
ATOM   1041 C C     . PHE A 1 133 ? 5.659   -2.319  -7.961  1.00 11.77 ? 133 PHE A C     1 
ATOM   1042 O O     . PHE A 1 133 ? 4.871   -3.257  -8.100  1.00 12.28 ? 133 PHE A O     1 
ATOM   1043 C CB    . PHE A 1 133 ? 5.824   -1.365  -5.631  1.00 9.87  ? 133 PHE A CB    1 
ATOM   1044 C CG    . PHE A 1 133 ? 6.677   -1.168  -4.411  1.00 10.54 ? 133 PHE A CG    1 
ATOM   1045 C CD1   . PHE A 1 133 ? 7.503   -0.049  -4.293  1.00 10.82 ? 133 PHE A CD1   1 
ATOM   1046 C CD2   . PHE A 1 133 ? 6.742   -2.153  -3.430  1.00 9.34  ? 133 PHE A CD2   1 
ATOM   1047 C CE1   . PHE A 1 133 ? 8.380   0.085   -3.222  1.00 10.87 ? 133 PHE A CE1   1 
ATOM   1048 C CE2   . PHE A 1 133 ? 7.619   -2.029  -2.349  1.00 11.48 ? 133 PHE A CE2   1 
ATOM   1049 C CZ    . PHE A 1 133 ? 8.442   -0.907  -2.251  1.00 9.96  ? 133 PHE A CZ    1 
ATOM   1050 N N     . GLU A 1 134 ? 5.827   -1.366  -8.870  1.00 13.55 ? 134 GLU A N     1 
ATOM   1051 C CA    . GLU A 1 134 ? 5.101   -1.389  -10.129 1.00 12.91 ? 134 GLU A CA    1 
ATOM   1052 C C     . GLU A 1 134 ? 5.600   -2.611  -10.910 1.00 12.64 ? 134 GLU A C     1 
ATOM   1053 O O     . GLU A 1 134 ? 4.812   -3.372  -11.472 1.00 12.08 ? 134 GLU A O     1 
ATOM   1054 C CB    . GLU A 1 134 ? 5.389   -0.118  -10.921 1.00 15.92 ? 134 GLU A CB    1 
ATOM   1055 C CG    . GLU A 1 134 ? 4.690   -0.053  -12.258 1.00 16.62 ? 134 GLU A CG    1 
ATOM   1056 C CD    . GLU A 1 134 ? 5.217   1.057   -13.132 1.00 20.79 ? 134 GLU A CD    1 
ATOM   1057 O OE1   . GLU A 1 134 ? 5.618   2.113   -12.590 1.00 20.07 ? 134 GLU A OE1   1 
ATOM   1058 O OE2   . GLU A 1 134 ? 5.224   0.877   -14.367 1.00 23.96 ? 134 GLU A OE2   1 
ATOM   1059 N N     . LEU A 1 135 ? 6.917   -2.793  -10.936 1.00 11.82 ? 135 LEU A N     1 
ATOM   1060 C CA    . LEU A 1 135 ? 7.509   -3.922  -11.640 1.00 12.95 ? 135 LEU A CA    1 
ATOM   1061 C C     . LEU A 1 135 ? 7.079   -5.245  -11.010 1.00 12.42 ? 135 LEU A C     1 
ATOM   1062 O O     . LEU A 1 135 ? 6.820   -6.221  -11.714 1.00 12.59 ? 135 LEU A O     1 
ATOM   1063 C CB    . LEU A 1 135 ? 9.037   -3.809  -11.639 1.00 13.07 ? 135 LEU A CB    1 
ATOM   1064 C CG    . LEU A 1 135 ? 9.595   -2.612  -12.418 1.00 16.88 ? 135 LEU A CG    1 
ATOM   1065 C CD1   . LEU A 1 135 ? 11.128  -2.612  -12.352 1.00 14.33 ? 135 LEU A CD1   1 
ATOM   1066 C CD2   . LEU A 1 135 ? 9.125   -2.681  -13.864 1.00 16.89 ? 135 LEU A CD2   1 
ATOM   1067 N N     . THR A 1 136 ? 7.006   -5.274  -9.682  1.00 11.68 ? 136 THR A N     1 
ATOM   1068 C CA    . THR A 1 136 ? 6.590   -6.474  -8.967  1.00 11.82 ? 136 THR A CA    1 
ATOM   1069 C C     . THR A 1 136 ? 5.173   -6.855  -9.401  1.00 12.48 ? 136 THR A C     1 
ATOM   1070 O O     . THR A 1 136 ? 4.929   -7.983  -9.832  1.00 10.48 ? 136 THR A O     1 
ATOM   1071 C CB    . THR A 1 136 ? 6.644   -6.244  -7.432  1.00 13.00 ? 136 THR A CB    1 
ATOM   1072 O OG1   . THR A 1 136 ? 8.008   -6.038  -7.037  1.00 12.35 ? 136 THR A OG1   1 
ATOM   1073 C CG2   . THR A 1 136 ? 6.076   -7.446  -6.670  1.00 12.12 ? 136 THR A CG2   1 
ATOM   1074 N N     . ALA A 1 137 ? 4.246   -5.905  -9.309  1.00 12.26 ? 137 ALA A N     1 
ATOM   1075 C CA    . ALA A 1 137 ? 2.861   -6.161  -9.695  1.00 14.19 ? 137 ALA A CA    1 
ATOM   1076 C C     . ALA A 1 137 ? 2.752   -6.585  -11.153 1.00 15.05 ? 137 ALA A C     1 
ATOM   1077 O O     . ALA A 1 137 ? 2.067   -7.552  -11.478 1.00 15.11 ? 137 ALA A O     1 
ATOM   1078 C CB    . ALA A 1 137 ? 2.016   -4.918  -9.466  1.00 13.56 ? 137 ALA A CB    1 
ATOM   1079 N N     . LYS A 1 138 ? 3.418   -5.853  -12.036 1.00 16.23 ? 138 LYS A N     1 
ATOM   1080 C CA    . LYS A 1 138 ? 3.350   -6.181  -13.454 1.00 17.48 ? 138 LYS A CA    1 
ATOM   1081 C C     . LYS A 1 138 ? 3.937   -7.548  -13.757 1.00 16.85 ? 138 LYS A C     1 
ATOM   1082 O O     . LYS A 1 138 ? 3.415   -8.285  -14.600 1.00 15.67 ? 138 LYS A O     1 
ATOM   1083 C CB    . LYS A 1 138 ? 4.044   -5.099  -14.280 1.00 18.85 ? 138 LYS A CB    1 
ATOM   1084 C CG    . LYS A 1 138 ? 3.312   -3.760  -14.252 1.00 20.82 ? 138 LYS A CG    1 
ATOM   1085 C CD    . LYS A 1 138 ? 3.977   -2.764  -15.186 1.00 25.50 ? 138 LYS A CD    1 
ATOM   1086 C CE    . LYS A 1 138 ? 3.252   -1.428  -15.201 1.00 28.13 ? 138 LYS A CE    1 
ATOM   1087 N NZ    . LYS A 1 138 ? 1.836   -1.583  -15.623 1.00 31.50 ? 138 LYS A NZ    1 
ATOM   1088 N N     . TYR A 1 139 ? 5.004   -7.904  -13.053 1.00 15.67 ? 139 TYR A N     1 
ATOM   1089 C CA    . TYR A 1 139 ? 5.639   -9.199  -13.266 1.00 15.98 ? 139 TYR A CA    1 
ATOM   1090 C C     . TYR A 1 139 ? 4.632   -10.319 -13.010 1.00 16.64 ? 139 TYR A C     1 
ATOM   1091 O O     . TYR A 1 139 ? 4.677   -11.372 -13.645 1.00 14.66 ? 139 TYR A O     1 
ATOM   1092 C CB    . TYR A 1 139 ? 6.824   -9.376  -12.318 1.00 16.69 ? 139 TYR A CB    1 
ATOM   1093 C CG    . TYR A 1 139 ? 7.618   -10.623 -12.604 1.00 19.97 ? 139 TYR A CG    1 
ATOM   1094 C CD1   . TYR A 1 139 ? 8.620   -10.623 -13.576 1.00 22.94 ? 139 TYR A CD1   1 
ATOM   1095 C CD2   . TYR A 1 139 ? 7.346   -11.816 -11.933 1.00 21.18 ? 139 TYR A CD2   1 
ATOM   1096 C CE1   . TYR A 1 139 ? 9.331   -11.778 -13.873 1.00 22.57 ? 139 TYR A CE1   1 
ATOM   1097 C CE2   . TYR A 1 139 ? 8.048   -12.978 -12.224 1.00 21.70 ? 139 TYR A CE2   1 
ATOM   1098 C CZ    . TYR A 1 139 ? 9.041   -12.951 -13.196 1.00 22.61 ? 139 TYR A CZ    1 
ATOM   1099 O OH    . TYR A 1 139 ? 9.736   -14.096 -13.491 1.00 21.92 ? 139 TYR A OH    1 
ATOM   1100 N N     . CYS A 1 140 ? 3.735   -10.087 -12.057 1.00 15.03 ? 140 CYS A N     1 
ATOM   1101 C CA    . CYS A 1 140 ? 2.730   -11.077 -11.704 1.00 15.64 ? 140 CYS A CA    1 
ATOM   1102 C C     . CYS A 1 140 ? 1.460   -10.914 -12.536 1.00 15.95 ? 140 CYS A C     1 
ATOM   1103 O O     . CYS A 1 140 ? 0.417   -11.483 -12.213 1.00 16.04 ? 140 CYS A O     1 
ATOM   1104 C CB    . CYS A 1 140 ? 2.410   -10.983 -10.208 1.00 15.06 ? 140 CYS A CB    1 
ATOM   1105 S SG    . CYS A 1 140 ? 3.837   -11.348 -9.123  1.00 14.49 ? 140 CYS A SG    1 
ATOM   1106 N N     . ASN A 1 141 ? 1.565   -10.124 -13.602 1.00 16.92 ? 141 ASN A N     1 
ATOM   1107 C CA    . ASN A 1 141 ? 0.462   -9.873  -14.521 1.00 17.66 ? 141 ASN A CA    1 
ATOM   1108 C C     . ASN A 1 141 ? -0.758  -9.211  -13.884 1.00 16.93 ? 141 ASN A C     1 
ATOM   1109 O O     . ASN A 1 141 ? -1.896  -9.500  -14.254 1.00 16.98 ? 141 ASN A O     1 
ATOM   1110 C CB    . ASN A 1 141 ? 0.058   -11.188 -15.198 1.00 20.19 ? 141 ASN A CB    1 
ATOM   1111 C CG    . ASN A 1 141 ? 1.139   -11.714 -16.131 1.00 21.78 ? 141 ASN A CG    1 
ATOM   1112 O OD1   . ASN A 1 141 ? 1.304   -12.921 -16.289 1.00 26.62 ? 141 ASN A OD1   1 
ATOM   1113 N ND2   . ASN A 1 141 ? 1.869   -10.804 -16.765 1.00 23.89 ? 141 ASN A ND2   1 
ATOM   1114 N N     . ALA A 1 142 ? -0.518  -8.316  -12.930 1.00 15.97 ? 142 ALA A N     1 
ATOM   1115 C CA    . ALA A 1 142 ? -1.609  -7.611  -12.269 1.00 15.73 ? 142 ALA A CA    1 
ATOM   1116 C C     . ALA A 1 142 ? -1.953  -6.356  -13.049 1.00 16.89 ? 142 ALA A C     1 
ATOM   1117 O O     . ALA A 1 142 ? -1.222  -5.946  -13.948 1.00 16.36 ? 142 ALA A O     1 
ATOM   1118 C CB    . ALA A 1 142 ? -1.215  -7.239  -10.851 1.00 16.02 ? 142 ALA A CB    1 
ATOM   1119 N N     . ASP A 1 143 ? -3.082  -5.757  -12.709 1.00 17.47 ? 143 ASP A N     1 
ATOM   1120 C CA    . ASP A 1 143 ? -3.508  -4.537  -13.363 1.00 17.76 ? 143 ASP A CA    1 
ATOM   1121 C C     . ASP A 1 143 ? -3.087  -3.397  -12.432 1.00 18.15 ? 143 ASP A C     1 
ATOM   1122 O O     . ASP A 1 143 ? -3.863  -2.943  -11.589 1.00 17.32 ? 143 ASP A O     1 
ATOM   1123 C CB    . ASP A 1 143 ? -5.026  -4.583  -13.567 1.00 19.05 ? 143 ASP A CB    1 
ATOM   1124 C CG    . ASP A 1 143 ? -5.584  -3.302  -14.146 1.00 20.52 ? 143 ASP A CG    1 
ATOM   1125 O OD1   . ASP A 1 143 ? -4.805  -2.503  -14.711 1.00 21.24 ? 143 ASP A OD1   1 
ATOM   1126 O OD2   . ASP A 1 143 ? -6.810  -3.101  -14.041 1.00 22.02 ? 143 ASP A OD2   1 
ATOM   1127 N N     . TYR A 1 144 ? -1.838  -2.963  -12.583 1.00 17.01 ? 144 TYR A N     1 
ATOM   1128 C CA    . TYR A 1 144 ? -1.272  -1.896  -11.759 1.00 17.69 ? 144 TYR A CA    1 
ATOM   1129 C C     . TYR A 1 144 ? -1.973  -0.566  -12.032 1.00 19.53 ? 144 TYR A C     1 
ATOM   1130 O O     . TYR A 1 144 ? -2.000  -0.097  -13.171 1.00 19.93 ? 144 TYR A O     1 
ATOM   1131 C CB    . TYR A 1 144 ? 0.233   -1.760  -12.035 1.00 16.98 ? 144 TYR A CB    1 
ATOM   1132 C CG    . TYR A 1 144 ? 0.944   -0.816  -11.091 1.00 15.94 ? 144 TYR A CG    1 
ATOM   1133 C CD1   . TYR A 1 144 ? 1.107   -1.146  -9.746  1.00 14.87 ? 144 TYR A CD1   1 
ATOM   1134 C CD2   . TYR A 1 144 ? 1.401   0.429   -11.525 1.00 17.10 ? 144 TYR A CD2   1 
ATOM   1135 C CE1   . TYR A 1 144 ? 1.701   -0.263  -8.850  1.00 15.35 ? 144 TYR A CE1   1 
ATOM   1136 C CE2   . TYR A 1 144 ? 1.998   1.327   -10.630 1.00 17.90 ? 144 TYR A CE2   1 
ATOM   1137 C CZ    . TYR A 1 144 ? 2.139   0.968   -9.293  1.00 15.21 ? 144 TYR A CZ    1 
ATOM   1138 O OH    . TYR A 1 144 ? 2.692   1.846   -8.391  1.00 16.26 ? 144 TYR A OH    1 
ATOM   1139 N N     . ARG A 1 145 ? -2.539  0.036   -10.986 1.00 18.75 ? 145 ARG A N     1 
ATOM   1140 C CA    . ARG A 1 145 ? -3.252  1.307   -11.106 1.00 19.25 ? 145 ARG A CA    1 
ATOM   1141 C C     . ARG A 1 145 ? -2.447  2.465   -10.514 1.00 19.92 ? 145 ARG A C     1 
ATOM   1142 O O     . ARG A 1 145 ? -1.554  2.254   -9.700  1.00 19.22 ? 145 ARG A O     1 
ATOM   1143 C CB    . ARG A 1 145 ? -4.607  1.223   -10.394 1.00 20.56 ? 145 ARG A CB    1 
ATOM   1144 C CG    . ARG A 1 145 ? -5.429  -0.015  -10.738 1.00 23.38 ? 145 ARG A CG    1 
ATOM   1145 C CD    . ARG A 1 145 ? -5.603  -0.140  -12.238 1.00 27.27 ? 145 ARG A CD    1 
ATOM   1146 N NE    . ARG A 1 145 ? -6.100  1.099   -12.822 1.00 30.14 ? 145 ARG A NE    1 
ATOM   1147 C CZ    . ARG A 1 145 ? -5.987  1.421   -14.107 1.00 34.29 ? 145 ARG A CZ    1 
ATOM   1148 N NH1   . ARG A 1 145 ? -5.389  0.594   -14.957 1.00 33.80 ? 145 ARG A NH1   1 
ATOM   1149 N NH2   . ARG A 1 145 ? -6.471  2.577   -14.543 1.00 36.35 ? 145 ARG A NH2   1 
ATOM   1150 N N     . PRO A 1 146 ? -2.760  3.708   -10.918 1.00 20.08 ? 146 PRO A N     1 
ATOM   1151 C CA    . PRO A 1 146 ? -2.037  4.874   -10.397 1.00 20.12 ? 146 PRO A CA    1 
ATOM   1152 C C     . PRO A 1 146 ? -2.086  4.917   -8.867  1.00 18.27 ? 146 PRO A C     1 
ATOM   1153 O O     . PRO A 1 146 ? -3.119  4.658   -8.261  1.00 19.35 ? 146 PRO A O     1 
ATOM   1154 C CB    . PRO A 1 146 ? -2.774  6.051   -11.038 1.00 20.52 ? 146 PRO A CB    1 
ATOM   1155 C CG    . PRO A 1 146 ? -3.240  5.472   -12.351 1.00 20.27 ? 146 PRO A CG    1 
ATOM   1156 C CD    . PRO A 1 146 ? -3.758  4.119   -11.926 1.00 20.88 ? 146 PRO A CD    1 
ATOM   1157 N N     . PRO A 1 147 ? -0.961  5.242   -8.224  1.00 17.45 ? 147 PRO A N     1 
ATOM   1158 C CA    . PRO A 1 147 ? -0.926  5.298   -6.760  1.00 16.17 ? 147 PRO A CA    1 
ATOM   1159 C C     . PRO A 1 147 ? -1.578  6.526   -6.132  1.00 16.37 ? 147 PRO A C     1 
ATOM   1160 O O     . PRO A 1 147 ? -1.808  7.539   -6.797  1.00 15.52 ? 147 PRO A O     1 
ATOM   1161 C CB    . PRO A 1 147 ? 0.568   5.237   -6.454  1.00 16.64 ? 147 PRO A CB    1 
ATOM   1162 C CG    . PRO A 1 147 ? 1.161   6.016   -7.586  1.00 16.81 ? 147 PRO A CG    1 
ATOM   1163 C CD    . PRO A 1 147 ? 0.382   5.476   -8.793  1.00 17.45 ? 147 PRO A CD    1 
ATOM   1164 N N     . PHE A 1 148 ? -1.880  6.414   -4.842  1.00 14.28 ? 148 PHE A N     1 
ATOM   1165 C CA    . PHE A 1 148 ? -2.452  7.513   -4.077  1.00 13.69 ? 148 PHE A CA    1 
ATOM   1166 C C     . PHE A 1 148 ? -1.264  8.042   -3.289  1.00 14.28 ? 148 PHE A C     1 
ATOM   1167 O O     . PHE A 1 148 ? -0.610  7.280   -2.581  1.00 14.84 ? 148 PHE A O     1 
ATOM   1168 C CB    . PHE A 1 148 ? -3.535  7.001   -3.120  1.00 14.27 ? 148 PHE A CB    1 
ATOM   1169 C CG    . PHE A 1 148 ? -4.157  8.079   -2.279  1.00 16.10 ? 148 PHE A CG    1 
ATOM   1170 C CD1   . PHE A 1 148 ? -3.773  8.257   -0.952  1.00 16.91 ? 148 PHE A CD1   1 
ATOM   1171 C CD2   . PHE A 1 148 ? -5.109  8.938   -2.824  1.00 15.50 ? 148 PHE A CD2   1 
ATOM   1172 C CE1   . PHE A 1 148 ? -4.325  9.278   -0.178  1.00 16.02 ? 148 PHE A CE1   1 
ATOM   1173 C CE2   . PHE A 1 148 ? -5.667  9.960   -2.063  1.00 16.10 ? 148 PHE A CE2   1 
ATOM   1174 C CZ    . PHE A 1 148 ? -5.275  10.133  -0.733  1.00 16.70 ? 148 PHE A CZ    1 
ATOM   1175 N N     . THR A 1 149 ? -0.965  9.330   -3.419  1.00 13.57 ? 149 THR A N     1 
ATOM   1176 C CA    . THR A 1 149 ? 0.178   9.893   -2.711  1.00 13.27 ? 149 THR A CA    1 
ATOM   1177 C C     . THR A 1 149 ? -0.157  11.120  -1.890  1.00 13.92 ? 149 THR A C     1 
ATOM   1178 O O     . THR A 1 149 ? -1.096  11.850  -2.195  1.00 15.59 ? 149 THR A O     1 
ATOM   1179 C CB    . THR A 1 149 ? 1.295   10.289  -3.689  1.00 13.59 ? 149 THR A CB    1 
ATOM   1180 O OG1   . THR A 1 149 ? 0.871   11.423  -4.458  1.00 14.51 ? 149 THR A OG1   1 
ATOM   1181 C CG2   . THR A 1 149 ? 1.611   9.133   -4.639  1.00 13.60 ? 149 THR A CG2   1 
ATOM   1182 N N     . PHE A 1 150 ? 0.629   11.350  -0.847  1.00 14.45 ? 150 PHE A N     1 
ATOM   1183 C CA    . PHE A 1 150 ? 0.429   12.502  0.010   1.00 13.79 ? 150 PHE A CA    1 
ATOM   1184 C C     . PHE A 1 150 ? 1.757   12.938  0.590   1.00 16.02 ? 150 PHE A C     1 
ATOM   1185 O O     . PHE A 1 150 ? 2.483   12.128  1.158   1.00 14.63 ? 150 PHE A O     1 
ATOM   1186 C CB    . PHE A 1 150 ? -0.536  12.166  1.147   1.00 14.27 ? 150 PHE A CB    1 
ATOM   1187 C CG    . PHE A 1 150 ? -0.763  13.304  2.102   1.00 17.20 ? 150 PHE A CG    1 
ATOM   1188 C CD1   . PHE A 1 150 ? -1.401  14.470  1.681   1.00 16.70 ? 150 PHE A CD1   1 
ATOM   1189 C CD2   . PHE A 1 150 ? -0.343  13.211  3.428   1.00 18.37 ? 150 PHE A CD2   1 
ATOM   1190 C CE1   . PHE A 1 150 ? -1.616  15.522  2.565   1.00 18.37 ? 150 PHE A CE1   1 
ATOM   1191 C CE2   . PHE A 1 150 ? -0.553  14.262  4.320   1.00 17.82 ? 150 PHE A CE2   1 
ATOM   1192 C CZ    . PHE A 1 150 ? -1.192  15.418  3.890   1.00 17.97 ? 150 PHE A CZ    1 
ATOM   1193 N N     . HIS A 1 151 ? 2.075   14.218  0.448   1.00 17.34 ? 151 HIS A N     1 
ATOM   1194 C CA    . HIS A 1 151 ? 3.326   14.738  0.982   1.00 19.62 ? 151 HIS A CA    1 
ATOM   1195 C C     . HIS A 1 151 ? 3.077   15.486  2.291   1.00 22.04 ? 151 HIS A C     1 
ATOM   1196 O O     . HIS A 1 151 ? 2.250   16.399  2.357   1.00 21.23 ? 151 HIS A O     1 
ATOM   1197 C CB    . HIS A 1 151 ? 3.998   15.654  -0.043  1.00 18.34 ? 151 HIS A CB    1 
ATOM   1198 C CG    . HIS A 1 151 ? 4.343   14.961  -1.324  1.00 19.11 ? 151 HIS A CG    1 
ATOM   1199 N ND1   . HIS A 1 151 ? 3.389   14.575  -2.239  1.00 18.63 ? 151 HIS A ND1   1 
ATOM   1200 C CD2   . HIS A 1 151 ? 5.533   14.548  -1.822  1.00 17.14 ? 151 HIS A CD2   1 
ATOM   1201 C CE1   . HIS A 1 151 ? 3.974   13.951  -3.247  1.00 16.87 ? 151 HIS A CE1   1 
ATOM   1202 N NE2   . HIS A 1 151 ? 5.272   13.920  -3.019  1.00 18.17 ? 151 HIS A NE2   1 
ATOM   1203 N N     . THR A 1 152 ? 3.792   15.075  3.331   1.00 23.63 ? 152 THR A N     1 
ATOM   1204 C CA    . THR A 1 152 ? 3.667   15.683  4.645   1.00 29.00 ? 152 THR A CA    1 
ATOM   1205 C C     . THR A 1 152 ? 4.589   16.887  4.745   1.00 31.25 ? 152 THR A C     1 
ATOM   1206 O O     . THR A 1 152 ? 5.811   16.735  4.796   1.00 34.59 ? 152 THR A O     1 
ATOM   1207 C CB    . THR A 1 152 ? 4.052   14.686  5.753   1.00 31.66 ? 152 THR A CB    1 
ATOM   1208 O OG1   . THR A 1 152 ? 3.272   13.494  5.617   1.00 33.36 ? 152 THR A OG1   1 
ATOM   1209 C CG2   . THR A 1 152 ? 3.805   15.295  7.119   1.00 35.31 ? 152 THR A CG2   1 
ATOM   1210 N N     . SER A 1 160 ? -0.383  23.598  13.657  1.00 40.66 ? 160 SER A N     1 
ATOM   1211 C CA    . SER A 1 160 ? -0.717  22.300  13.089  1.00 40.14 ? 160 SER A CA    1 
ATOM   1212 C C     . SER A 1 160 ? -2.215  22.155  12.844  1.00 39.21 ? 160 SER A C     1 
ATOM   1213 O O     . SER A 1 160 ? -2.665  21.121  12.358  1.00 40.36 ? 160 SER A O     1 
ATOM   1214 C CB    . SER A 1 160 ? -0.248  21.169  14.016  1.00 41.30 ? 160 SER A CB    1 
ATOM   1215 O OG    . SER A 1 160 ? 1.162   21.014  13.990  1.00 44.50 ? 160 SER A OG    1 
ATOM   1216 N N     . GLU A 1 161 ? -2.986  23.189  13.171  1.00 36.81 ? 161 GLU A N     1 
ATOM   1217 C CA    . GLU A 1 161 ? -4.432  23.133  12.982  1.00 36.15 ? 161 GLU A CA    1 
ATOM   1218 C C     . GLU A 1 161 ? -4.787  22.998  11.504  1.00 33.91 ? 161 GLU A C     1 
ATOM   1219 O O     . GLU A 1 161 ? -5.553  22.111  11.116  1.00 31.15 ? 161 GLU A O     1 
ATOM   1220 C CB    . GLU A 1 161 ? -5.096  24.383  13.563  1.00 39.35 ? 161 GLU A CB    1 
ATOM   1221 C CG    . GLU A 1 161 ? -6.620  24.300  13.632  1.00 44.43 ? 161 GLU A CG    1 
ATOM   1222 C CD    . GLU A 1 161 ? -7.103  23.180  14.547  1.00 47.30 ? 161 GLU A CD    1 
ATOM   1223 O OE1   . GLU A 1 161 ? -6.732  23.182  15.744  1.00 47.21 ? 161 GLU A OE1   1 
ATOM   1224 O OE2   . GLU A 1 161 ? -7.851  22.297  14.067  1.00 48.25 ? 161 GLU A OE2   1 
ATOM   1225 N N     . ALA A 1 162 ? -4.235  23.887  10.683  1.00 30.64 ? 162 ALA A N     1 
ATOM   1226 C CA    . ALA A 1 162 ? -4.481  23.853  9.246   1.00 28.55 ? 162 ALA A CA    1 
ATOM   1227 C C     . ALA A 1 162 ? -3.887  22.566  8.682   1.00 26.15 ? 162 ALA A C     1 
ATOM   1228 O O     . ALA A 1 162 ? -4.463  21.939  7.791   1.00 24.49 ? 162 ALA A O     1 
ATOM   1229 C CB    . ALA A 1 162 ? -3.838  25.067  8.577   1.00 29.10 ? 162 ALA A CB    1 
ATOM   1230 N N     . ALA A 1 163 ? -2.733  22.178  9.219   1.00 24.34 ? 163 ALA A N     1 
ATOM   1231 C CA    . ALA A 1 163 ? -2.042  20.965  8.794   1.00 23.06 ? 163 ALA A CA    1 
ATOM   1232 C C     . ALA A 1 163 ? -2.893  19.741  9.112   1.00 22.11 ? 163 ALA A C     1 
ATOM   1233 O O     . ALA A 1 163 ? -2.983  18.812  8.314   1.00 18.98 ? 163 ALA A O     1 
ATOM   1234 C CB    . ALA A 1 163 ? -0.698  20.861  9.497   1.00 23.94 ? 163 ALA A CB    1 
ATOM   1235 N N     . ARG A 1 164 ? -3.516  19.757  10.284  1.00 23.10 ? 164 ARG A N     1 
ATOM   1236 C CA    . ARG A 1 164 ? -4.367  18.658  10.721  1.00 25.15 ? 164 ARG A CA    1 
ATOM   1237 C C     . ARG A 1 164 ? -5.567  18.524  9.788   1.00 23.84 ? 164 ARG A C     1 
ATOM   1238 O O     . ARG A 1 164 ? -5.992  17.415  9.463   1.00 23.29 ? 164 ARG A O     1 
ATOM   1239 C CB    . ARG A 1 164 ? -4.827  18.903  12.162  1.00 29.68 ? 164 ARG A CB    1 
ATOM   1240 C CG    . ARG A 1 164 ? -6.016  18.065  12.612  1.00 33.87 ? 164 ARG A CG    1 
ATOM   1241 C CD    . ARG A 1 164 ? -6.339  18.317  14.081  1.00 37.49 ? 164 ARG A CD    1 
ATOM   1242 N NE    . ARG A 1 164 ? -7.726  17.988  14.389  1.00 41.48 ? 164 ARG A NE    1 
ATOM   1243 C CZ    . ARG A 1 164 ? -8.770  18.686  13.951  1.00 42.62 ? 164 ARG A CZ    1 
ATOM   1244 N NH1   . ARG A 1 164 ? -8.581  19.758  13.188  1.00 43.24 ? 164 ARG A NH1   1 
ATOM   1245 N NH2   . ARG A 1 164 ? -10.005 18.308  14.265  1.00 43.37 ? 164 ARG A NH2   1 
ATOM   1246 N N     . GLN A 1 165 ? -6.111  19.658  9.362   1.00 22.92 ? 165 GLN A N     1 
ATOM   1247 C CA    . GLN A 1 165 ? -7.251  19.647  8.456   1.00 22.77 ? 165 GLN A CA    1 
ATOM   1248 C C     . GLN A 1 165 ? -6.845  19.054  7.114   1.00 21.43 ? 165 GLN A C     1 
ATOM   1249 O O     . GLN A 1 165 ? -7.616  18.323  6.491   1.00 19.08 ? 165 GLN A O     1 
ATOM   1250 C CB    . GLN A 1 165 ? -7.796  21.065  8.257   1.00 24.38 ? 165 GLN A CB    1 
ATOM   1251 C CG    . GLN A 1 165 ? -8.742  21.521  9.358   1.00 30.04 ? 165 GLN A CG    1 
ATOM   1252 C CD    . GLN A 1 165 ? -9.182  22.965  9.193   1.00 32.46 ? 165 GLN A CD    1 
ATOM   1253 O OE1   . GLN A 1 165 ? -9.312  23.464  8.075   1.00 35.11 ? 165 GLN A OE1   1 
ATOM   1254 N NE2   . GLN A 1 165 ? -9.428  23.641  10.311  1.00 35.28 ? 165 GLN A NE2   1 
ATOM   1255 N N     . GLU A 1 166 ? -5.630  19.353  6.665   1.00 20.08 ? 166 GLU A N     1 
ATOM   1256 C CA    . GLU A 1 166 ? -5.188  18.811  5.384   1.00 20.50 ? 166 GLU A CA    1 
ATOM   1257 C C     . GLU A 1 166 ? -5.094  17.284  5.441   1.00 20.06 ? 166 GLU A C     1 
ATOM   1258 O O     . GLU A 1 166 ? -5.484  16.598  4.493   1.00 19.08 ? 166 GLU A O     1 
ATOM   1259 C CB    . GLU A 1 166 ? -3.841  19.413  4.972   1.00 22.24 ? 166 GLU A CB    1 
ATOM   1260 C CG    . GLU A 1 166 ? -3.366  18.945  3.600   1.00 22.37 ? 166 GLU A CG    1 
ATOM   1261 C CD    . GLU A 1 166 ? -4.353  19.275  2.485   1.00 22.78 ? 166 GLU A CD    1 
ATOM   1262 O OE1   . GLU A 1 166 ? -4.201  18.713  1.385   1.00 23.71 ? 166 GLU A OE1   1 
ATOM   1263 O OE2   . GLU A 1 166 ? -5.270  20.094  2.697   1.00 23.03 ? 166 GLU A OE2   1 
ATOM   1264 N N     . VAL A 1 167 ? -4.585  16.756  6.552   1.00 18.57 ? 167 VAL A N     1 
ATOM   1265 C CA    . VAL A 1 167 ? -4.460  15.307  6.721   1.00 18.00 ? 167 VAL A CA    1 
ATOM   1266 C C     . VAL A 1 167 ? -5.859  14.674  6.720   1.00 17.62 ? 167 VAL A C     1 
ATOM   1267 O O     . VAL A 1 167 ? -6.071  13.602  6.147   1.00 14.99 ? 167 VAL A O     1 
ATOM   1268 C CB    . VAL A 1 167 ? -3.719  14.959  8.044   1.00 18.88 ? 167 VAL A CB    1 
ATOM   1269 C CG1   . VAL A 1 167 ? -3.710  13.451  8.266   1.00 18.87 ? 167 VAL A CG1   1 
ATOM   1270 C CG2   . VAL A 1 167 ? -2.286  15.486  7.993   1.00 16.26 ? 167 VAL A CG2   1 
ATOM   1271 N N     . GLU A 1 168 ? -6.813  15.346  7.358   1.00 17.89 ? 168 GLU A N     1 
ATOM   1272 C CA    . GLU A 1 168 ? -8.186  14.860  7.403   1.00 19.18 ? 168 GLU A CA    1 
ATOM   1273 C C     . GLU A 1 168 ? -8.744  14.830  5.984   1.00 18.90 ? 168 GLU A C     1 
ATOM   1274 O O     . GLU A 1 168 ? -9.466  13.905  5.605   1.00 17.81 ? 168 GLU A O     1 
ATOM   1275 C CB    . GLU A 1 168 ? -9.035  15.769  8.300   1.00 22.97 ? 168 GLU A CB    1 
ATOM   1276 C CG    . GLU A 1 168 ? -8.810  15.524  9.789   1.00 25.73 ? 168 GLU A CG    1 
ATOM   1277 C CD    . GLU A 1 168 ? -9.430  16.591  10.672  1.00 30.45 ? 168 GLU A CD    1 
ATOM   1278 O OE1   . GLU A 1 168 ? -10.527 17.088  10.338  1.00 31.93 ? 168 GLU A OE1   1 
ATOM   1279 O OE2   . GLU A 1 168 ? -8.821  16.925  11.711  1.00 32.83 ? 168 GLU A OE2   1 
ATOM   1280 N N     . ARG A 1 169 ? -8.398  15.846  5.202   1.00 18.09 ? 169 ARG A N     1 
ATOM   1281 C CA    . ARG A 1 169 ? -8.835  15.925  3.814   1.00 19.21 ? 169 ARG A CA    1 
ATOM   1282 C C     . ARG A 1 169 ? -8.218  14.776  3.021   1.00 17.42 ? 169 ARG A C     1 
ATOM   1283 O O     . ARG A 1 169 ? -8.887  14.157  2.190   1.00 15.83 ? 169 ARG A O     1 
ATOM   1284 C CB    . ARG A 1 169 ? -8.416  17.266  3.201   1.00 21.11 ? 169 ARG A CB    1 
ATOM   1285 C CG    . ARG A 1 169 ? -9.202  18.468  3.729   1.00 26.37 ? 169 ARG A CG    1 
ATOM   1286 C CD    . ARG A 1 169 ? -8.437  19.774  3.506   1.00 28.40 ? 169 ARG A CD    1 
ATOM   1287 N NE    . ARG A 1 169 ? -8.061  19.969  2.112   1.00 32.71 ? 169 ARG A NE    1 
ATOM   1288 C CZ    . ARG A 1 169 ? -8.800  20.614  1.215   1.00 33.81 ? 169 ARG A CZ    1 
ATOM   1289 N NH1   . ARG A 1 169 ? -9.970  21.139  1.561   1.00 33.80 ? 169 ARG A NH1   1 
ATOM   1290 N NH2   . ARG A 1 169 ? -8.369  20.732  -0.031  1.00 33.61 ? 169 ARG A NH2   1 
ATOM   1291 N N     . SER A 1 170 ? -6.945  14.485  3.286   1.00 15.50 ? 170 SER A N     1 
ATOM   1292 C CA    . SER A 1 170 ? -6.262  13.408  2.577   1.00 15.88 ? 170 SER A CA    1 
ATOM   1293 C C     . SER A 1 170 ? -6.955  12.076  2.859   1.00 16.26 ? 170 SER A C     1 
ATOM   1294 O O     . SER A 1 170 ? -7.076  11.229  1.968   1.00 15.41 ? 170 SER A O     1 
ATOM   1295 C CB    . SER A 1 170 ? -4.795  13.320  2.999   1.00 16.80 ? 170 SER A CB    1 
ATOM   1296 O OG    . SER A 1 170 ? -4.661  12.762  4.293   1.00 14.69 ? 170 SER A OG    1 
ATOM   1297 N N     . ALA A 1 171 ? -7.409  11.899  4.097   1.00 14.63 ? 171 ALA A N     1 
ATOM   1298 C CA    . ALA A 1 171 ? -8.093  10.673  4.481   1.00 15.44 ? 171 ALA A CA    1 
ATOM   1299 C C     . ALA A 1 171 ? -9.375  10.544  3.660   1.00 14.85 ? 171 ALA A C     1 
ATOM   1300 O O     . ALA A 1 171 ? -9.715  9.456   3.198   1.00 14.21 ? 171 ALA A O     1 
ATOM   1301 C CB    . ALA A 1 171 ? -8.411  10.689  5.979   1.00 15.65 ? 171 ALA A CB    1 
ATOM   1302 N N     . ARG A 1 172 ? -10.088 11.655  3.481   1.00 13.70 ? 172 ARG A N     1 
ATOM   1303 C CA    . ARG A 1 172 ? -11.309 11.628  2.686   1.00 15.16 ? 172 ARG A CA    1 
ATOM   1304 C C     . ARG A 1 172 ? -10.970 11.321  1.231   1.00 14.36 ? 172 ARG A C     1 
ATOM   1305 O O     . ARG A 1 172 ? -11.671 10.553  0.578   1.00 13.63 ? 172 ARG A O     1 
ATOM   1306 C CB    . ARG A 1 172 ? -12.058 12.965  2.766   1.00 17.04 ? 172 ARG A CB    1 
ATOM   1307 C CG    . ARG A 1 172 ? -12.565 13.316  4.159   1.00 21.50 ? 172 ARG A CG    1 
ATOM   1308 C CD    . ARG A 1 172 ? -13.648 14.390  4.099   1.00 25.12 ? 172 ARG A CD    1 
ATOM   1309 N NE    . ARG A 1 172 ? -13.163 15.666  3.571   1.00 28.73 ? 172 ARG A NE    1 
ATOM   1310 C CZ    . ARG A 1 172 ? -12.534 16.592  4.292   1.00 30.85 ? 172 ARG A CZ    1 
ATOM   1311 N NH1   . ARG A 1 172 ? -12.304 16.393  5.586   1.00 29.51 ? 172 ARG A NH1   1 
ATOM   1312 N NH2   . ARG A 1 172 ? -12.144 17.725  3.717   1.00 31.05 ? 172 ARG A NH2   1 
ATOM   1313 N N     . ASP A 1 173 ? -9.896  11.920  0.721   1.00 12.15 ? 173 ASP A N     1 
ATOM   1314 C CA    . ASP A 1 173 ? -9.499  11.666  -0.663  1.00 15.73 ? 173 ASP A CA    1 
ATOM   1315 C C     . ASP A 1 173 ? -9.129  10.194  -0.850  1.00 14.67 ? 173 ASP A C     1 
ATOM   1316 O O     . ASP A 1 173 ? -9.434  9.594   -1.882  1.00 14.65 ? 173 ASP A O     1 
ATOM   1317 C CB    . ASP A 1 173 ? -8.315  12.558  -1.067  1.00 16.24 ? 173 ASP A CB    1 
ATOM   1318 C CG    . ASP A 1 173 ? -8.662  14.040  -1.041  1.00 20.12 ? 173 ASP A CG    1 
ATOM   1319 O OD1   . ASP A 1 173 ? -9.835  14.388  -1.304  1.00 22.71 ? 173 ASP A OD1   1 
ATOM   1320 O OD2   . ASP A 1 173 ? -7.758  14.864  -0.769  1.00 20.56 ? 173 ASP A OD2   1 
ATOM   1321 N N     . TYR A 1 174 ? -8.478  9.624   0.163   1.00 12.63 ? 174 TYR A N     1 
ATOM   1322 C CA    . TYR A 1 174 ? -8.068  8.224   0.140   1.00 12.76 ? 174 TYR A CA    1 
ATOM   1323 C C     . TYR A 1 174 ? -9.299  7.333   -0.053  1.00 14.05 ? 174 TYR A C     1 
ATOM   1324 O O     . TYR A 1 174 ? -9.279  6.385   -0.841  1.00 11.22 ? 174 TYR A O     1 
ATOM   1325 C CB    . TYR A 1 174 ? -7.371  7.867   1.458   1.00 12.50 ? 174 TYR A CB    1 
ATOM   1326 C CG    . TYR A 1 174 ? -6.812  6.466   1.539   1.00 12.27 ? 174 TYR A CG    1 
ATOM   1327 C CD1   . TYR A 1 174 ? -6.696  5.821   2.776   1.00 13.05 ? 174 TYR A CD1   1 
ATOM   1328 C CD2   . TYR A 1 174 ? -6.368  5.796   0.398   1.00 12.34 ? 174 TYR A CD2   1 
ATOM   1329 C CE1   . TYR A 1 174 ? -6.154  4.545   2.877   1.00 12.73 ? 174 TYR A CE1   1 
ATOM   1330 C CE2   . TYR A 1 174 ? -5.817  4.517   0.487   1.00 12.64 ? 174 TYR A CE2   1 
ATOM   1331 C CZ    . TYR A 1 174 ? -5.712  3.898   1.729   1.00 12.58 ? 174 TYR A CZ    1 
ATOM   1332 O OH    . TYR A 1 174 ? -5.148  2.641   1.828   1.00 11.35 ? 174 TYR A OH    1 
ATOM   1333 N N     . LEU A 1 175 ? -10.366 7.633   0.684   1.00 13.87 ? 175 LEU A N     1 
ATOM   1334 C CA    . LEU A 1 175 ? -11.603 6.872   0.571   1.00 14.70 ? 175 LEU A CA    1 
ATOM   1335 C C     . LEU A 1 175 ? -12.134 6.957   -0.850  1.00 14.66 ? 175 LEU A C     1 
ATOM   1336 O O     . LEU A 1 175 ? -12.520 5.949   -1.438  1.00 16.13 ? 175 LEU A O     1 
ATOM   1337 C CB    . LEU A 1 175 ? -12.654 7.408   1.545   1.00 15.26 ? 175 LEU A CB    1 
ATOM   1338 C CG    . LEU A 1 175 ? -12.379 7.116   3.018   1.00 18.34 ? 175 LEU A CG    1 
ATOM   1339 C CD1   . LEU A 1 175 ? -13.553 7.612   3.863   1.00 20.85 ? 175 LEU A CD1   1 
ATOM   1340 C CD2   . LEU A 1 175 ? -12.193 5.616   3.218   1.00 19.86 ? 175 LEU A CD2   1 
ATOM   1341 N N     . ALA A 1 176 ? -12.147 8.165   -1.401  1.00 15.15 ? 176 ALA A N     1 
ATOM   1342 C CA    . ALA A 1 176 ? -12.629 8.367   -2.759  1.00 16.39 ? 176 ALA A CA    1 
ATOM   1343 C C     . ALA A 1 176 ? -11.755 7.586   -3.733  1.00 16.59 ? 176 ALA A C     1 
ATOM   1344 O O     . ALA A 1 176 ? -12.259 6.946   -4.660  1.00 16.08 ? 176 ALA A O     1 
ATOM   1345 C CB    . ALA A 1 176 ? -12.608 9.856   -3.106  1.00 16.94 ? 176 ALA A CB    1 
ATOM   1346 N N     . TRP A 1 177 ? -10.441 7.644   -3.526  1.00 13.72 ? 177 TRP A N     1 
ATOM   1347 C CA    . TRP A 1 177 ? -9.508  6.920   -4.393  1.00 14.70 ? 177 TRP A CA    1 
ATOM   1348 C C     . TRP A 1 177 ? -9.805  5.422   -4.305  1.00 13.75 ? 177 TRP A C     1 
ATOM   1349 O O     . TRP A 1 177 ? -9.800  4.716   -5.316  1.00 13.76 ? 177 TRP A O     1 
ATOM   1350 C CB    . TRP A 1 177 ? -8.069  7.192   -3.951  1.00 12.51 ? 177 TRP A CB    1 
ATOM   1351 C CG    . TRP A 1 177 ? -7.008  6.507   -4.761  1.00 12.45 ? 177 TRP A CG    1 
ATOM   1352 C CD1   . TRP A 1 177 ? -6.440  6.947   -5.933  1.00 13.49 ? 177 TRP A CD1   1 
ATOM   1353 C CD2   . TRP A 1 177 ? -6.326  5.300   -4.415  1.00 12.99 ? 177 TRP A CD2   1 
ATOM   1354 N NE1   . TRP A 1 177 ? -5.438  6.090   -6.328  1.00 10.03 ? 177 TRP A NE1   1 
ATOM   1355 C CE2   . TRP A 1 177 ? -5.348  5.069   -5.413  1.00 12.87 ? 177 TRP A CE2   1 
ATOM   1356 C CE3   . TRP A 1 177 ? -6.442  4.390   -3.354  1.00 12.47 ? 177 TRP A CE3   1 
ATOM   1357 C CZ2   . TRP A 1 177 ? -4.491  3.963   -5.379  1.00 11.27 ? 177 TRP A CZ2   1 
ATOM   1358 C CZ3   . TRP A 1 177 ? -5.589  3.290   -3.319  1.00 13.73 ? 177 TRP A CZ3   1 
ATOM   1359 C CH2   . TRP A 1 177 ? -4.622  3.088   -4.330  1.00 13.45 ? 177 TRP A CH2   1 
ATOM   1360 N N     . LEU A 1 178 ? -10.063 4.954   -3.087  1.00 13.10 ? 178 LEU A N     1 
ATOM   1361 C CA    . LEU A 1 178 ? -10.373 3.551   -2.836  1.00 15.52 ? 178 LEU A CA    1 
ATOM   1362 C C     . LEU A 1 178 ? -11.639 3.133   -3.579  1.00 16.63 ? 178 LEU A C     1 
ATOM   1363 O O     . LEU A 1 178 ? -11.669 2.093   -4.235  1.00 17.02 ? 178 LEU A O     1 
ATOM   1364 C CB    . LEU A 1 178 ? -10.562 3.320   -1.337  1.00 15.47 ? 178 LEU A CB    1 
ATOM   1365 C CG    . LEU A 1 178 ? -9.568  2.449   -0.562  1.00 16.50 ? 178 LEU A CG    1 
ATOM   1366 C CD1   . LEU A 1 178 ? -8.175  2.554   -1.126  1.00 13.96 ? 178 LEU A CD1   1 
ATOM   1367 C CD2   . LEU A 1 178 ? -9.601  2.862   0.898   1.00 12.66 ? 178 LEU A CD2   1 
ATOM   1368 N N     . ASP A 1 179 ? -12.692 3.936   -3.464  1.00 17.76 ? 179 ASP A N     1 
ATOM   1369 C CA    . ASP A 1 179 ? -13.934 3.614   -4.157  1.00 21.43 ? 179 ASP A CA    1 
ATOM   1370 C C     . ASP A 1 179 ? -13.715 3.568   -5.664  1.00 20.92 ? 179 ASP A C     1 
ATOM   1371 O O     . ASP A 1 179 ? -14.221 2.672   -6.344  1.00 19.85 ? 179 ASP A O     1 
ATOM   1372 C CB    . ASP A 1 179 ? -15.032 4.633   -3.841  1.00 23.00 ? 179 ASP A CB    1 
ATOM   1373 C CG    . ASP A 1 179 ? -15.609 4.459   -2.446  1.00 27.33 ? 179 ASP A CG    1 
ATOM   1374 O OD1   . ASP A 1 179 ? -15.822 3.298   -2.021  1.00 28.35 ? 179 ASP A OD1   1 
ATOM   1375 O OD2   . ASP A 1 179 ? -15.866 5.489   -1.783  1.00 29.86 ? 179 ASP A OD2   1 
ATOM   1376 N N     . ALA A 1 180 ? -12.962 4.538   -6.179  1.00 21.09 ? 180 ALA A N     1 
ATOM   1377 C CA    . ALA A 1 180 ? -12.676 4.607   -7.611  1.00 22.62 ? 180 ALA A CA    1 
ATOM   1378 C C     . ALA A 1 180 ? -12.006 3.319   -8.064  1.00 23.40 ? 180 ALA A C     1 
ATOM   1379 O O     . ALA A 1 180 ? -12.350 2.752   -9.104  1.00 23.89 ? 180 ALA A O     1 
ATOM   1380 C CB    . ALA A 1 180 ? -11.776 5.798   -7.908  1.00 22.11 ? 180 ALA A CB    1 
ATOM   1381 N N     . LEU A 1 181 ? -11.047 2.865   -7.268  1.00 25.31 ? 181 LEU A N     1 
ATOM   1382 C CA    . LEU A 1 181 ? -10.313 1.641   -7.549  1.00 25.91 ? 181 LEU A CA    1 
ATOM   1383 C C     . LEU A 1 181 ? -11.294 0.478   -7.675  1.00 27.67 ? 181 LEU A C     1 
ATOM   1384 O O     . LEU A 1 181 ? -11.143 -0.376  -8.547  1.00 28.07 ? 181 LEU A O     1 
ATOM   1385 C CB    . LEU A 1 181 ? -9.324  1.367   -6.412  1.00 23.41 ? 181 LEU A CB    1 
ATOM   1386 C CG    . LEU A 1 181 ? -8.265  0.292   -6.636  1.00 23.04 ? 181 LEU A CG    1 
ATOM   1387 C CD1   . LEU A 1 181 ? -7.289  0.751   -7.713  1.00 22.45 ? 181 LEU A CD1   1 
ATOM   1388 C CD2   . LEU A 1 181 ? -7.527  0.030   -5.329  1.00 19.79 ? 181 LEU A CD2   1 
ATOM   1389 N N     . GLN A 1 182 ? -12.303 0.455   -6.807  1.00 29.81 ? 182 GLN A N     1 
ATOM   1390 C CA    . GLN A 1 182 ? -13.306 -0.611  -6.832  1.00 33.34 ? 182 GLN A CA    1 
ATOM   1391 C C     . GLN A 1 182 ? -14.175 -0.517  -8.084  1.00 33.90 ? 182 GLN A C     1 
ATOM   1392 O O     . GLN A 1 182 ? -14.672 -1.527  -8.579  1.00 34.40 ? 182 GLN A O     1 
ATOM   1393 C CB    . GLN A 1 182 ? -14.202 -0.544  -5.588  1.00 35.33 ? 182 GLN A CB    1 
ATOM   1394 C CG    . GLN A 1 182 ? -13.451 -0.600  -4.262  1.00 37.58 ? 182 GLN A CG    1 
ATOM   1395 C CD    . GLN A 1 182 ? -14.376 -0.766  -3.065  1.00 39.12 ? 182 GLN A CD    1 
ATOM   1396 O OE1   . GLN A 1 182 ? -15.346 -0.020  -2.903  1.00 41.06 ? 182 GLN A OE1   1 
ATOM   1397 N NE2   . GLN A 1 182 ? -14.073 -1.744  -2.213  1.00 37.96 ? 182 GLN A NE2   1 
HETATM 1398 N N1    . FMN B 2 .   ? 9.825   10.509  3.581   1.00 40.67 ? 201 FMN A N1    1 
HETATM 1399 C C2    . FMN B 2 .   ? 10.000  10.482  2.256   1.00 31.99 ? 201 FMN A C2    1 
HETATM 1400 O O2    . FMN B 2 .   ? 9.110   10.788  1.591   1.00 53.50 ? 201 FMN A O2    1 
HETATM 1401 N N3    . FMN B 2 .   ? 11.236  9.950   1.605   1.00 42.32 ? 201 FMN A N3    1 
HETATM 1402 C C4    . FMN B 2 .   ? 12.232  9.210   2.343   1.00 35.05 ? 201 FMN A C4    1 
HETATM 1403 O O4    . FMN B 2 .   ? 12.960  8.505   1.609   1.00 25.34 ? 201 FMN A O4    1 
HETATM 1404 C C4A   . FMN B 2 .   ? 11.976  9.067   3.720   1.00 42.46 ? 201 FMN A C4A   1 
HETATM 1405 N N5    . FMN B 2 .   ? 12.695  8.274   4.615   1.00 42.92 ? 201 FMN A N5    1 
HETATM 1406 C C5A   . FMN B 2 .   ? 12.552  8.056   5.979   1.00 49.73 ? 201 FMN A C5A   1 
HETATM 1407 C C6    . FMN B 2 .   ? 13.400  7.079   6.714   1.00 47.36 ? 201 FMN A C6    1 
HETATM 1408 C C7    . FMN B 2 .   ? 13.142  6.858   8.153   1.00 48.76 ? 201 FMN A C7    1 
HETATM 1409 C C7M   . FMN B 2 .   ? 13.909  5.698   8.816   1.00 53.92 ? 201 FMN A C7M   1 
HETATM 1410 C C8    . FMN B 2 .   ? 11.918  7.722   8.783   1.00 46.25 ? 201 FMN A C8    1 
HETATM 1411 C C8M   . FMN B 2 .   ? 11.303  7.590   9.883   1.00 44.05 ? 201 FMN A C8M   1 
HETATM 1412 C C9    . FMN B 2 .   ? 11.267  8.574   8.067   1.00 43.08 ? 201 FMN A C9    1 
HETATM 1413 C C9A   . FMN B 2 .   ? 11.455  8.764   6.626   1.00 43.52 ? 201 FMN A C9A   1 
HETATM 1414 N N10   . FMN B 2 .   ? 10.671  9.604   5.730   1.00 32.81 ? 201 FMN A N10   1 
HETATM 1415 C C10   . FMN B 2 .   ? 10.842  9.818   4.304   1.00 43.51 ? 201 FMN A C10   1 
HETATM 1416 C "C1'" . FMN B 2 .   ? 9.498   10.392  6.345   1.00 38.17 ? 201 FMN A "C1'" 1 
HETATM 1417 C "C2'" . FMN B 2 .   ? 8.178   9.598   6.331   1.00 27.08 ? 201 FMN A "C2'" 1 
HETATM 1418 O "O2'" . FMN B 2 .   ? 7.804   9.223   5.003   1.00 32.37 ? 201 FMN A "O2'" 1 
HETATM 1419 C "C3'" . FMN B 2 .   ? 7.041   10.412  6.930   1.00 35.58 ? 201 FMN A "C3'" 1 
HETATM 1420 O "O3'" . FMN B 2 .   ? 7.415   10.894  8.226   1.00 46.67 ? 201 FMN A "O3'" 1 
HETATM 1421 C "C4'" . FMN B 2 .   ? 5.784   9.523   7.053   1.00 44.56 ? 201 FMN A "C4'" 1 
HETATM 1422 O "O4'" . FMN B 2 .   ? 4.973   9.603   5.856   1.00 48.42 ? 201 FMN A "O4'" 1 
HETATM 1423 C "C5'" . FMN B 2 .   ? 4.906   9.919   8.179   1.00 44.90 ? 201 FMN A "C5'" 1 
HETATM 1424 O "O5'" . FMN B 2 .   ? 4.262   8.822   8.636   1.00 55.84 ? 201 FMN A "O5'" 1 
HETATM 1425 P P     . FMN B 2 .   ? 2.749   8.794   8.911   1.00 55.75 ? 201 FMN A P     1 
HETATM 1426 O O1P   . FMN B 2 .   ? 2.380   7.451   9.393   1.00 56.00 ? 201 FMN A O1P   1 
HETATM 1427 O O2P   . FMN B 2 .   ? 2.509   9.848   9.917   1.00 56.41 ? 201 FMN A O2P   1 
HETATM 1428 O O3P   . FMN B 2 .   ? 2.238   9.130   7.618   1.00 69.26 ? 201 FMN A O3P   1 
HETATM 1429 O O     . HOH C 3 .   ? 0.030   2.398   -7.440  1.00 14.04 ? 193 HOH A O     1 
HETATM 1430 O O     . HOH C 3 .   ? 6.344   3.292   -10.133 1.00 11.76 ? 194 HOH A O     1 
HETATM 1431 O O     . HOH C 3 .   ? 16.050  1.804   -0.190  1.00 11.54 ? 195 HOH A O     1 
HETATM 1432 O O     . HOH C 3 .   ? 8.487   -14.483 -3.773  1.00 13.13 ? 196 HOH A O     1 
HETATM 1433 O O     . HOH C 3 .   ? 1.559   -2.451  9.888   1.00 8.93  ? 197 HOH A O     1 
HETATM 1434 O O     . HOH C 3 .   ? 2.485   -0.249  13.701  1.00 17.68 ? 198 HOH A O     1 
HETATM 1435 O O     . HOH C 3 .   ? 10.836  -3.481  10.586  1.00 22.42 ? 199 HOH A O     1 
HETATM 1436 O O     . HOH C 3 .   ? -12.450 -1.360  7.020   1.00 17.99 ? 200 HOH A O     1 
HETATM 1437 O O     . HOH C 3 .   ? 3.703   3.994   -9.353  1.00 13.25 ? 202 HOH A O     1 
HETATM 1438 O O     . HOH C 3 .   ? 13.609  -12.417 1.608   1.00 15.03 ? 203 HOH A O     1 
HETATM 1439 O O     . HOH C 3 .   ? 7.178   -18.314 1.251   1.00 14.12 ? 204 HOH A O     1 
HETATM 1440 O O     . HOH C 3 .   ? -2.959  11.052  -5.187  1.00 19.29 ? 205 HOH A O     1 
HETATM 1441 O O     . HOH C 3 .   ? -13.569 -6.325  6.024   1.00 17.57 ? 206 HOH A O     1 
HETATM 1442 O O     . HOH C 3 .   ? 10.957  2.025   -3.808  1.00 14.73 ? 207 HOH A O     1 
HETATM 1443 O O     . HOH C 3 .   ? -7.402  2.675   12.220  1.00 36.24 ? 208 HOH A O     1 
HETATM 1444 O O     . HOH C 3 .   ? 11.047  -7.520  7.976   1.00 13.19 ? 209 HOH A O     1 
HETATM 1445 O O     . HOH C 3 .   ? 7.308   -4.268  -16.296 1.00 19.97 ? 210 HOH A O     1 
HETATM 1446 O O     . HOH C 3 .   ? 4.026   19.137  -1.521  1.00 18.44 ? 211 HOH A O     1 
HETATM 1447 O O     . HOH C 3 .   ? 11.981  4.444   -13.542 1.00 12.86 ? 212 HOH A O     1 
HETATM 1448 O O     . HOH C 3 .   ? -0.605  -13.668 -10.812 1.00 19.57 ? 213 HOH A O     1 
HETATM 1449 O O     . HOH C 3 .   ? 13.261  20.769  -4.053  1.00 17.61 ? 214 HOH A O     1 
HETATM 1450 O O     . HOH C 3 .   ? 8.550   -18.882 -4.430  1.00 29.78 ? 215 HOH A O     1 
HETATM 1451 O O     . HOH C 3 .   ? 7.183   7.169   -14.357 1.00 49.15 ? 216 HOH A O     1 
HETATM 1452 O O     . HOH C 3 .   ? -10.971 -3.188  8.429   1.00 15.06 ? 217 HOH A O     1 
HETATM 1453 O O     . HOH C 3 .   ? -6.881  -9.169  -2.817  1.00 18.11 ? 218 HOH A O     1 
HETATM 1454 O O     . HOH C 3 .   ? 0.485   -1.209  11.945  1.00 24.81 ? 219 HOH A O     1 
HETATM 1455 O O     . HOH C 3 .   ? 1.645   -20.884 5.450   1.00 23.28 ? 220 HOH A O     1 
HETATM 1456 O O     . HOH C 3 .   ? 7.706   -6.442  -14.266 1.00 21.35 ? 221 HOH A O     1 
HETATM 1457 O O     . HOH C 3 .   ? 11.098  -10.822 10.264  1.00 31.55 ? 222 HOH A O     1 
HETATM 1458 O O     . HOH C 3 .   ? -4.168  8.530   -8.022  1.00 31.99 ? 223 HOH A O     1 
HETATM 1459 O O     . HOH C 3 .   ? 6.697   13.179  -8.598  1.00 18.81 ? 224 HOH A O     1 
HETATM 1460 O O     . HOH C 3 .   ? -14.348 10.591  0.551   1.00 20.79 ? 225 HOH A O     1 
HETATM 1461 O O     . HOH C 3 .   ? -8.661  -6.530  9.658   1.00 21.54 ? 226 HOH A O     1 
HETATM 1462 O O     . HOH C 3 .   ? -8.207  4.738   -7.675  1.00 22.36 ? 227 HOH A O     1 
HETATM 1463 O O     . HOH C 3 .   ? 0.949   -24.171 -7.440  1.00 35.56 ? 228 HOH A O     1 
HETATM 1464 O O     . HOH C 3 .   ? 7.925   9.894   -13.924 1.00 27.40 ? 229 HOH A O     1 
HETATM 1465 O O     . HOH C 3 .   ? -8.942  -6.315  -8.803  1.00 22.85 ? 230 HOH A O     1 
HETATM 1466 O O     . HOH C 3 .   ? -0.456  -3.636  -15.329 1.00 24.29 ? 231 HOH A O     1 
HETATM 1467 O O     . HOH C 3 .   ? -9.064  10.803  -4.347  1.00 21.67 ? 232 HOH A O     1 
HETATM 1468 O O     . HOH C 3 .   ? 1.079   17.147  6.702   1.00 33.35 ? 233 HOH A O     1 
HETATM 1469 O O     . HOH C 3 .   ? -8.107  9.375   12.933  1.00 33.86 ? 234 HOH A O     1 
HETATM 1470 O O     . HOH C 3 .   ? -1.196  24.227  10.973  1.00 26.34 ? 235 HOH A O     1 
HETATM 1471 O O     . HOH C 3 .   ? -5.720  4.442   -8.931  1.00 17.94 ? 236 HOH A O     1 
HETATM 1472 O O     . HOH C 3 .   ? -5.392  -5.544  10.878  1.00 18.49 ? 237 HOH A O     1 
HETATM 1473 O O     . HOH C 3 .   ? 13.782  15.994  -0.085  1.00 21.52 ? 238 HOH A O     1 
HETATM 1474 O O     . HOH C 3 .   ? 3.871   -4.739  16.503  1.00 21.66 ? 239 HOH A O     1 
HETATM 1475 O O     . HOH C 3 .   ? -14.474 7.654   -5.858  1.00 27.03 ? 240 HOH A O     1 
HETATM 1476 O O     . HOH C 3 .   ? 0.588   15.920  -1.252  1.00 16.80 ? 241 HOH A O     1 
HETATM 1477 O O     . HOH C 3 .   ? 2.574   -15.760 13.053  1.00 23.91 ? 242 HOH A O     1 
HETATM 1478 O O     . HOH C 3 .   ? -11.036 12.667  7.393   1.00 21.63 ? 243 HOH A O     1 
HETATM 1479 O O     . HOH C 3 .   ? 14.364  10.762  5.454   1.00 43.80 ? 244 HOH A O     1 
HETATM 1480 O O     . HOH C 3 .   ? -7.402  3.317   -11.012 1.00 35.57 ? 245 HOH A O     1 
HETATM 1481 O O     . HOH C 3 .   ? 0.192   -14.761 -13.485 1.00 21.45 ? 246 HOH A O     1 
HETATM 1482 O O     . HOH C 3 .   ? -19.142 -7.420  -2.751  1.00 41.76 ? 247 HOH A O     1 
HETATM 1483 O O     . HOH C 3 .   ? -11.084 -13.226 3.875   1.00 28.66 ? 248 HOH A O     1 
HETATM 1484 O O     . HOH C 3 .   ? 0.546   -6.630  17.896  1.00 18.20 ? 249 HOH A O     1 
HETATM 1485 O O     . HOH C 3 .   ? 3.751   -19.705 6.321   1.00 14.54 ? 250 HOH A O     1 
HETATM 1486 O O     . HOH C 3 .   ? 1.831   15.167  9.378   1.00 41.57 ? 251 HOH A O     1 
HETATM 1487 O O     . HOH C 3 .   ? 7.568   -15.790 -14.701 1.00 40.69 ? 252 HOH A O     1 
HETATM 1488 O O     . HOH C 3 .   ? 3.171   -21.466 -3.957  1.00 39.45 ? 253 HOH A O     1 
HETATM 1489 O O     . HOH C 3 .   ? -0.647  8.962   -8.689  1.00 26.03 ? 254 HOH A O     1 
HETATM 1490 O O     . HOH C 3 .   ? 12.409  -12.939 3.844   1.00 26.13 ? 255 HOH A O     1 
HETATM 1491 O O     . HOH C 3 .   ? -4.910  5.348   -15.311 1.00 23.06 ? 256 HOH A O     1 
HETATM 1492 O O     . HOH C 3 .   ? 3.634   -14.080 -14.028 1.00 32.65 ? 257 HOH A O     1 
HETATM 1493 O O     . HOH C 3 .   ? -2.997  -20.671 -0.827  1.00 33.67 ? 258 HOH A O     1 
HETATM 1494 O O     . HOH C 3 .   ? -11.413 18.392  8.073   1.00 37.49 ? 259 HOH A O     1 
HETATM 1495 O O     . HOH C 3 .   ? 18.499  14.507  -1.975  1.00 35.47 ? 260 HOH A O     1 
HETATM 1496 O O     . HOH C 3 .   ? 6.009   16.904  -8.097  1.00 29.43 ? 261 HOH A O     1 
HETATM 1497 O O     . HOH C 3 .   ? 12.830  19.760  0.992   1.00 31.36 ? 262 HOH A O     1 
HETATM 1498 O O     . HOH C 3 .   ? -1.118  2.426   -13.849 1.00 23.75 ? 263 HOH A O     1 
HETATM 1499 O O     . HOH C 3 .   ? -6.457  6.602   16.042  1.00 32.43 ? 264 HOH A O     1 
HETATM 1500 O O     . HOH C 3 .   ? -3.070  -19.266 -8.924  1.00 36.85 ? 265 HOH A O     1 
HETATM 1501 O O     . HOH C 3 .   ? 10.963  21.630  -7.737  1.00 19.46 ? 266 HOH A O     1 
HETATM 1502 O O     . HOH C 3 .   ? 17.989  16.992  -12.708 1.00 41.67 ? 267 HOH A O     1 
HETATM 1503 O O     . HOH C 3 .   ? -13.032 4.267   12.279  1.00 36.18 ? 268 HOH A O     1 
HETATM 1504 O O     . HOH C 3 .   ? 10.236  -15.027 10.149  1.00 33.67 ? 269 HOH A O     1 
HETATM 1505 O O     . HOH C 3 .   ? -6.803  -16.284 -11.485 1.00 43.27 ? 270 HOH A O     1 
HETATM 1506 O O     . HOH C 3 .   ? -3.978  -7.194  -15.887 1.00 40.74 ? 271 HOH A O     1 
HETATM 1507 O O     . HOH C 3 .   ? 12.623  12.977  0.333   1.00 38.92 ? 272 HOH A O     1 
HETATM 1508 O O     . HOH C 3 .   ? 5.141   -12.724 14.284  1.00 21.03 ? 273 HOH A O     1 
HETATM 1509 O O     . HOH C 3 .   ? 7.355   -19.727 13.127  1.00 45.01 ? 274 HOH A O     1 
HETATM 1510 O O     . HOH C 3 .   ? 3.440   -18.689 10.460  1.00 41.14 ? 275 HOH A O     1 
HETATM 1511 O O     . HOH C 3 .   ? 4.546   -20.234 8.730   1.00 38.76 ? 276 HOH A O     1 
HETATM 1512 O O     . HOH C 3 .   ? 6.937   -16.998 6.910   1.00 37.87 ? 277 HOH A O     1 
HETATM 1513 O O     . HOH C 3 .   ? -2.016  -16.670 11.029  1.00 17.05 ? 278 HOH A O     1 
HETATM 1514 O O     . HOH C 3 .   ? -4.831  -20.010 6.522   1.00 30.44 ? 279 HOH A O     1 
HETATM 1515 O O     . HOH C 3 .   ? -6.701  -18.424 6.645   1.00 20.59 ? 280 HOH A O     1 
HETATM 1516 O O     . HOH C 3 .   ? -6.620  -15.810 5.714   1.00 20.96 ? 281 HOH A O     1 
HETATM 1517 O O     . HOH C 3 .   ? -9.072  -15.212 4.718   1.00 26.69 ? 282 HOH A O     1 
HETATM 1518 O O     . HOH C 3 .   ? -6.290  -14.012 8.017   1.00 23.71 ? 283 HOH A O     1 
HETATM 1519 O O     . HOH C 3 .   ? -14.136 -10.753 3.439   1.00 41.18 ? 284 HOH A O     1 
HETATM 1520 O O     . HOH C 3 .   ? 10.315  -6.445  10.590  1.00 25.37 ? 285 HOH A O     1 
HETATM 1521 O O     . HOH C 3 .   ? 8.627   -7.525  12.252  1.00 32.73 ? 286 HOH A O     1 
HETATM 1522 O O     . HOH C 3 .   ? -5.202  -9.982  -17.207 1.00 52.08 ? 287 HOH A O     1 
HETATM 1523 O O     . HOH C 3 .   ? -10.091 -9.347  -13.163 1.00 44.19 ? 288 HOH A O     1 
HETATM 1524 O O     . HOH C 3 .   ? 1.425   18.184  -2.365  1.00 30.14 ? 289 HOH A O     1 
HETATM 1525 O O     . HOH C 3 .   ? 12.436  22.703  -5.854  1.00 32.21 ? 290 HOH A O     1 
HETATM 1526 O O     . HOH C 3 .   ? 17.037  21.777  -6.410  1.00 38.25 ? 291 HOH A O     1 
HETATM 1527 O O     . HOH C 3 .   ? 16.446  15.729  -1.142  1.00 25.72 ? 292 HOH A O     1 
HETATM 1528 O O     . HOH C 3 .   ? 5.355   10.795  -10.159 1.00 19.78 ? 293 HOH A O     1 
HETATM 1529 O O     . HOH C 3 .   ? -2.649  3.995   -15.637 1.00 22.88 ? 294 HOH A O     1 
HETATM 1530 O O     . HOH C 3 .   ? -4.210  7.824   -15.913 1.00 23.18 ? 295 HOH A O     1 
HETATM 1531 O O     . HOH C 3 .   ? 0.316   25.208  8.808   1.00 35.02 ? 296 HOH A O     1 
HETATM 1532 O O     . HOH C 3 .   ? -9.949  9.572   -6.551  1.00 31.25 ? 297 HOH A O     1 
HETATM 1533 O O     . HOH C 3 .   ? -16.401 6.195   1.333   1.00 39.81 ? 298 HOH A O     1 
# 
loop_
_pdbx_poly_seq_scheme.asym_id 
_pdbx_poly_seq_scheme.entity_id 
_pdbx_poly_seq_scheme.seq_id 
_pdbx_poly_seq_scheme.mon_id 
_pdbx_poly_seq_scheme.ndb_seq_num 
_pdbx_poly_seq_scheme.pdb_seq_num 
_pdbx_poly_seq_scheme.auth_seq_num 
_pdbx_poly_seq_scheme.pdb_mon_id 
_pdbx_poly_seq_scheme.auth_mon_id 
_pdbx_poly_seq_scheme.pdb_strand_id 
_pdbx_poly_seq_scheme.pdb_ins_code 
_pdbx_poly_seq_scheme.hetero 
A 1 1   MET 1   1   ?   ?   ?   A . n 
A 1 2   PRO 2   2   2   PRO PRO A . n 
A 1 3   LYS 3   3   3   LYS LYS A . n 
A 1 4   THR 4   4   4   THR THR A . n 
A 1 5   LEU 5   5   5   LEU LEU A . n 
A 1 6   ILE 6   6   6   ILE ILE A . n 
A 1 7   ILE 7   7   7   ILE ILE A . n 
A 1 8   LEU 8   8   8   LEU LEU A . n 
A 1 9   ALA 9   9   9   ALA ALA A . n 
A 1 10  HIS 10  10  10  HIS HIS A . n 
A 1 11  PRO 11  11  11  PRO PRO A . n 
A 1 12  ASN 12  12  12  ASN ASN A . n 
A 1 13  ILE 13  13  13  ILE ILE A . n 
A 1 14  SER 14  14  14  SER SER A . n 
A 1 15  GLN 15  15  15  GLN GLN A . n 
A 1 16  SER 16  16  16  SER SER A . n 
A 1 17  THR 17  17  17  THR THR A . n 
A 1 18  VAL 18  18  18  VAL VAL A . n 
A 1 19  HIS 19  19  19  HIS HIS A . n 
A 1 20  LYS 20  20  20  LYS LYS A . n 
A 1 21  HIS 21  21  21  HIS HIS A . n 
A 1 22  TRP 22  22  22  TRP TRP A . n 
A 1 23  SER 23  23  23  SER SER A . n 
A 1 24  ASP 24  24  24  ASP ASP A . n 
A 1 25  ALA 25  25  25  ALA ALA A . n 
A 1 26  VAL 26  26  26  VAL VAL A . n 
A 1 27  ARG 27  27  27  ARG ARG A . n 
A 1 28  GLN 28  28  28  GLN GLN A . n 
A 1 29  HIS 29  29  29  HIS HIS A . n 
A 1 30  THR 30  30  30  THR THR A . n 
A 1 31  ASP 31  31  31  ASP ASP A . n 
A 1 32  ARG 32  32  32  ARG ARG A . n 
A 1 33  PHE 33  33  33  PHE PHE A . n 
A 1 34  THR 34  34  34  THR THR A . n 
A 1 35  VAL 35  35  35  VAL VAL A . n 
A 1 36  HIS 36  36  36  HIS HIS A . n 
A 1 37  GLU 37  37  37  GLU GLU A . n 
A 1 38  LEU 38  38  38  LEU LEU A . n 
A 1 39  TYR 39  39  39  TYR TYR A . n 
A 1 40  ALA 40  40  40  ALA ALA A . n 
A 1 41  VAL 41  41  41  VAL VAL A . n 
A 1 42  TYR 42  42  42  TYR TYR A . n 
A 1 43  PRO 43  43  43  PRO PRO A . n 
A 1 44  GLN 44  44  44  GLN GLN A . n 
A 1 45  GLY 45  45  45  GLY GLY A . n 
A 1 46  LYS 46  46  46  LYS LYS A . n 
A 1 47  ILE 47  47  47  ILE ILE A . n 
A 1 48  ASP 48  48  48  ASP ASP A . n 
A 1 49  VAL 49  49  49  VAL VAL A . n 
A 1 50  ALA 50  50  50  ALA ALA A . n 
A 1 51  ALA 51  51  51  ALA ALA A . n 
A 1 52  GLU 52  52  52  GLU GLU A . n 
A 1 53  GLN 53  53  53  GLN GLN A . n 
A 1 54  LYS 54  54  54  LYS LYS A . n 
A 1 55  LEU 55  55  55  LEU LEU A . n 
A 1 56  ILE 56  56  56  ILE ILE A . n 
A 1 57  GLU 57  57  57  GLU GLU A . n 
A 1 58  THR 58  58  58  THR THR A . n 
A 1 59  HIS 59  59  59  HIS HIS A . n 
A 1 60  ASP 60  60  60  ASP ASP A . n 
A 1 61  SER 61  61  61  SER SER A . n 
A 1 62  LEU 62  62  62  LEU LEU A . n 
A 1 63  VAL 63  63  63  VAL VAL A . n 
A 1 64  TRP 64  64  64  TRP TRP A . n 
A 1 65  GLN 65  65  65  GLN GLN A . n 
A 1 66  PHE 66  66  66  PHE PHE A . n 
A 1 67  PRO 67  67  67  PRO PRO A . n 
A 1 68  ILE 68  68  68  ILE ILE A . n 
A 1 69  TYR 69  69  69  TYR TYR A . n 
A 1 70  TRP 70  70  70  TRP TRP A . n 
A 1 71  PHE 71  71  71  PHE PHE A . n 
A 1 72  ASN 72  72  72  ASN ASN A . n 
A 1 73  CYS 73  73  73  CYS CYS A . n 
A 1 74  PRO 74  74  74  PRO PRO A . n 
A 1 75  PRO 75  75  75  PRO PRO A . n 
A 1 76  LEU 76  76  76  LEU LEU A . n 
A 1 77  LEU 77  77  77  LEU LEU A . n 
A 1 78  LYS 78  78  78  LYS LYS A . n 
A 1 79  GLN 79  79  79  GLN GLN A . n 
A 1 80  TRP 80  80  80  TRP TRP A . n 
A 1 81  LEU 81  81  81  LEU LEU A . n 
A 1 82  ASP 82  82  82  ASP ASP A . n 
A 1 83  GLU 83  83  83  GLU GLU A . n 
A 1 84  VAL 84  84  84  VAL VAL A . n 
A 1 85  LEU 85  85  85  LEU LEU A . n 
A 1 86  THR 86  86  86  THR THR A . n 
A 1 87  TYR 87  87  87  TYR TYR A . n 
A 1 88  GLY 88  88  88  GLY GLY A . n 
A 1 89  TRP 89  89  89  TRP TRP A . n 
A 1 90  ALA 90  90  90  ALA ALA A . n 
A 1 91  TYR 91  91  91  TYR TYR A . n 
A 1 92  GLY 92  92  92  GLY GLY A . n 
A 1 93  SER 93  93  93  SER SER A . n 
A 1 94  LYS 94  94  94  LYS LYS A . n 
A 1 95  GLY 95  95  95  GLY GLY A . n 
A 1 96  LYS 96  96  96  LYS LYS A . n 
A 1 97  ALA 97  97  97  ALA ALA A . n 
A 1 98  LEU 98  98  98  LEU LEU A . n 
A 1 99  LYS 99  99  99  LYS LYS A . n 
A 1 100 GLY 100 100 100 GLY GLY A . n 
A 1 101 ARG 101 101 101 ARG ARG A . n 
A 1 102 LYS 102 102 102 LYS LYS A . n 
A 1 103 ILE 103 103 103 ILE ILE A . n 
A 1 104 ALA 104 104 104 ALA ALA A . n 
A 1 105 LEU 105 105 105 LEU LEU A . n 
A 1 106 ALA 106 106 106 ALA ALA A . n 
A 1 107 VAL 107 107 107 VAL VAL A . n 
A 1 108 SER 108 108 108 SER SER A . n 
A 1 109 LEU 109 109 109 LEU LEU A . n 
A 1 110 GLY 110 110 110 GLY GLY A . n 
A 1 111 ALA 111 111 111 ALA ALA A . n 
A 1 112 PRO 112 112 112 PRO PRO A . n 
A 1 113 ALA 113 113 113 ALA ALA A . n 
A 1 114 ALA 114 114 114 ALA ALA A . n 
A 1 115 ASP 115 115 115 ASP ASP A . n 
A 1 116 TYR 116 116 116 TYR TYR A . n 
A 1 117 ARG 117 117 117 ARG ARG A . n 
A 1 118 ALA 118 118 118 ALA ALA A . n 
A 1 119 ASP 119 119 119 ASP ASP A . n 
A 1 120 GLY 120 120 120 GLY GLY A . n 
A 1 121 ALA 121 121 121 ALA ALA A . n 
A 1 122 VAL 122 122 122 VAL VAL A . n 
A 1 123 GLY 123 123 123 GLY GLY A . n 
A 1 124 CYS 124 124 124 CYS CYS A . n 
A 1 125 SER 125 125 125 SER SER A . n 
A 1 126 VAL 126 126 126 VAL VAL A . n 
A 1 127 ALA 127 127 127 ALA ALA A . n 
A 1 128 GLU 128 128 128 GLU GLU A . n 
A 1 129 VAL 129 129 129 VAL VAL A . n 
A 1 130 LEU 130 130 130 LEU LEU A . n 
A 1 131 ARG 131 131 131 ARG ARG A . n 
A 1 132 PRO 132 132 132 PRO PRO A . n 
A 1 133 PHE 133 133 133 PHE PHE A . n 
A 1 134 GLU 134 134 134 GLU GLU A . n 
A 1 135 LEU 135 135 135 LEU LEU A . n 
A 1 136 THR 136 136 136 THR THR A . n 
A 1 137 ALA 137 137 137 ALA ALA A . n 
A 1 138 LYS 138 138 138 LYS LYS A . n 
A 1 139 TYR 139 139 139 TYR TYR A . n 
A 1 140 CYS 140 140 140 CYS CYS A . n 
A 1 141 ASN 141 141 141 ASN ASN A . n 
A 1 142 ALA 142 142 142 ALA ALA A . n 
A 1 143 ASP 143 143 143 ASP ASP A . n 
A 1 144 TYR 144 144 144 TYR TYR A . n 
A 1 145 ARG 145 145 145 ARG ARG A . n 
A 1 146 PRO 146 146 146 PRO PRO A . n 
A 1 147 PRO 147 147 147 PRO PRO A . n 
A 1 148 PHE 148 148 148 PHE PHE A . n 
A 1 149 THR 149 149 149 THR THR A . n 
A 1 150 PHE 150 150 150 PHE PHE A . n 
A 1 151 HIS 151 151 151 HIS HIS A . n 
A 1 152 THR 152 152 152 THR THR A . n 
A 1 153 ILE 153 153 ?   ?   ?   A . n 
A 1 154 ASP 154 154 ?   ?   ?   A . n 
A 1 155 SER 155 155 ?   ?   ?   A . n 
A 1 156 ASN 156 156 ?   ?   ?   A . n 
A 1 157 ALA 157 157 ?   ?   ?   A . n 
A 1 158 GLY 158 158 ?   ?   ?   A . n 
A 1 159 TYR 159 159 ?   ?   ?   A . n 
A 1 160 SER 160 160 160 SER SER A . n 
A 1 161 GLU 161 161 161 GLU GLU A . n 
A 1 162 ALA 162 162 162 ALA ALA A . n 
A 1 163 ALA 163 163 163 ALA ALA A . n 
A 1 164 ARG 164 164 164 ARG ARG A . n 
A 1 165 GLN 165 165 165 GLN GLN A . n 
A 1 166 GLU 166 166 166 GLU GLU A . n 
A 1 167 VAL 167 167 167 VAL VAL A . n 
A 1 168 GLU 168 168 168 GLU GLU A . n 
A 1 169 ARG 169 169 169 ARG ARG A . n 
A 1 170 SER 170 170 170 SER SER A . n 
A 1 171 ALA 171 171 171 ALA ALA A . n 
A 1 172 ARG 172 172 172 ARG ARG A . n 
A 1 173 ASP 173 173 173 ASP ASP A . n 
A 1 174 TYR 174 174 174 TYR TYR A . n 
A 1 175 LEU 175 175 175 LEU LEU A . n 
A 1 176 ALA 176 176 176 ALA ALA A . n 
A 1 177 TRP 177 177 177 TRP TRP A . n 
A 1 178 LEU 178 178 178 LEU LEU A . n 
A 1 179 ASP 179 179 179 ASP ASP A . n 
A 1 180 ALA 180 180 180 ALA ALA A . n 
A 1 181 LEU 181 181 181 LEU LEU A . n 
A 1 182 GLN 182 182 182 GLN GLN A . n 
A 1 183 GLN 183 183 ?   ?   ?   A . n 
A 1 184 THR 184 184 ?   ?   ?   A . n 
A 1 185 LEU 185 185 ?   ?   ?   A . n 
A 1 186 GLU 186 186 ?   ?   ?   A . n 
A 1 187 HIS 187 187 ?   ?   ?   A . n 
A 1 188 HIS 188 188 ?   ?   ?   A . n 
A 1 189 HIS 189 189 ?   ?   ?   A . n 
A 1 190 HIS 190 190 ?   ?   ?   A . n 
A 1 191 HIS 191 191 ?   ?   ?   A . n 
A 1 192 HIS 192 192 ?   ?   ?   A . n 
# 
_pdbx_SG_project.id                    1 
_pdbx_SG_project.project_name          'PSI, Protein Structure Initiative' 
_pdbx_SG_project.full_name_of_center   'Northeast Structural Genomics Consortium' 
_pdbx_SG_project.initial_of_center     NESG 
# 
loop_
_pdbx_nonpoly_scheme.asym_id 
_pdbx_nonpoly_scheme.entity_id 
_pdbx_nonpoly_scheme.mon_id 
_pdbx_nonpoly_scheme.ndb_seq_num 
_pdbx_nonpoly_scheme.pdb_seq_num 
_pdbx_nonpoly_scheme.auth_seq_num 
_pdbx_nonpoly_scheme.pdb_mon_id 
_pdbx_nonpoly_scheme.auth_mon_id 
_pdbx_nonpoly_scheme.pdb_strand_id 
_pdbx_nonpoly_scheme.pdb_ins_code 
B 2 FMN 1   201 201 FMN FMN A . 
C 3 HOH 1   193 1   HOH HOH A . 
C 3 HOH 2   194 2   HOH HOH A . 
C 3 HOH 3   195 3   HOH HOH A . 
C 3 HOH 4   196 4   HOH HOH A . 
C 3 HOH 5   197 5   HOH HOH A . 
C 3 HOH 6   198 6   HOH HOH A . 
C 3 HOH 7   199 7   HOH HOH A . 
C 3 HOH 8   200 8   HOH HOH A . 
C 3 HOH 9   202 9   HOH HOH A . 
C 3 HOH 10  203 10  HOH HOH A . 
C 3 HOH 11  204 11  HOH HOH A . 
C 3 HOH 12  205 12  HOH HOH A . 
C 3 HOH 13  206 13  HOH HOH A . 
C 3 HOH 14  207 14  HOH HOH A . 
C 3 HOH 15  208 15  HOH HOH A . 
C 3 HOH 16  209 16  HOH HOH A . 
C 3 HOH 17  210 17  HOH HOH A . 
C 3 HOH 18  211 18  HOH HOH A . 
C 3 HOH 19  212 19  HOH HOH A . 
C 3 HOH 20  213 20  HOH HOH A . 
C 3 HOH 21  214 21  HOH HOH A . 
C 3 HOH 22  215 22  HOH HOH A . 
C 3 HOH 23  216 23  HOH HOH A . 
C 3 HOH 24  217 24  HOH HOH A . 
C 3 HOH 25  218 25  HOH HOH A . 
C 3 HOH 26  219 26  HOH HOH A . 
C 3 HOH 27  220 27  HOH HOH A . 
C 3 HOH 28  221 28  HOH HOH A . 
C 3 HOH 29  222 29  HOH HOH A . 
C 3 HOH 30  223 30  HOH HOH A . 
C 3 HOH 31  224 31  HOH HOH A . 
C 3 HOH 32  225 32  HOH HOH A . 
C 3 HOH 33  226 33  HOH HOH A . 
C 3 HOH 34  227 34  HOH HOH A . 
C 3 HOH 35  228 35  HOH HOH A . 
C 3 HOH 36  229 36  HOH HOH A . 
C 3 HOH 37  230 37  HOH HOH A . 
C 3 HOH 38  231 38  HOH HOH A . 
C 3 HOH 39  232 39  HOH HOH A . 
C 3 HOH 40  233 40  HOH HOH A . 
C 3 HOH 41  234 41  HOH HOH A . 
C 3 HOH 42  235 42  HOH HOH A . 
C 3 HOH 43  236 43  HOH HOH A . 
C 3 HOH 44  237 44  HOH HOH A . 
C 3 HOH 45  238 45  HOH HOH A . 
C 3 HOH 46  239 46  HOH HOH A . 
C 3 HOH 47  240 47  HOH HOH A . 
C 3 HOH 48  241 48  HOH HOH A . 
C 3 HOH 49  242 49  HOH HOH A . 
C 3 HOH 50  243 50  HOH HOH A . 
C 3 HOH 51  244 51  HOH HOH A . 
C 3 HOH 52  245 52  HOH HOH A . 
C 3 HOH 53  246 53  HOH HOH A . 
C 3 HOH 54  247 54  HOH HOH A . 
C 3 HOH 55  248 55  HOH HOH A . 
C 3 HOH 56  249 56  HOH HOH A . 
C 3 HOH 57  250 57  HOH HOH A . 
C 3 HOH 58  251 58  HOH HOH A . 
C 3 HOH 59  252 59  HOH HOH A . 
C 3 HOH 60  253 60  HOH HOH A . 
C 3 HOH 61  254 61  HOH HOH A . 
C 3 HOH 62  255 62  HOH HOH A . 
C 3 HOH 63  256 63  HOH HOH A . 
C 3 HOH 64  257 64  HOH HOH A . 
C 3 HOH 65  258 65  HOH HOH A . 
C 3 HOH 66  259 66  HOH HOH A . 
C 3 HOH 67  260 67  HOH HOH A . 
C 3 HOH 68  261 68  HOH HOH A . 
C 3 HOH 69  262 69  HOH HOH A . 
C 3 HOH 70  263 70  HOH HOH A . 
C 3 HOH 71  264 71  HOH HOH A . 
C 3 HOH 72  265 72  HOH HOH A . 
C 3 HOH 73  266 73  HOH HOH A . 
C 3 HOH 74  267 74  HOH HOH A . 
C 3 HOH 75  268 75  HOH HOH A . 
C 3 HOH 76  269 76  HOH HOH A . 
C 3 HOH 77  270 77  HOH HOH A . 
C 3 HOH 78  271 78  HOH HOH A . 
C 3 HOH 79  272 79  HOH HOH A . 
C 3 HOH 80  273 80  HOH HOH A . 
C 3 HOH 81  274 81  HOH HOH A . 
C 3 HOH 82  275 82  HOH HOH A . 
C 3 HOH 83  276 83  HOH HOH A . 
C 3 HOH 84  277 84  HOH HOH A . 
C 3 HOH 85  278 85  HOH HOH A . 
C 3 HOH 86  279 86  HOH HOH A . 
C 3 HOH 87  280 87  HOH HOH A . 
C 3 HOH 88  281 88  HOH HOH A . 
C 3 HOH 89  282 89  HOH HOH A . 
C 3 HOH 90  283 90  HOH HOH A . 
C 3 HOH 91  284 91  HOH HOH A . 
C 3 HOH 92  285 92  HOH HOH A . 
C 3 HOH 93  286 93  HOH HOH A . 
C 3 HOH 94  287 94  HOH HOH A . 
C 3 HOH 95  288 95  HOH HOH A . 
C 3 HOH 96  289 96  HOH HOH A . 
C 3 HOH 97  290 97  HOH HOH A . 
C 3 HOH 98  291 98  HOH HOH A . 
C 3 HOH 99  292 99  HOH HOH A . 
C 3 HOH 100 293 100 HOH HOH A . 
C 3 HOH 101 294 101 HOH HOH A . 
C 3 HOH 102 295 102 HOH HOH A . 
C 3 HOH 103 296 103 HOH HOH A . 
C 3 HOH 104 297 104 HOH HOH A . 
C 3 HOH 105 298 105 HOH HOH A . 
# 
_pdbx_struct_assembly.id                   1 
_pdbx_struct_assembly.details              author_and_software_defined_assembly 
_pdbx_struct_assembly.method_details       PISA 
_pdbx_struct_assembly.oligomeric_details   dimeric 
_pdbx_struct_assembly.oligomeric_count     2 
# 
_pdbx_struct_assembly_gen.assembly_id       1 
_pdbx_struct_assembly_gen.oper_expression   1,2 
_pdbx_struct_assembly_gen.asym_id_list      A,B,C 
# 
loop_
_pdbx_struct_assembly_prop.biol_id 
_pdbx_struct_assembly_prop.type 
_pdbx_struct_assembly_prop.value 
_pdbx_struct_assembly_prop.details 
1 'ABSA (A^2)' 3690  ? 
1 MORE         -33   ? 
1 'SSA (A^2)'  15340 ? 
# 
loop_
_pdbx_struct_oper_list.id 
_pdbx_struct_oper_list.type 
_pdbx_struct_oper_list.name 
_pdbx_struct_oper_list.symmetry_operation 
_pdbx_struct_oper_list.matrix[1][1] 
_pdbx_struct_oper_list.matrix[1][2] 
_pdbx_struct_oper_list.matrix[1][3] 
_pdbx_struct_oper_list.vector[1] 
_pdbx_struct_oper_list.matrix[2][1] 
_pdbx_struct_oper_list.matrix[2][2] 
_pdbx_struct_oper_list.matrix[2][3] 
_pdbx_struct_oper_list.vector[2] 
_pdbx_struct_oper_list.matrix[3][1] 
_pdbx_struct_oper_list.matrix[3][2] 
_pdbx_struct_oper_list.matrix[3][3] 
_pdbx_struct_oper_list.vector[3] 
1 'identity operation'         1_555 x,y,z     1.0000000000  0.0000000000 0.0000000000  0.0000000000  0.0000000000 1.0000000000  0.0000000000  0.0000000000  0.0000000000  0.0000000000  1.0000000000 0.0000000000  
2 'crystal symmetry operation' 4_556 x,-y,-z+1 -0.9970057523 0.0400623451 -0.0661402937 25.6275020336 0.0400623451 -0.4639750484 -0.8849418981 -4.1934327928 -0.0661402937 -0.8849418981 0.4609808006 -1.3798496613 
# 
loop_
_pdbx_audit_revision_history.ordinal 
_pdbx_audit_revision_history.data_content_type 
_pdbx_audit_revision_history.major_revision 
_pdbx_audit_revision_history.minor_revision 
_pdbx_audit_revision_history.revision_date 
1 'Structure model' 1 0 2008-11-18 
2 'Structure model' 1 1 2011-07-13 
3 'Structure model' 1 2 2017-10-25 
4 'Structure model' 1 3 2023-09-06 
# 
_pdbx_audit_revision_details.ordinal             1 
_pdbx_audit_revision_details.revision_ordinal    1 
_pdbx_audit_revision_details.data_content_type   'Structure model' 
_pdbx_audit_revision_details.provider            repository 
_pdbx_audit_revision_details.type                'Initial release' 
_pdbx_audit_revision_details.description         ? 
_pdbx_audit_revision_details.details             ? 
# 
loop_
_pdbx_audit_revision_group.ordinal 
_pdbx_audit_revision_group.revision_ordinal 
_pdbx_audit_revision_group.data_content_type 
_pdbx_audit_revision_group.group 
1 2 'Structure model' 'Version format compliance' 
2 3 'Structure model' 'Refinement description'    
3 4 'Structure model' 'Data collection'           
4 4 'Structure model' 'Database references'       
5 4 'Structure model' 'Derived calculations'      
6 4 'Structure model' 'Refinement description'    
# 
loop_
_pdbx_audit_revision_category.ordinal 
_pdbx_audit_revision_category.revision_ordinal 
_pdbx_audit_revision_category.data_content_type 
_pdbx_audit_revision_category.category 
1 3 'Structure model' software                      
2 4 'Structure model' chem_comp_atom                
3 4 'Structure model' chem_comp_bond                
4 4 'Structure model' database_2                    
5 4 'Structure model' pdbx_initial_refinement_model 
6 4 'Structure model' struct_site                   
# 
loop_
_pdbx_audit_revision_item.ordinal 
_pdbx_audit_revision_item.revision_ordinal 
_pdbx_audit_revision_item.data_content_type 
_pdbx_audit_revision_item.item 
1 4 'Structure model' '_database_2.pdbx_DOI'                
2 4 'Structure model' '_database_2.pdbx_database_accession' 
3 4 'Structure model' '_struct_site.pdbx_auth_asym_id'      
4 4 'Structure model' '_struct_site.pdbx_auth_comp_id'      
5 4 'Structure model' '_struct_site.pdbx_auth_seq_id'       
# 
loop_
_software.name 
_software.classification 
_software.version 
_software.citation_id 
_software.pdbx_ordinal 
MOLREP    phasing          '& COMO'         ? 1 
CNS       refinement       '1.2 & XtalView' ? 2 
DENZO     'data reduction' .                ? 3 
SCALEPACK 'data scaling'   .                ? 4 
# 
loop_
_pdbx_validate_torsion.id 
_pdbx_validate_torsion.PDB_model_num 
_pdbx_validate_torsion.auth_comp_id 
_pdbx_validate_torsion.auth_asym_id 
_pdbx_validate_torsion.auth_seq_id 
_pdbx_validate_torsion.PDB_ins_code 
_pdbx_validate_torsion.label_alt_id 
_pdbx_validate_torsion.phi 
_pdbx_validate_torsion.psi 
1 1 ASN A 12 ? ? -154.09 72.89  
2 1 ASP A 60 ? ? -105.02 -98.55 
3 1 TRP A 89 ? ? -127.60 -57.61 
# 
loop_
_pdbx_unobs_or_zero_occ_residues.id 
_pdbx_unobs_or_zero_occ_residues.PDB_model_num 
_pdbx_unobs_or_zero_occ_residues.polymer_flag 
_pdbx_unobs_or_zero_occ_residues.occupancy_flag 
_pdbx_unobs_or_zero_occ_residues.auth_asym_id 
_pdbx_unobs_or_zero_occ_residues.auth_comp_id 
_pdbx_unobs_or_zero_occ_residues.auth_seq_id 
_pdbx_unobs_or_zero_occ_residues.PDB_ins_code 
_pdbx_unobs_or_zero_occ_residues.label_asym_id 
_pdbx_unobs_or_zero_occ_residues.label_comp_id 
_pdbx_unobs_or_zero_occ_residues.label_seq_id 
1  1 Y 1 A MET 1   ? A MET 1   
2  1 Y 1 A ILE 153 ? A ILE 153 
3  1 Y 1 A ASP 154 ? A ASP 154 
4  1 Y 1 A SER 155 ? A SER 155 
5  1 Y 1 A ASN 156 ? A ASN 156 
6  1 Y 1 A ALA 157 ? A ALA 157 
7  1 Y 1 A GLY 158 ? A GLY 158 
8  1 Y 1 A TYR 159 ? A TYR 159 
9  1 Y 1 A GLN 183 ? A GLN 183 
10 1 Y 1 A THR 184 ? A THR 184 
11 1 Y 1 A LEU 185 ? A LEU 185 
12 1 Y 1 A GLU 186 ? A GLU 186 
13 1 Y 1 A HIS 187 ? A HIS 187 
14 1 Y 1 A HIS 188 ? A HIS 188 
15 1 Y 1 A HIS 189 ? A HIS 189 
16 1 Y 1 A HIS 190 ? A HIS 190 
17 1 Y 1 A HIS 191 ? A HIS 191 
18 1 Y 1 A HIS 192 ? A HIS 192 
# 
loop_
_chem_comp_atom.comp_id 
_chem_comp_atom.atom_id 
_chem_comp_atom.type_symbol 
_chem_comp_atom.pdbx_aromatic_flag 
_chem_comp_atom.pdbx_stereo_config 
_chem_comp_atom.pdbx_ordinal 
ALA N      N N N 1   
ALA CA     C N S 2   
ALA C      C N N 3   
ALA O      O N N 4   
ALA CB     C N N 5   
ALA OXT    O N N 6   
ALA H      H N N 7   
ALA H2     H N N 8   
ALA HA     H N N 9   
ALA HB1    H N N 10  
ALA HB2    H N N 11  
ALA HB3    H N N 12  
ALA HXT    H N N 13  
ARG N      N N N 14  
ARG CA     C N S 15  
ARG C      C N N 16  
ARG O      O N N 17  
ARG CB     C N N 18  
ARG CG     C N N 19  
ARG CD     C N N 20  
ARG NE     N N N 21  
ARG CZ     C N N 22  
ARG NH1    N N N 23  
ARG NH2    N N N 24  
ARG OXT    O N N 25  
ARG H      H N N 26  
ARG H2     H N N 27  
ARG HA     H N N 28  
ARG HB2    H N N 29  
ARG HB3    H N N 30  
ARG HG2    H N N 31  
ARG HG3    H N N 32  
ARG HD2    H N N 33  
ARG HD3    H N N 34  
ARG HE     H N N 35  
ARG HH11   H N N 36  
ARG HH12   H N N 37  
ARG HH21   H N N 38  
ARG HH22   H N N 39  
ARG HXT    H N N 40  
ASN N      N N N 41  
ASN CA     C N S 42  
ASN C      C N N 43  
ASN O      O N N 44  
ASN CB     C N N 45  
ASN CG     C N N 46  
ASN OD1    O N N 47  
ASN ND2    N N N 48  
ASN OXT    O N N 49  
ASN H      H N N 50  
ASN H2     H N N 51  
ASN HA     H N N 52  
ASN HB2    H N N 53  
ASN HB3    H N N 54  
ASN HD21   H N N 55  
ASN HD22   H N N 56  
ASN HXT    H N N 57  
ASP N      N N N 58  
ASP CA     C N S 59  
ASP C      C N N 60  
ASP O      O N N 61  
ASP CB     C N N 62  
ASP CG     C N N 63  
ASP OD1    O N N 64  
ASP OD2    O N N 65  
ASP OXT    O N N 66  
ASP H      H N N 67  
ASP H2     H N N 68  
ASP HA     H N N 69  
ASP HB2    H N N 70  
ASP HB3    H N N 71  
ASP HD2    H N N 72  
ASP HXT    H N N 73  
CYS N      N N N 74  
CYS CA     C N R 75  
CYS C      C N N 76  
CYS O      O N N 77  
CYS CB     C N N 78  
CYS SG     S N N 79  
CYS OXT    O N N 80  
CYS H      H N N 81  
CYS H2     H N N 82  
CYS HA     H N N 83  
CYS HB2    H N N 84  
CYS HB3    H N N 85  
CYS HG     H N N 86  
CYS HXT    H N N 87  
FMN N1     N N N 88  
FMN C2     C N N 89  
FMN O2     O N N 90  
FMN N3     N N N 91  
FMN C4     C N N 92  
FMN O4     O N N 93  
FMN C4A    C N N 94  
FMN N5     N N N 95  
FMN C5A    C Y N 96  
FMN C6     C Y N 97  
FMN C7     C Y N 98  
FMN C7M    C N N 99  
FMN C8     C Y N 100 
FMN C8M    C N N 101 
FMN C9     C Y N 102 
FMN C9A    C Y N 103 
FMN N10    N N N 104 
FMN C10    C N N 105 
FMN "C1'"  C N N 106 
FMN "C2'"  C N S 107 
FMN "O2'"  O N N 108 
FMN "C3'"  C N S 109 
FMN "O3'"  O N N 110 
FMN "C4'"  C N R 111 
FMN "O4'"  O N N 112 
FMN "C5'"  C N N 113 
FMN "O5'"  O N N 114 
FMN P      P N N 115 
FMN O1P    O N N 116 
FMN O2P    O N N 117 
FMN O3P    O N N 118 
FMN HN3    H N N 119 
FMN H6     H N N 120 
FMN HM71   H N N 121 
FMN HM72   H N N 122 
FMN HM73   H N N 123 
FMN HM81   H N N 124 
FMN HM82   H N N 125 
FMN HM83   H N N 126 
FMN H9     H N N 127 
FMN "H1'1" H N N 128 
FMN "H1'2" H N N 129 
FMN "H2'"  H N N 130 
FMN "HO2'" H N N 131 
FMN "H3'"  H N N 132 
FMN "HO3'" H N N 133 
FMN "H4'"  H N N 134 
FMN "HO4'" H N N 135 
FMN "H5'1" H N N 136 
FMN "H5'2" H N N 137 
FMN HOP2   H N N 138 
FMN HOP3   H N N 139 
GLN N      N N N 140 
GLN CA     C N S 141 
GLN C      C N N 142 
GLN O      O N N 143 
GLN CB     C N N 144 
GLN CG     C N N 145 
GLN CD     C N N 146 
GLN OE1    O N N 147 
GLN NE2    N N N 148 
GLN OXT    O N N 149 
GLN H      H N N 150 
GLN H2     H N N 151 
GLN HA     H N N 152 
GLN HB2    H N N 153 
GLN HB3    H N N 154 
GLN HG2    H N N 155 
GLN HG3    H N N 156 
GLN HE21   H N N 157 
GLN HE22   H N N 158 
GLN HXT    H N N 159 
GLU N      N N N 160 
GLU CA     C N S 161 
GLU C      C N N 162 
GLU O      O N N 163 
GLU CB     C N N 164 
GLU CG     C N N 165 
GLU CD     C N N 166 
GLU OE1    O N N 167 
GLU OE2    O N N 168 
GLU OXT    O N N 169 
GLU H      H N N 170 
GLU H2     H N N 171 
GLU HA     H N N 172 
GLU HB2    H N N 173 
GLU HB3    H N N 174 
GLU HG2    H N N 175 
GLU HG3    H N N 176 
GLU HE2    H N N 177 
GLU HXT    H N N 178 
GLY N      N N N 179 
GLY CA     C N N 180 
GLY C      C N N 181 
GLY O      O N N 182 
GLY OXT    O N N 183 
GLY H      H N N 184 
GLY H2     H N N 185 
GLY HA2    H N N 186 
GLY HA3    H N N 187 
GLY HXT    H N N 188 
HIS N      N N N 189 
HIS CA     C N S 190 
HIS C      C N N 191 
HIS O      O N N 192 
HIS CB     C N N 193 
HIS CG     C Y N 194 
HIS ND1    N Y N 195 
HIS CD2    C Y N 196 
HIS CE1    C Y N 197 
HIS NE2    N Y N 198 
HIS OXT    O N N 199 
HIS H      H N N 200 
HIS H2     H N N 201 
HIS HA     H N N 202 
HIS HB2    H N N 203 
HIS HB3    H N N 204 
HIS HD1    H N N 205 
HIS HD2    H N N 206 
HIS HE1    H N N 207 
HIS HE2    H N N 208 
HIS HXT    H N N 209 
HOH O      O N N 210 
HOH H1     H N N 211 
HOH H2     H N N 212 
ILE N      N N N 213 
ILE CA     C N S 214 
ILE C      C N N 215 
ILE O      O N N 216 
ILE CB     C N S 217 
ILE CG1    C N N 218 
ILE CG2    C N N 219 
ILE CD1    C N N 220 
ILE OXT    O N N 221 
ILE H      H N N 222 
ILE H2     H N N 223 
ILE HA     H N N 224 
ILE HB     H N N 225 
ILE HG12   H N N 226 
ILE HG13   H N N 227 
ILE HG21   H N N 228 
ILE HG22   H N N 229 
ILE HG23   H N N 230 
ILE HD11   H N N 231 
ILE HD12   H N N 232 
ILE HD13   H N N 233 
ILE HXT    H N N 234 
LEU N      N N N 235 
LEU CA     C N S 236 
LEU C      C N N 237 
LEU O      O N N 238 
LEU CB     C N N 239 
LEU CG     C N N 240 
LEU CD1    C N N 241 
LEU CD2    C N N 242 
LEU OXT    O N N 243 
LEU H      H N N 244 
LEU H2     H N N 245 
LEU HA     H N N 246 
LEU HB2    H N N 247 
LEU HB3    H N N 248 
LEU HG     H N N 249 
LEU HD11   H N N 250 
LEU HD12   H N N 251 
LEU HD13   H N N 252 
LEU HD21   H N N 253 
LEU HD22   H N N 254 
LEU HD23   H N N 255 
LEU HXT    H N N 256 
LYS N      N N N 257 
LYS CA     C N S 258 
LYS C      C N N 259 
LYS O      O N N 260 
LYS CB     C N N 261 
LYS CG     C N N 262 
LYS CD     C N N 263 
LYS CE     C N N 264 
LYS NZ     N N N 265 
LYS OXT    O N N 266 
LYS H      H N N 267 
LYS H2     H N N 268 
LYS HA     H N N 269 
LYS HB2    H N N 270 
LYS HB3    H N N 271 
LYS HG2    H N N 272 
LYS HG3    H N N 273 
LYS HD2    H N N 274 
LYS HD3    H N N 275 
LYS HE2    H N N 276 
LYS HE3    H N N 277 
LYS HZ1    H N N 278 
LYS HZ2    H N N 279 
LYS HZ3    H N N 280 
LYS HXT    H N N 281 
MET N      N N N 282 
MET CA     C N S 283 
MET C      C N N 284 
MET O      O N N 285 
MET CB     C N N 286 
MET CG     C N N 287 
MET SD     S N N 288 
MET CE     C N N 289 
MET OXT    O N N 290 
MET H      H N N 291 
MET H2     H N N 292 
MET HA     H N N 293 
MET HB2    H N N 294 
MET HB3    H N N 295 
MET HG2    H N N 296 
MET HG3    H N N 297 
MET HE1    H N N 298 
MET HE2    H N N 299 
MET HE3    H N N 300 
MET HXT    H N N 301 
PHE N      N N N 302 
PHE CA     C N S 303 
PHE C      C N N 304 
PHE O      O N N 305 
PHE CB     C N N 306 
PHE CG     C Y N 307 
PHE CD1    C Y N 308 
PHE CD2    C Y N 309 
PHE CE1    C Y N 310 
PHE CE2    C Y N 311 
PHE CZ     C Y N 312 
PHE OXT    O N N 313 
PHE H      H N N 314 
PHE H2     H N N 315 
PHE HA     H N N 316 
PHE HB2    H N N 317 
PHE HB3    H N N 318 
PHE HD1    H N N 319 
PHE HD2    H N N 320 
PHE HE1    H N N 321 
PHE HE2    H N N 322 
PHE HZ     H N N 323 
PHE HXT    H N N 324 
PRO N      N N N 325 
PRO CA     C N S 326 
PRO C      C N N 327 
PRO O      O N N 328 
PRO CB     C N N 329 
PRO CG     C N N 330 
PRO CD     C N N 331 
PRO OXT    O N N 332 
PRO H      H N N 333 
PRO HA     H N N 334 
PRO HB2    H N N 335 
PRO HB3    H N N 336 
PRO HG2    H N N 337 
PRO HG3    H N N 338 
PRO HD2    H N N 339 
PRO HD3    H N N 340 
PRO HXT    H N N 341 
SER N      N N N 342 
SER CA     C N S 343 
SER C      C N N 344 
SER O      O N N 345 
SER CB     C N N 346 
SER OG     O N N 347 
SER OXT    O N N 348 
SER H      H N N 349 
SER H2     H N N 350 
SER HA     H N N 351 
SER HB2    H N N 352 
SER HB3    H N N 353 
SER HG     H N N 354 
SER HXT    H N N 355 
THR N      N N N 356 
THR CA     C N S 357 
THR C      C N N 358 
THR O      O N N 359 
THR CB     C N R 360 
THR OG1    O N N 361 
THR CG2    C N N 362 
THR OXT    O N N 363 
THR H      H N N 364 
THR H2     H N N 365 
THR HA     H N N 366 
THR HB     H N N 367 
THR HG1    H N N 368 
THR HG21   H N N 369 
THR HG22   H N N 370 
THR HG23   H N N 371 
THR HXT    H N N 372 
TRP N      N N N 373 
TRP CA     C N S 374 
TRP C      C N N 375 
TRP O      O N N 376 
TRP CB     C N N 377 
TRP CG     C Y N 378 
TRP CD1    C Y N 379 
TRP CD2    C Y N 380 
TRP NE1    N Y N 381 
TRP CE2    C Y N 382 
TRP CE3    C Y N 383 
TRP CZ2    C Y N 384 
TRP CZ3    C Y N 385 
TRP CH2    C Y N 386 
TRP OXT    O N N 387 
TRP H      H N N 388 
TRP H2     H N N 389 
TRP HA     H N N 390 
TRP HB2    H N N 391 
TRP HB3    H N N 392 
TRP HD1    H N N 393 
TRP HE1    H N N 394 
TRP HE3    H N N 395 
TRP HZ2    H N N 396 
TRP HZ3    H N N 397 
TRP HH2    H N N 398 
TRP HXT    H N N 399 
TYR N      N N N 400 
TYR CA     C N S 401 
TYR C      C N N 402 
TYR O      O N N 403 
TYR CB     C N N 404 
TYR CG     C Y N 405 
TYR CD1    C Y N 406 
TYR CD2    C Y N 407 
TYR CE1    C Y N 408 
TYR CE2    C Y N 409 
TYR CZ     C Y N 410 
TYR OH     O N N 411 
TYR OXT    O N N 412 
TYR H      H N N 413 
TYR H2     H N N 414 
TYR HA     H N N 415 
TYR HB2    H N N 416 
TYR HB3    H N N 417 
TYR HD1    H N N 418 
TYR HD2    H N N 419 
TYR HE1    H N N 420 
TYR HE2    H N N 421 
TYR HH     H N N 422 
TYR HXT    H N N 423 
VAL N      N N N 424 
VAL CA     C N S 425 
VAL C      C N N 426 
VAL O      O N N 427 
VAL CB     C N N 428 
VAL CG1    C N N 429 
VAL CG2    C N N 430 
VAL OXT    O N N 431 
VAL H      H N N 432 
VAL H2     H N N 433 
VAL HA     H N N 434 
VAL HB     H N N 435 
VAL HG11   H N N 436 
VAL HG12   H N N 437 
VAL HG13   H N N 438 
VAL HG21   H N N 439 
VAL HG22   H N N 440 
VAL HG23   H N N 441 
VAL HXT    H N N 442 
# 
loop_
_chem_comp_bond.comp_id 
_chem_comp_bond.atom_id_1 
_chem_comp_bond.atom_id_2 
_chem_comp_bond.value_order 
_chem_comp_bond.pdbx_aromatic_flag 
_chem_comp_bond.pdbx_stereo_config 
_chem_comp_bond.pdbx_ordinal 
ALA N     CA     sing N N 1   
ALA N     H      sing N N 2   
ALA N     H2     sing N N 3   
ALA CA    C      sing N N 4   
ALA CA    CB     sing N N 5   
ALA CA    HA     sing N N 6   
ALA C     O      doub N N 7   
ALA C     OXT    sing N N 8   
ALA CB    HB1    sing N N 9   
ALA CB    HB2    sing N N 10  
ALA CB    HB3    sing N N 11  
ALA OXT   HXT    sing N N 12  
ARG N     CA     sing N N 13  
ARG N     H      sing N N 14  
ARG N     H2     sing N N 15  
ARG CA    C      sing N N 16  
ARG CA    CB     sing N N 17  
ARG CA    HA     sing N N 18  
ARG C     O      doub N N 19  
ARG C     OXT    sing N N 20  
ARG CB    CG     sing N N 21  
ARG CB    HB2    sing N N 22  
ARG CB    HB3    sing N N 23  
ARG CG    CD     sing N N 24  
ARG CG    HG2    sing N N 25  
ARG CG    HG3    sing N N 26  
ARG CD    NE     sing N N 27  
ARG CD    HD2    sing N N 28  
ARG CD    HD3    sing N N 29  
ARG NE    CZ     sing N N 30  
ARG NE    HE     sing N N 31  
ARG CZ    NH1    sing N N 32  
ARG CZ    NH2    doub N N 33  
ARG NH1   HH11   sing N N 34  
ARG NH1   HH12   sing N N 35  
ARG NH2   HH21   sing N N 36  
ARG NH2   HH22   sing N N 37  
ARG OXT   HXT    sing N N 38  
ASN N     CA     sing N N 39  
ASN N     H      sing N N 40  
ASN N     H2     sing N N 41  
ASN CA    C      sing N N 42  
ASN CA    CB     sing N N 43  
ASN CA    HA     sing N N 44  
ASN C     O      doub N N 45  
ASN C     OXT    sing N N 46  
ASN CB    CG     sing N N 47  
ASN CB    HB2    sing N N 48  
ASN CB    HB3    sing N N 49  
ASN CG    OD1    doub N N 50  
ASN CG    ND2    sing N N 51  
ASN ND2   HD21   sing N N 52  
ASN ND2   HD22   sing N N 53  
ASN OXT   HXT    sing N N 54  
ASP N     CA     sing N N 55  
ASP N     H      sing N N 56  
ASP N     H2     sing N N 57  
ASP CA    C      sing N N 58  
ASP CA    CB     sing N N 59  
ASP CA    HA     sing N N 60  
ASP C     O      doub N N 61  
ASP C     OXT    sing N N 62  
ASP CB    CG     sing N N 63  
ASP CB    HB2    sing N N 64  
ASP CB    HB3    sing N N 65  
ASP CG    OD1    doub N N 66  
ASP CG    OD2    sing N N 67  
ASP OD2   HD2    sing N N 68  
ASP OXT   HXT    sing N N 69  
CYS N     CA     sing N N 70  
CYS N     H      sing N N 71  
CYS N     H2     sing N N 72  
CYS CA    C      sing N N 73  
CYS CA    CB     sing N N 74  
CYS CA    HA     sing N N 75  
CYS C     O      doub N N 76  
CYS C     OXT    sing N N 77  
CYS CB    SG     sing N N 78  
CYS CB    HB2    sing N N 79  
CYS CB    HB3    sing N N 80  
CYS SG    HG     sing N N 81  
CYS OXT   HXT    sing N N 82  
FMN N1    C2     sing N N 83  
FMN N1    C10    doub N N 84  
FMN C2    O2     doub N N 85  
FMN C2    N3     sing N N 86  
FMN N3    C4     sing N N 87  
FMN N3    HN3    sing N N 88  
FMN C4    O4     doub N N 89  
FMN C4    C4A    sing N N 90  
FMN C4A   N5     doub N N 91  
FMN C4A   C10    sing N N 92  
FMN N5    C5A    sing N N 93  
FMN C5A   C6     doub Y N 94  
FMN C5A   C9A    sing Y N 95  
FMN C6    C7     sing Y N 96  
FMN C6    H6     sing N N 97  
FMN C7    C7M    sing N N 98  
FMN C7    C8     doub Y N 99  
FMN C7M   HM71   sing N N 100 
FMN C7M   HM72   sing N N 101 
FMN C7M   HM73   sing N N 102 
FMN C8    C8M    sing N N 103 
FMN C8    C9     sing Y N 104 
FMN C8M   HM81   sing N N 105 
FMN C8M   HM82   sing N N 106 
FMN C8M   HM83   sing N N 107 
FMN C9    C9A    doub Y N 108 
FMN C9    H9     sing N N 109 
FMN C9A   N10    sing N N 110 
FMN N10   C10    sing N N 111 
FMN N10   "C1'"  sing N N 112 
FMN "C1'" "C2'"  sing N N 113 
FMN "C1'" "H1'1" sing N N 114 
FMN "C1'" "H1'2" sing N N 115 
FMN "C2'" "O2'"  sing N N 116 
FMN "C2'" "C3'"  sing N N 117 
FMN "C2'" "H2'"  sing N N 118 
FMN "O2'" "HO2'" sing N N 119 
FMN "C3'" "O3'"  sing N N 120 
FMN "C3'" "C4'"  sing N N 121 
FMN "C3'" "H3'"  sing N N 122 
FMN "O3'" "HO3'" sing N N 123 
FMN "C4'" "O4'"  sing N N 124 
FMN "C4'" "C5'"  sing N N 125 
FMN "C4'" "H4'"  sing N N 126 
FMN "O4'" "HO4'" sing N N 127 
FMN "C5'" "O5'"  sing N N 128 
FMN "C5'" "H5'1" sing N N 129 
FMN "C5'" "H5'2" sing N N 130 
FMN "O5'" P      sing N N 131 
FMN P     O1P    doub N N 132 
FMN P     O2P    sing N N 133 
FMN P     O3P    sing N N 134 
FMN O2P   HOP2   sing N N 135 
FMN O3P   HOP3   sing N N 136 
GLN N     CA     sing N N 137 
GLN N     H      sing N N 138 
GLN N     H2     sing N N 139 
GLN CA    C      sing N N 140 
GLN CA    CB     sing N N 141 
GLN CA    HA     sing N N 142 
GLN C     O      doub N N 143 
GLN C     OXT    sing N N 144 
GLN CB    CG     sing N N 145 
GLN CB    HB2    sing N N 146 
GLN CB    HB3    sing N N 147 
GLN CG    CD     sing N N 148 
GLN CG    HG2    sing N N 149 
GLN CG    HG3    sing N N 150 
GLN CD    OE1    doub N N 151 
GLN CD    NE2    sing N N 152 
GLN NE2   HE21   sing N N 153 
GLN NE2   HE22   sing N N 154 
GLN OXT   HXT    sing N N 155 
GLU N     CA     sing N N 156 
GLU N     H      sing N N 157 
GLU N     H2     sing N N 158 
GLU CA    C      sing N N 159 
GLU CA    CB     sing N N 160 
GLU CA    HA     sing N N 161 
GLU C     O      doub N N 162 
GLU C     OXT    sing N N 163 
GLU CB    CG     sing N N 164 
GLU CB    HB2    sing N N 165 
GLU CB    HB3    sing N N 166 
GLU CG    CD     sing N N 167 
GLU CG    HG2    sing N N 168 
GLU CG    HG3    sing N N 169 
GLU CD    OE1    doub N N 170 
GLU CD    OE2    sing N N 171 
GLU OE2   HE2    sing N N 172 
GLU OXT   HXT    sing N N 173 
GLY N     CA     sing N N 174 
GLY N     H      sing N N 175 
GLY N     H2     sing N N 176 
GLY CA    C      sing N N 177 
GLY CA    HA2    sing N N 178 
GLY CA    HA3    sing N N 179 
GLY C     O      doub N N 180 
GLY C     OXT    sing N N 181 
GLY OXT   HXT    sing N N 182 
HIS N     CA     sing N N 183 
HIS N     H      sing N N 184 
HIS N     H2     sing N N 185 
HIS CA    C      sing N N 186 
HIS CA    CB     sing N N 187 
HIS CA    HA     sing N N 188 
HIS C     O      doub N N 189 
HIS C     OXT    sing N N 190 
HIS CB    CG     sing N N 191 
HIS CB    HB2    sing N N 192 
HIS CB    HB3    sing N N 193 
HIS CG    ND1    sing Y N 194 
HIS CG    CD2    doub Y N 195 
HIS ND1   CE1    doub Y N 196 
HIS ND1   HD1    sing N N 197 
HIS CD2   NE2    sing Y N 198 
HIS CD2   HD2    sing N N 199 
HIS CE1   NE2    sing Y N 200 
HIS CE1   HE1    sing N N 201 
HIS NE2   HE2    sing N N 202 
HIS OXT   HXT    sing N N 203 
HOH O     H1     sing N N 204 
HOH O     H2     sing N N 205 
ILE N     CA     sing N N 206 
ILE N     H      sing N N 207 
ILE N     H2     sing N N 208 
ILE CA    C      sing N N 209 
ILE CA    CB     sing N N 210 
ILE CA    HA     sing N N 211 
ILE C     O      doub N N 212 
ILE C     OXT    sing N N 213 
ILE CB    CG1    sing N N 214 
ILE CB    CG2    sing N N 215 
ILE CB    HB     sing N N 216 
ILE CG1   CD1    sing N N 217 
ILE CG1   HG12   sing N N 218 
ILE CG1   HG13   sing N N 219 
ILE CG2   HG21   sing N N 220 
ILE CG2   HG22   sing N N 221 
ILE CG2   HG23   sing N N 222 
ILE CD1   HD11   sing N N 223 
ILE CD1   HD12   sing N N 224 
ILE CD1   HD13   sing N N 225 
ILE OXT   HXT    sing N N 226 
LEU N     CA     sing N N 227 
LEU N     H      sing N N 228 
LEU N     H2     sing N N 229 
LEU CA    C      sing N N 230 
LEU CA    CB     sing N N 231 
LEU CA    HA     sing N N 232 
LEU C     O      doub N N 233 
LEU C     OXT    sing N N 234 
LEU CB    CG     sing N N 235 
LEU CB    HB2    sing N N 236 
LEU CB    HB3    sing N N 237 
LEU CG    CD1    sing N N 238 
LEU CG    CD2    sing N N 239 
LEU CG    HG     sing N N 240 
LEU CD1   HD11   sing N N 241 
LEU CD1   HD12   sing N N 242 
LEU CD1   HD13   sing N N 243 
LEU CD2   HD21   sing N N 244 
LEU CD2   HD22   sing N N 245 
LEU CD2   HD23   sing N N 246 
LEU OXT   HXT    sing N N 247 
LYS N     CA     sing N N 248 
LYS N     H      sing N N 249 
LYS N     H2     sing N N 250 
LYS CA    C      sing N N 251 
LYS CA    CB     sing N N 252 
LYS CA    HA     sing N N 253 
LYS C     O      doub N N 254 
LYS C     OXT    sing N N 255 
LYS CB    CG     sing N N 256 
LYS CB    HB2    sing N N 257 
LYS CB    HB3    sing N N 258 
LYS CG    CD     sing N N 259 
LYS CG    HG2    sing N N 260 
LYS CG    HG3    sing N N 261 
LYS CD    CE     sing N N 262 
LYS CD    HD2    sing N N 263 
LYS CD    HD3    sing N N 264 
LYS CE    NZ     sing N N 265 
LYS CE    HE2    sing N N 266 
LYS CE    HE3    sing N N 267 
LYS NZ    HZ1    sing N N 268 
LYS NZ    HZ2    sing N N 269 
LYS NZ    HZ3    sing N N 270 
LYS OXT   HXT    sing N N 271 
MET N     CA     sing N N 272 
MET N     H      sing N N 273 
MET N     H2     sing N N 274 
MET CA    C      sing N N 275 
MET CA    CB     sing N N 276 
MET CA    HA     sing N N 277 
MET C     O      doub N N 278 
MET C     OXT    sing N N 279 
MET CB    CG     sing N N 280 
MET CB    HB2    sing N N 281 
MET CB    HB3    sing N N 282 
MET CG    SD     sing N N 283 
MET CG    HG2    sing N N 284 
MET CG    HG3    sing N N 285 
MET SD    CE     sing N N 286 
MET CE    HE1    sing N N 287 
MET CE    HE2    sing N N 288 
MET CE    HE3    sing N N 289 
MET OXT   HXT    sing N N 290 
PHE N     CA     sing N N 291 
PHE N     H      sing N N 292 
PHE N     H2     sing N N 293 
PHE CA    C      sing N N 294 
PHE CA    CB     sing N N 295 
PHE CA    HA     sing N N 296 
PHE C     O      doub N N 297 
PHE C     OXT    sing N N 298 
PHE CB    CG     sing N N 299 
PHE CB    HB2    sing N N 300 
PHE CB    HB3    sing N N 301 
PHE CG    CD1    doub Y N 302 
PHE CG    CD2    sing Y N 303 
PHE CD1   CE1    sing Y N 304 
PHE CD1   HD1    sing N N 305 
PHE CD2   CE2    doub Y N 306 
PHE CD2   HD2    sing N N 307 
PHE CE1   CZ     doub Y N 308 
PHE CE1   HE1    sing N N 309 
PHE CE2   CZ     sing Y N 310 
PHE CE2   HE2    sing N N 311 
PHE CZ    HZ     sing N N 312 
PHE OXT   HXT    sing N N 313 
PRO N     CA     sing N N 314 
PRO N     CD     sing N N 315 
PRO N     H      sing N N 316 
PRO CA    C      sing N N 317 
PRO CA    CB     sing N N 318 
PRO CA    HA     sing N N 319 
PRO C     O      doub N N 320 
PRO C     OXT    sing N N 321 
PRO CB    CG     sing N N 322 
PRO CB    HB2    sing N N 323 
PRO CB    HB3    sing N N 324 
PRO CG    CD     sing N N 325 
PRO CG    HG2    sing N N 326 
PRO CG    HG3    sing N N 327 
PRO CD    HD2    sing N N 328 
PRO CD    HD3    sing N N 329 
PRO OXT   HXT    sing N N 330 
SER N     CA     sing N N 331 
SER N     H      sing N N 332 
SER N     H2     sing N N 333 
SER CA    C      sing N N 334 
SER CA    CB     sing N N 335 
SER CA    HA     sing N N 336 
SER C     O      doub N N 337 
SER C     OXT    sing N N 338 
SER CB    OG     sing N N 339 
SER CB    HB2    sing N N 340 
SER CB    HB3    sing N N 341 
SER OG    HG     sing N N 342 
SER OXT   HXT    sing N N 343 
THR N     CA     sing N N 344 
THR N     H      sing N N 345 
THR N     H2     sing N N 346 
THR CA    C      sing N N 347 
THR CA    CB     sing N N 348 
THR CA    HA     sing N N 349 
THR C     O      doub N N 350 
THR C     OXT    sing N N 351 
THR CB    OG1    sing N N 352 
THR CB    CG2    sing N N 353 
THR CB    HB     sing N N 354 
THR OG1   HG1    sing N N 355 
THR CG2   HG21   sing N N 356 
THR CG2   HG22   sing N N 357 
THR CG2   HG23   sing N N 358 
THR OXT   HXT    sing N N 359 
TRP N     CA     sing N N 360 
TRP N     H      sing N N 361 
TRP N     H2     sing N N 362 
TRP CA    C      sing N N 363 
TRP CA    CB     sing N N 364 
TRP CA    HA     sing N N 365 
TRP C     O      doub N N 366 
TRP C     OXT    sing N N 367 
TRP CB    CG     sing N N 368 
TRP CB    HB2    sing N N 369 
TRP CB    HB3    sing N N 370 
TRP CG    CD1    doub Y N 371 
TRP CG    CD2    sing Y N 372 
TRP CD1   NE1    sing Y N 373 
TRP CD1   HD1    sing N N 374 
TRP CD2   CE2    doub Y N 375 
TRP CD2   CE3    sing Y N 376 
TRP NE1   CE2    sing Y N 377 
TRP NE1   HE1    sing N N 378 
TRP CE2   CZ2    sing Y N 379 
TRP CE3   CZ3    doub Y N 380 
TRP CE3   HE3    sing N N 381 
TRP CZ2   CH2    doub Y N 382 
TRP CZ2   HZ2    sing N N 383 
TRP CZ3   CH2    sing Y N 384 
TRP CZ3   HZ3    sing N N 385 
TRP CH2   HH2    sing N N 386 
TRP OXT   HXT    sing N N 387 
TYR N     CA     sing N N 388 
TYR N     H      sing N N 389 
TYR N     H2     sing N N 390 
TYR CA    C      sing N N 391 
TYR CA    CB     sing N N 392 
TYR CA    HA     sing N N 393 
TYR C     O      doub N N 394 
TYR C     OXT    sing N N 395 
TYR CB    CG     sing N N 396 
TYR CB    HB2    sing N N 397 
TYR CB    HB3    sing N N 398 
TYR CG    CD1    doub Y N 399 
TYR CG    CD2    sing Y N 400 
TYR CD1   CE1    sing Y N 401 
TYR CD1   HD1    sing N N 402 
TYR CD2   CE2    doub Y N 403 
TYR CD2   HD2    sing N N 404 
TYR CE1   CZ     doub Y N 405 
TYR CE1   HE1    sing N N 406 
TYR CE2   CZ     sing Y N 407 
TYR CE2   HE2    sing N N 408 
TYR CZ    OH     sing N N 409 
TYR OH    HH     sing N N 410 
TYR OXT   HXT    sing N N 411 
VAL N     CA     sing N N 412 
VAL N     H      sing N N 413 
VAL N     H2     sing N N 414 
VAL CA    C      sing N N 415 
VAL CA    CB     sing N N 416 
VAL CA    HA     sing N N 417 
VAL C     O      doub N N 418 
VAL C     OXT    sing N N 419 
VAL CB    CG1    sing N N 420 
VAL CB    CG2    sing N N 421 
VAL CB    HB     sing N N 422 
VAL CG1   HG11   sing N N 423 
VAL CG1   HG12   sing N N 424 
VAL CG1   HG13   sing N N 425 
VAL CG2   HG21   sing N N 426 
VAL CG2   HG22   sing N N 427 
VAL CG2   HG23   sing N N 428 
VAL OXT   HXT    sing N N 429 
# 
loop_
_pdbx_entity_nonpoly.entity_id 
_pdbx_entity_nonpoly.name 
_pdbx_entity_nonpoly.comp_id 
2 'FLAVIN MONONUCLEOTIDE' FMN 
3 water                   HOH 
# 
_pdbx_initial_refinement_model.id               1 
_pdbx_initial_refinement_model.entity_id_list   ? 
_pdbx_initial_refinement_model.type             'experimental model' 
_pdbx_initial_refinement_model.source_name      PDB 
_pdbx_initial_refinement_model.accession_code   1QR2 
_pdbx_initial_refinement_model.details          ? 
# 
